data_8AEH
# 
_entry.id   8AEH 
# 
_audit_conform.dict_name       mmcif_pdbx.dic 
_audit_conform.dict_version    5.399 
_audit_conform.dict_location   http://mmcif.pdb.org/dictionaries/ascii/mmcif_pdbx.dic 
# 
loop_
_database_2.database_id 
_database_2.database_code 
_database_2.pdbx_database_accession 
_database_2.pdbx_DOI 
PDB   8AEH         pdb_00008aeh 10.2210/pdb8aeh/pdb 
WWPDB D_1292124176 ?            ?                   
# 
loop_
_pdbx_audit_revision_history.ordinal 
_pdbx_audit_revision_history.data_content_type 
_pdbx_audit_revision_history.major_revision 
_pdbx_audit_revision_history.minor_revision 
_pdbx_audit_revision_history.revision_date 
1 'Structure model' 1 0 2023-08-16 
2 'Structure model' 1 1 2024-11-20 
# 
_pdbx_audit_revision_details.ordinal             1 
_pdbx_audit_revision_details.revision_ordinal    1 
_pdbx_audit_revision_details.data_content_type   'Structure model' 
_pdbx_audit_revision_details.provider            repository 
_pdbx_audit_revision_details.type                'Initial release' 
_pdbx_audit_revision_details.description         ? 
_pdbx_audit_revision_details.details             ? 
# 
_pdbx_audit_revision_group.ordinal             1 
_pdbx_audit_revision_group.revision_ordinal    2 
_pdbx_audit_revision_group.data_content_type   'Structure model' 
_pdbx_audit_revision_group.group               'Structure summary' 
# 
loop_
_pdbx_audit_revision_category.ordinal 
_pdbx_audit_revision_category.revision_ordinal 
_pdbx_audit_revision_category.data_content_type 
_pdbx_audit_revision_category.category 
1 2 'Structure model' pdbx_entry_details        
2 2 'Structure model' pdbx_modification_feature 
# 
_pdbx_audit_revision_item.ordinal             1 
_pdbx_audit_revision_item.revision_ordinal    2 
_pdbx_audit_revision_item.data_content_type   'Structure model' 
_pdbx_audit_revision_item.item                '_pdbx_entry_details.has_protein_modification' 
# 
_pdbx_database_status.status_code                     REL 
_pdbx_database_status.status_code_sf                  REL 
_pdbx_database_status.status_code_mr                  ? 
_pdbx_database_status.entry_id                        8AEH 
_pdbx_database_status.recvd_initial_deposition_date   2022-07-13 
_pdbx_database_status.SG_entry                        N 
_pdbx_database_status.deposit_site                    PDBE 
_pdbx_database_status.process_site                    PDBE 
_pdbx_database_status.status_code_cs                  ? 
_pdbx_database_status.status_code_nmr_data            ? 
_pdbx_database_status.methods_development_category    ? 
_pdbx_database_status.pdb_format_compatible           N 
# 
_pdbx_contact_author.id                 2 
_pdbx_contact_author.email              loic.briand@inrae.fr 
_pdbx_contact_author.name_first         Loic 
_pdbx_contact_author.name_last          Briand 
_pdbx_contact_author.name_mi            ? 
_pdbx_contact_author.role               'principal investigator/group leader' 
_pdbx_contact_author.identifier_ORCID   0000-0002-8175-5936 
# 
loop_
_audit_author.name 
_audit_author.pdbx_ordinal 
_audit_author.identifier_ORCID 
'Schwartz, M.' 1 ? 
'Briand, L.'   2 ? 
# 
_citation.abstract                  ? 
_citation.abstract_id_CAS           ? 
_citation.book_id_ISBN              ? 
_citation.book_publisher            ? 
_citation.book_publisher_city       ? 
_citation.book_title                ? 
_citation.coordinate_linkage        ? 
_citation.country                   ? 
_citation.database_id_Medline       ? 
_citation.details                   ? 
_citation.id                        primary 
_citation.journal_abbrev            'To Be Published' 
_citation.journal_id_ASTM           ? 
_citation.journal_id_CSD            0353 
_citation.journal_id_ISSN           ? 
_citation.journal_full              ? 
_citation.journal_issue             ? 
_citation.journal_volume            ? 
_citation.language                  ? 
_citation.page_first                ? 
_citation.page_last                 ? 
_citation.title                     'Structure of dog odorant binding protein' 
_citation.year                      ? 
_citation.database_id_CSD           ? 
_citation.pdbx_database_id_DOI      ? 
_citation.pdbx_database_id_PubMed   ? 
_citation.pdbx_database_id_patent   ? 
_citation.unpublished_flag          ? 
# 
loop_
_citation_author.citation_id 
_citation_author.name 
_citation_author.ordinal 
_citation_author.identifier_ORCID 
primary 'Glaz, M.'     1 ? 
primary 'Schwartz, M.' 2 ? 
primary 'Briand, L.'   3 ? 
# 
loop_
_entity.id 
_entity.type 
_entity.src_method 
_entity.pdbx_description 
_entity.formula_weight 
_entity.pdbx_number_of_molecules 
_entity.pdbx_ec 
_entity.pdbx_mutation 
_entity.pdbx_fragment 
_entity.details 
1 polymer     man 'Major allergen Can f 1' 18915.330 1 ? ? ? ? 
2 non-polymer syn 'CALCIUM ION'            40.078    1 ? ? ? ? 
# 
_entity_name_com.entity_id   1 
_entity_name_com.name        'Allergen Dog 1' 
# 
_entity_poly.entity_id                      1 
_entity_poly.type                           'polypeptide(L)' 
_entity_poly.nstd_linkage                   no 
_entity_poly.nstd_monomer                   no 
_entity_poly.pdbx_seq_one_letter_code       
;MRGSHHHHHHTDPQDTPALGKDTVAVSGKWYLKAMTADQEVPEKPDSVTPMILKAQKGGNLEAKITMLTNGQCQNITVVL
HKTSEPGKYTAYEGQRVVFIQPSPVRDHYILYCEGELHGRQIRMAKLLGRDPEQSQEALEDFREFSRAKGLNQEILELAQ
SETCSPGGQ
;
_entity_poly.pdbx_seq_one_letter_code_can   
;MRGSHHHHHHTDPQDTPALGKDTVAVSGKWYLKAMTADQEVPEKPDSVTPMILKAQKGGNLEAKITMLTNGQCQNITVVL
HKTSEPGKYTAYEGQRVVFIQPSPVRDHYILYCEGELHGRQIRMAKLLGRDPEQSQEALEDFREFSRAKGLNQEILELAQ
SETCSPGGQ
;
_entity_poly.pdbx_strand_id                 AA1 
_entity_poly.pdbx_target_identifier         ? 
# 
_pdbx_entity_nonpoly.entity_id   2 
_pdbx_entity_nonpoly.name        'CALCIUM ION' 
_pdbx_entity_nonpoly.comp_id     CA 
# 
loop_
_entity_poly_seq.entity_id 
_entity_poly_seq.num 
_entity_poly_seq.mon_id 
_entity_poly_seq.hetero 
1 1   MET n 
1 2   ARG n 
1 3   GLY n 
1 4   SER n 
1 5   HIS n 
1 6   HIS n 
1 7   HIS n 
1 8   HIS n 
1 9   HIS n 
1 10  HIS n 
1 11  THR n 
1 12  ASP n 
1 13  PRO n 
1 14  GLN n 
1 15  ASP n 
1 16  THR n 
1 17  PRO n 
1 18  ALA n 
1 19  LEU n 
1 20  GLY n 
1 21  LYS n 
1 22  ASP n 
1 23  THR n 
1 24  VAL n 
1 25  ALA n 
1 26  VAL n 
1 27  SER n 
1 28  GLY n 
1 29  LYS n 
1 30  TRP n 
1 31  TYR n 
1 32  LEU n 
1 33  LYS n 
1 34  ALA n 
1 35  MET n 
1 36  THR n 
1 37  ALA n 
1 38  ASP n 
1 39  GLN n 
1 40  GLU n 
1 41  VAL n 
1 42  PRO n 
1 43  GLU n 
1 44  LYS n 
1 45  PRO n 
1 46  ASP n 
1 47  SER n 
1 48  VAL n 
1 49  THR n 
1 50  PRO n 
1 51  MET n 
1 52  ILE n 
1 53  LEU n 
1 54  LYS n 
1 55  ALA n 
1 56  GLN n 
1 57  LYS n 
1 58  GLY n 
1 59  GLY n 
1 60  ASN n 
1 61  LEU n 
1 62  GLU n 
1 63  ALA n 
1 64  LYS n 
1 65  ILE n 
1 66  THR n 
1 67  MET n 
1 68  LEU n 
1 69  THR n 
1 70  ASN n 
1 71  GLY n 
1 72  GLN n 
1 73  CYS n 
1 74  GLN n 
1 75  ASN n 
1 76  ILE n 
1 77  THR n 
1 78  VAL n 
1 79  VAL n 
1 80  LEU n 
1 81  HIS n 
1 82  LYS n 
1 83  THR n 
1 84  SER n 
1 85  GLU n 
1 86  PRO n 
1 87  GLY n 
1 88  LYS n 
1 89  TYR n 
1 90  THR n 
1 91  ALA n 
1 92  TYR n 
1 93  GLU n 
1 94  GLY n 
1 95  GLN n 
1 96  ARG n 
1 97  VAL n 
1 98  VAL n 
1 99  PHE n 
1 100 ILE n 
1 101 GLN n 
1 102 PRO n 
1 103 SER n 
1 104 PRO n 
1 105 VAL n 
1 106 ARG n 
1 107 ASP n 
1 108 HIS n 
1 109 TYR n 
1 110 ILE n 
1 111 LEU n 
1 112 TYR n 
1 113 CYS n 
1 114 GLU n 
1 115 GLY n 
1 116 GLU n 
1 117 LEU n 
1 118 HIS n 
1 119 GLY n 
1 120 ARG n 
1 121 GLN n 
1 122 ILE n 
1 123 ARG n 
1 124 MET n 
1 125 ALA n 
1 126 LYS n 
1 127 LEU n 
1 128 LEU n 
1 129 GLY n 
1 130 ARG n 
1 131 ASP n 
1 132 PRO n 
1 133 GLU n 
1 134 GLN n 
1 135 SER n 
1 136 GLN n 
1 137 GLU n 
1 138 ALA n 
1 139 LEU n 
1 140 GLU n 
1 141 ASP n 
1 142 PHE n 
1 143 ARG n 
1 144 GLU n 
1 145 PHE n 
1 146 SER n 
1 147 ARG n 
1 148 ALA n 
1 149 LYS n 
1 150 GLY n 
1 151 LEU n 
1 152 ASN n 
1 153 GLN n 
1 154 GLU n 
1 155 ILE n 
1 156 LEU n 
1 157 GLU n 
1 158 LEU n 
1 159 ALA n 
1 160 GLN n 
1 161 SER n 
1 162 GLU n 
1 163 THR n 
1 164 CYS n 
1 165 SER n 
1 166 PRO n 
1 167 GLY n 
1 168 GLY n 
1 169 GLN n 
# 
_entity_src_gen.entity_id                          1 
_entity_src_gen.pdbx_src_id                        1 
_entity_src_gen.pdbx_alt_source_flag               sample 
_entity_src_gen.pdbx_seq_type                      'Biological sequence' 
_entity_src_gen.pdbx_beg_seq_num                   1 
_entity_src_gen.pdbx_end_seq_num                   169 
_entity_src_gen.gene_src_common_name               dog 
_entity_src_gen.gene_src_genus                     ? 
_entity_src_gen.pdbx_gene_src_gene                 ? 
_entity_src_gen.gene_src_species                   ? 
_entity_src_gen.gene_src_strain                    ? 
_entity_src_gen.gene_src_tissue                    ? 
_entity_src_gen.gene_src_tissue_fraction           ? 
_entity_src_gen.gene_src_details                   ? 
_entity_src_gen.pdbx_gene_src_fragment             ? 
_entity_src_gen.pdbx_gene_src_scientific_name      'Canis lupus familiaris' 
_entity_src_gen.pdbx_gene_src_ncbi_taxonomy_id     9615 
_entity_src_gen.pdbx_gene_src_variant              ? 
_entity_src_gen.pdbx_gene_src_cell_line            ? 
_entity_src_gen.pdbx_gene_src_atcc                 ? 
_entity_src_gen.pdbx_gene_src_organ                ? 
_entity_src_gen.pdbx_gene_src_organelle            ? 
_entity_src_gen.pdbx_gene_src_cell                 ? 
_entity_src_gen.pdbx_gene_src_cellular_location    ? 
_entity_src_gen.host_org_common_name               ? 
_entity_src_gen.pdbx_host_org_scientific_name      'Escherichia coli' 
_entity_src_gen.pdbx_host_org_ncbi_taxonomy_id     562 
_entity_src_gen.host_org_genus                     ? 
_entity_src_gen.pdbx_host_org_gene                 ? 
_entity_src_gen.pdbx_host_org_organ                ? 
_entity_src_gen.host_org_species                   ? 
_entity_src_gen.pdbx_host_org_tissue               ? 
_entity_src_gen.pdbx_host_org_tissue_fraction      ? 
_entity_src_gen.pdbx_host_org_strain               ? 
_entity_src_gen.pdbx_host_org_variant              ? 
_entity_src_gen.pdbx_host_org_cell_line            ? 
_entity_src_gen.pdbx_host_org_atcc                 ? 
_entity_src_gen.pdbx_host_org_culture_collection   ? 
_entity_src_gen.pdbx_host_org_cell                 ? 
_entity_src_gen.pdbx_host_org_organelle            ? 
_entity_src_gen.pdbx_host_org_cellular_location    ? 
_entity_src_gen.pdbx_host_org_vector_type          ? 
_entity_src_gen.pdbx_host_org_vector               ? 
_entity_src_gen.host_org_details                   ? 
_entity_src_gen.expression_system_id               ? 
_entity_src_gen.plasmid_name                       ? 
_entity_src_gen.plasmid_details                    ? 
_entity_src_gen.pdbx_description                   ? 
# 
loop_
_chem_comp.id 
_chem_comp.type 
_chem_comp.mon_nstd_flag 
_chem_comp.name 
_chem_comp.pdbx_synonyms 
_chem_comp.formula 
_chem_comp.formula_weight 
ALA 'L-peptide linking' y ALANINE         ? 'C3 H7 N O2'     89.093  
ARG 'L-peptide linking' y ARGININE        ? 'C6 H15 N4 O2 1' 175.209 
ASN 'L-peptide linking' y ASPARAGINE      ? 'C4 H8 N2 O3'    132.118 
ASP 'L-peptide linking' y 'ASPARTIC ACID' ? 'C4 H7 N O4'     133.103 
CA  non-polymer         . 'CALCIUM ION'   ? 'Ca 2'           40.078  
CYS 'L-peptide linking' y CYSTEINE        ? 'C3 H7 N O2 S'   121.158 
GLN 'L-peptide linking' y GLUTAMINE       ? 'C5 H10 N2 O3'   146.144 
GLU 'L-peptide linking' y 'GLUTAMIC ACID' ? 'C5 H9 N O4'     147.129 
GLY 'peptide linking'   y GLYCINE         ? 'C2 H5 N O2'     75.067  
HIS 'L-peptide linking' y HISTIDINE       ? 'C6 H10 N3 O2 1' 156.162 
ILE 'L-peptide linking' y ISOLEUCINE      ? 'C6 H13 N O2'    131.173 
LEU 'L-peptide linking' y LEUCINE         ? 'C6 H13 N O2'    131.173 
LYS 'L-peptide linking' y LYSINE          ? 'C6 H15 N2 O2 1' 147.195 
MET 'L-peptide linking' y METHIONINE      ? 'C5 H11 N O2 S'  149.211 
PHE 'L-peptide linking' y PHENYLALANINE   ? 'C9 H11 N O2'    165.189 
PRO 'L-peptide linking' y PROLINE         ? 'C5 H9 N O2'     115.130 
SER 'L-peptide linking' y SERINE          ? 'C3 H7 N O3'     105.093 
THR 'L-peptide linking' y THREONINE       ? 'C4 H9 N O3'     119.119 
TRP 'L-peptide linking' y TRYPTOPHAN      ? 'C11 H12 N2 O2'  204.225 
TYR 'L-peptide linking' y TYROSINE        ? 'C9 H11 N O3'    181.189 
VAL 'L-peptide linking' y VALINE          ? 'C5 H11 N O2'    117.146 
# 
loop_
_pdbx_poly_seq_scheme.asym_id 
_pdbx_poly_seq_scheme.entity_id 
_pdbx_poly_seq_scheme.seq_id 
_pdbx_poly_seq_scheme.mon_id 
_pdbx_poly_seq_scheme.ndb_seq_num 
_pdbx_poly_seq_scheme.pdb_seq_num 
_pdbx_poly_seq_scheme.auth_seq_num 
_pdbx_poly_seq_scheme.pdb_mon_id 
_pdbx_poly_seq_scheme.auth_mon_id 
_pdbx_poly_seq_scheme.pdb_strand_id 
_pdbx_poly_seq_scheme.pdb_ins_code 
_pdbx_poly_seq_scheme.hetero 
A 1 1   MET 1   6   ?   ?   ?   AA1 . n 
A 1 2   ARG 2   7   ?   ?   ?   AA1 . n 
A 1 3   GLY 3   8   ?   ?   ?   AA1 . n 
A 1 4   SER 4   9   ?   ?   ?   AA1 . n 
A 1 5   HIS 5   10  ?   ?   ?   AA1 . n 
A 1 6   HIS 6   11  ?   ?   ?   AA1 . n 
A 1 7   HIS 7   12  ?   ?   ?   AA1 . n 
A 1 8   HIS 8   13  ?   ?   ?   AA1 . n 
A 1 9   HIS 9   14  ?   ?   ?   AA1 . n 
A 1 10  HIS 10  15  ?   ?   ?   AA1 . n 
A 1 11  THR 11  16  ?   ?   ?   AA1 . n 
A 1 12  ASP 12  17  ?   ?   ?   AA1 . n 
A 1 13  PRO 13  18  ?   ?   ?   AA1 . n 
A 1 14  GLN 14  19  ?   ?   ?   AA1 . n 
A 1 15  ASP 15  20  ?   ?   ?   AA1 . n 
A 1 16  THR 16  21  ?   ?   ?   AA1 . n 
A 1 17  PRO 17  22  ?   ?   ?   AA1 . n 
A 1 18  ALA 18  23  ?   ?   ?   AA1 . n 
A 1 19  LEU 19  24  ?   ?   ?   AA1 . n 
A 1 20  GLY 20  25  ?   ?   ?   AA1 . n 
A 1 21  LYS 21  26  ?   ?   ?   AA1 . n 
A 1 22  ASP 22  27  ?   ?   ?   AA1 . n 
A 1 23  THR 23  28  ?   ?   ?   AA1 . n 
A 1 24  VAL 24  29  ?   ?   ?   AA1 . n 
A 1 25  ALA 25  30  ?   ?   ?   AA1 . n 
A 1 26  VAL 26  31  31  VAL VAL AA1 . n 
A 1 27  SER 27  32  32  SER SER AA1 . n 
A 1 28  GLY 28  33  33  GLY GLY AA1 . n 
A 1 29  LYS 29  34  34  LYS LYS AA1 . n 
A 1 30  TRP 30  35  35  TRP TRP AA1 . n 
A 1 31  TYR 31  36  36  TYR TYR AA1 . n 
A 1 32  LEU 32  37  37  LEU LEU AA1 . n 
A 1 33  LYS 33  38  38  LYS LYS AA1 . n 
A 1 34  ALA 34  39  39  ALA ALA AA1 . n 
A 1 35  MET 35  40  40  MET MET AA1 . n 
A 1 36  THR 36  41  41  THR THR AA1 . n 
A 1 37  ALA 37  42  ?   ?   ?   AA1 . n 
A 1 38  ASP 38  43  ?   ?   ?   AA1 . n 
A 1 39  GLN 39  44  ?   ?   ?   AA1 . n 
A 1 40  GLU 40  45  ?   ?   ?   AA1 . n 
A 1 41  VAL 41  46  ?   ?   ?   AA1 . n 
A 1 42  PRO 42  47  ?   ?   ?   AA1 . n 
A 1 43  GLU 43  48  ?   ?   ?   AA1 . n 
A 1 44  LYS 44  49  49  LYS LYS AA1 . n 
A 1 45  PRO 45  50  50  PRO PRO AA1 . n 
A 1 46  ASP 46  51  51  ASP ASP AA1 . n 
A 1 47  SER 47  52  52  SER SER AA1 . n 
A 1 48  VAL 48  53  53  VAL VAL AA1 . n 
A 1 49  THR 49  54  54  THR THR AA1 . n 
A 1 50  PRO 50  55  55  PRO PRO AA1 . n 
A 1 51  MET 51  56  56  MET MET AA1 . n 
A 1 52  ILE 52  57  57  ILE ILE AA1 . n 
A 1 53  LEU 53  58  58  LEU LEU AA1 . n 
A 1 54  LYS 54  59  59  LYS LYS AA1 . n 
A 1 55  ALA 55  60  60  ALA ALA AA1 . n 
A 1 56  GLN 56  61  ?   ?   ?   AA1 . n 
A 1 57  LYS 57  62  ?   ?   ?   AA1 . n 
A 1 58  GLY 58  63  ?   ?   ?   AA1 . n 
A 1 59  GLY 59  64  ?   ?   ?   AA1 . n 
A 1 60  ASN 60  65  65  ASN ASN AA1 . n 
A 1 61  LEU 61  66  66  LEU LEU AA1 . n 
A 1 62  GLU 62  67  67  GLU GLU AA1 . n 
A 1 63  ALA 63  68  68  ALA ALA AA1 . n 
A 1 64  LYS 64  69  69  LYS LYS AA1 . n 
A 1 65  ILE 65  70  70  ILE ILE AA1 . n 
A 1 66  THR 66  71  71  THR THR AA1 . n 
A 1 67  MET 67  72  72  MET MET AA1 . n 
A 1 68  LEU 68  73  73  LEU LEU AA1 . n 
A 1 69  THR 69  74  74  THR THR AA1 . n 
A 1 70  ASN 70  75  75  ASN ASN AA1 . n 
A 1 71  GLY 71  76  76  GLY GLY AA1 . n 
A 1 72  GLN 72  77  77  GLN GLN AA1 . n 
A 1 73  CYS 73  78  78  CYS CYS AA1 . n 
A 1 74  GLN 74  79  79  GLN GLN AA1 . n 
A 1 75  ASN 75  80  80  ASN ASN AA1 . n 
A 1 76  ILE 76  81  81  ILE ILE AA1 . n 
A 1 77  THR 77  82  82  THR THR AA1 . n 
A 1 78  VAL 78  83  83  VAL VAL AA1 . n 
A 1 79  VAL 79  84  84  VAL VAL AA1 . n 
A 1 80  LEU 80  85  85  LEU LEU AA1 . n 
A 1 81  HIS 81  86  86  HIS HIS AA1 . n 
A 1 82  LYS 82  87  87  LYS LYS AA1 . n 
A 1 83  THR 83  88  88  THR THR AA1 . n 
A 1 84  SER 84  89  ?   ?   ?   AA1 . n 
A 1 85  GLU 85  90  ?   ?   ?   AA1 . n 
A 1 86  PRO 86  91  ?   ?   ?   AA1 . n 
A 1 87  GLY 87  92  ?   ?   ?   AA1 . n 
A 1 88  LYS 88  93  93  LYS LYS AA1 . n 
A 1 89  TYR 89  94  94  TYR TYR AA1 . n 
A 1 90  THR 90  95  95  THR THR AA1 . n 
A 1 91  ALA 91  96  ?   ?   ?   AA1 . n 
A 1 92  TYR 92  97  ?   ?   ?   AA1 . n 
A 1 93  GLU 93  98  ?   ?   ?   AA1 . n 
A 1 94  GLY 94  99  ?   ?   ?   AA1 . n 
A 1 95  GLN 95  100 ?   ?   ?   AA1 . n 
A 1 96  ARG 96  101 101 ARG ARG AA1 . n 
A 1 97  VAL 97  102 102 VAL VAL AA1 . n 
A 1 98  VAL 98  103 103 VAL VAL AA1 . n 
A 1 99  PHE 99  104 104 PHE PHE AA1 . n 
A 1 100 ILE 100 105 105 ILE ILE AA1 . n 
A 1 101 GLN 101 106 106 GLN GLN AA1 . n 
A 1 102 PRO 102 107 107 PRO PRO AA1 . n 
A 1 103 SER 103 108 108 SER SER AA1 . n 
A 1 104 PRO 104 109 109 PRO PRO AA1 . n 
A 1 105 VAL 105 110 110 VAL VAL AA1 . n 
A 1 106 ARG 106 111 111 ARG ARG AA1 . n 
A 1 107 ASP 107 112 112 ASP ASP AA1 . n 
A 1 108 HIS 108 113 113 HIS HIS AA1 . n 
A 1 109 TYR 109 114 114 TYR TYR AA1 . n 
A 1 110 ILE 110 115 115 ILE ILE AA1 . n 
A 1 111 LEU 111 116 116 LEU LEU AA1 . n 
A 1 112 TYR 112 117 117 TYR TYR AA1 . n 
A 1 113 CYS 113 118 118 CYS CYS AA1 . n 
A 1 114 GLU 114 119 119 GLU GLU AA1 . n 
A 1 115 GLY 115 120 120 GLY GLY AA1 . n 
A 1 116 GLU 116 121 ?   ?   ?   AA1 . n 
A 1 117 LEU 117 122 ?   ?   ?   AA1 . n 
A 1 118 HIS 118 123 ?   ?   ?   AA1 . n 
A 1 119 GLY 119 124 ?   ?   ?   AA1 . n 
A 1 120 ARG 120 125 ?   ?   ?   AA1 . n 
A 1 121 GLN 121 126 ?   ?   ?   AA1 . n 
A 1 122 ILE 122 127 127 ILE ILE AA1 . n 
A 1 123 ARG 123 128 128 ARG ARG AA1 . n 
A 1 124 MET 124 129 129 MET MET AA1 . n 
A 1 125 ALA 125 130 130 ALA ALA AA1 . n 
A 1 126 LYS 126 131 131 LYS LYS AA1 . n 
A 1 127 LEU 127 132 132 LEU LEU AA1 . n 
A 1 128 LEU 128 133 133 LEU LEU AA1 . n 
A 1 129 GLY 129 134 134 GLY GLY AA1 . n 
A 1 130 ARG 130 135 135 ARG ARG AA1 . n 
A 1 131 ASP 131 136 136 ASP ASP AA1 . n 
A 1 132 PRO 132 137 137 PRO PRO AA1 . n 
A 1 133 GLU 133 138 138 GLU GLU AA1 . n 
A 1 134 GLN 134 139 139 GLN GLN AA1 . n 
A 1 135 SER 135 140 140 SER SER AA1 . n 
A 1 136 GLN 136 141 141 GLN GLN AA1 . n 
A 1 137 GLU 137 142 142 GLU GLU AA1 . n 
A 1 138 ALA 138 143 143 ALA ALA AA1 . n 
A 1 139 LEU 139 144 144 LEU LEU AA1 . n 
A 1 140 GLU 140 145 145 GLU GLU AA1 . n 
A 1 141 ASP 141 146 146 ASP ASP AA1 . n 
A 1 142 PHE 142 147 147 PHE PHE AA1 . n 
A 1 143 ARG 143 148 148 ARG ARG AA1 . n 
A 1 144 GLU 144 149 149 GLU GLU AA1 . n 
A 1 145 PHE 145 150 150 PHE PHE AA1 . n 
A 1 146 SER 146 151 151 SER SER AA1 . n 
A 1 147 ARG 147 152 152 ARG ARG AA1 . n 
A 1 148 ALA 148 153 153 ALA ALA AA1 . n 
A 1 149 LYS 149 154 154 LYS LYS AA1 . n 
A 1 150 GLY 150 155 155 GLY GLY AA1 . n 
A 1 151 LEU 151 156 156 LEU LEU AA1 . n 
A 1 152 ASN 152 157 157 ASN ASN AA1 . n 
A 1 153 GLN 153 158 158 GLN GLN AA1 . n 
A 1 154 GLU 154 159 159 GLU GLU AA1 . n 
A 1 155 ILE 155 160 160 ILE ILE AA1 . n 
A 1 156 LEU 156 161 161 LEU LEU AA1 . n 
A 1 157 GLU 157 162 162 GLU GLU AA1 . n 
A 1 158 LEU 158 163 163 LEU LEU AA1 . n 
A 1 159 ALA 159 164 164 ALA ALA AA1 . n 
A 1 160 GLN 160 165 165 GLN GLN AA1 . n 
A 1 161 SER 161 166 166 SER SER AA1 . n 
A 1 162 GLU 162 167 167 GLU GLU AA1 . n 
A 1 163 THR 163 168 168 THR THR AA1 . n 
A 1 164 CYS 164 169 169 CYS CYS AA1 . n 
A 1 165 SER 165 170 170 SER SER AA1 . n 
A 1 166 PRO 166 171 171 PRO PRO AA1 . n 
A 1 167 GLY 167 172 172 GLY GLY AA1 . n 
A 1 168 GLY 168 173 173 GLY GLY AA1 . n 
A 1 169 GLN 169 174 174 GLN GLN AA1 . n 
# 
_pdbx_nonpoly_scheme.asym_id         B 
_pdbx_nonpoly_scheme.entity_id       2 
_pdbx_nonpoly_scheme.mon_id          CA 
_pdbx_nonpoly_scheme.ndb_seq_num     1 
_pdbx_nonpoly_scheme.pdb_seq_num     201 
_pdbx_nonpoly_scheme.auth_seq_num    1 
_pdbx_nonpoly_scheme.pdb_mon_id      CA 
_pdbx_nonpoly_scheme.auth_mon_id     CA 
_pdbx_nonpoly_scheme.pdb_strand_id   AA1 
_pdbx_nonpoly_scheme.pdb_ins_code    . 
# 
loop_
_pdbx_unobs_or_zero_occ_atoms.id 
_pdbx_unobs_or_zero_occ_atoms.PDB_model_num 
_pdbx_unobs_or_zero_occ_atoms.polymer_flag 
_pdbx_unobs_or_zero_occ_atoms.occupancy_flag 
_pdbx_unobs_or_zero_occ_atoms.auth_asym_id 
_pdbx_unobs_or_zero_occ_atoms.auth_comp_id 
_pdbx_unobs_or_zero_occ_atoms.auth_seq_id 
_pdbx_unobs_or_zero_occ_atoms.PDB_ins_code 
_pdbx_unobs_or_zero_occ_atoms.auth_atom_id 
_pdbx_unobs_or_zero_occ_atoms.label_alt_id 
_pdbx_unobs_or_zero_occ_atoms.label_asym_id 
_pdbx_unobs_or_zero_occ_atoms.label_comp_id 
_pdbx_unobs_or_zero_occ_atoms.label_seq_id 
_pdbx_unobs_or_zero_occ_atoms.label_atom_id 
1  1 Y 1 AA1 VAL 31  ? CG1 ? A VAL 26  CG1 
2  1 Y 1 AA1 VAL 31  ? CG2 ? A VAL 26  CG2 
3  1 Y 1 AA1 SER 32  ? CB  ? A SER 27  CB  
4  1 Y 1 AA1 SER 32  ? OG  ? A SER 27  OG  
5  1 Y 1 AA1 LYS 59  ? CD  ? A LYS 54  CD  
6  1 Y 1 AA1 LYS 59  ? CE  ? A LYS 54  CE  
7  1 Y 1 AA1 LYS 59  ? NZ  ? A LYS 54  NZ  
8  1 Y 1 AA1 HIS 86  ? CD2 ? A HIS 81  CD2 
9  1 Y 1 AA1 HIS 86  ? CE1 ? A HIS 81  CE1 
10 1 Y 1 AA1 HIS 86  ? NE2 ? A HIS 81  NE2 
11 1 Y 1 AA1 ARG 101 ? NE  ? A ARG 96  NE  
12 1 Y 1 AA1 ARG 101 ? CZ  ? A ARG 96  CZ  
13 1 Y 1 AA1 ARG 101 ? NH1 ? A ARG 96  NH1 
14 1 Y 1 AA1 ARG 101 ? NH2 ? A ARG 96  NH2 
15 1 Y 1 AA1 VAL 103 ? CG1 ? A VAL 98  CG1 
16 1 Y 1 AA1 VAL 103 ? CG2 ? A VAL 98  CG2 
17 1 Y 1 AA1 GLN 106 ? OE1 ? A GLN 101 OE1 
18 1 Y 1 AA1 GLN 106 ? NE2 ? A GLN 101 NE2 
19 1 Y 1 AA1 PRO 107 ? CD  ? A PRO 102 CD  
20 1 Y 1 AA1 PRO 109 ? CD  ? A PRO 104 CD  
21 1 Y 1 AA1 ARG 111 ? NH1 ? A ARG 106 NH1 
22 1 Y 1 AA1 ARG 111 ? NH2 ? A ARG 106 NH2 
23 1 Y 1 AA1 ILE 127 ? CD1 ? A ILE 122 CD1 
24 1 Y 1 AA1 ARG 128 ? CG  ? A ARG 123 CG  
25 1 Y 1 AA1 ARG 128 ? CD  ? A ARG 123 CD  
26 1 Y 1 AA1 ARG 128 ? NE  ? A ARG 123 NE  
27 1 Y 1 AA1 ARG 128 ? CZ  ? A ARG 123 CZ  
28 1 Y 1 AA1 ARG 128 ? NH1 ? A ARG 123 NH1 
29 1 Y 1 AA1 ARG 128 ? NH2 ? A ARG 123 NH2 
30 1 Y 1 AA1 MET 129 ? CB  ? A MET 124 CB  
31 1 Y 1 AA1 MET 129 ? CG  ? A MET 124 CG  
32 1 Y 1 AA1 MET 129 ? SD  ? A MET 124 SD  
33 1 Y 1 AA1 MET 129 ? CE  ? A MET 124 CE  
34 1 Y 1 AA1 LYS 131 ? CG  ? A LYS 126 CG  
35 1 Y 1 AA1 LYS 131 ? CD  ? A LYS 126 CD  
36 1 Y 1 AA1 LYS 131 ? CE  ? A LYS 126 CE  
37 1 Y 1 AA1 LYS 131 ? NZ  ? A LYS 126 NZ  
38 1 Y 1 AA1 ARG 135 ? CG  ? A ARG 130 CG  
39 1 Y 1 AA1 ARG 135 ? CD  ? A ARG 130 CD  
40 1 Y 1 AA1 ARG 135 ? NE  ? A ARG 130 NE  
41 1 Y 1 AA1 ARG 135 ? CZ  ? A ARG 130 CZ  
42 1 Y 1 AA1 ARG 135 ? NH1 ? A ARG 130 NH1 
43 1 Y 1 AA1 ARG 135 ? NH2 ? A ARG 130 NH2 
44 1 Y 1 AA1 GLN 139 ? OE1 ? A GLN 134 OE1 
45 1 Y 1 AA1 GLN 139 ? NE2 ? A GLN 134 NE2 
46 1 Y 1 AA1 GLN 141 ? OE1 ? A GLN 136 OE1 
47 1 Y 1 AA1 GLN 141 ? NE2 ? A GLN 136 NE2 
48 1 Y 1 AA1 ARG 148 ? NE  ? A ARG 143 NE  
49 1 Y 1 AA1 ARG 148 ? CZ  ? A ARG 143 CZ  
50 1 Y 1 AA1 ARG 148 ? NH1 ? A ARG 143 NH1 
51 1 Y 1 AA1 ARG 148 ? NH2 ? A ARG 143 NH2 
52 1 Y 1 AA1 GLU 149 ? OE1 ? A GLU 144 OE1 
53 1 Y 1 AA1 GLU 149 ? OE2 ? A GLU 144 OE2 
54 1 Y 1 AA1 SER 151 ? OG  ? A SER 146 OG  
55 1 Y 1 AA1 ARG 152 ? CB  ? A ARG 147 CB  
56 1 Y 1 AA1 ARG 152 ? CG  ? A ARG 147 CG  
57 1 Y 1 AA1 ARG 152 ? CD  ? A ARG 147 CD  
58 1 Y 1 AA1 ARG 152 ? NE  ? A ARG 147 NE  
59 1 Y 1 AA1 ARG 152 ? CZ  ? A ARG 147 CZ  
60 1 Y 1 AA1 ARG 152 ? NH1 ? A ARG 147 NH1 
61 1 Y 1 AA1 ARG 152 ? NH2 ? A ARG 147 NH2 
62 1 Y 1 AA1 LEU 156 ? CG  ? A LEU 151 CG  
63 1 Y 1 AA1 LEU 156 ? CD1 ? A LEU 151 CD1 
64 1 Y 1 AA1 LEU 156 ? CD2 ? A LEU 151 CD2 
65 1 Y 1 AA1 ASN 157 ? OD1 ? A ASN 152 OD1 
66 1 Y 1 AA1 ASN 157 ? ND2 ? A ASN 152 ND2 
67 1 Y 1 AA1 GLN 158 ? CG  ? A GLN 153 CG  
68 1 Y 1 AA1 GLN 158 ? CD  ? A GLN 153 CD  
69 1 Y 1 AA1 GLN 158 ? OE1 ? A GLN 153 OE1 
70 1 Y 1 AA1 GLN 158 ? NE2 ? A GLN 153 NE2 
71 1 Y 1 AA1 GLU 159 ? CG  ? A GLU 154 CG  
72 1 Y 1 AA1 GLU 159 ? CD  ? A GLU 154 CD  
73 1 Y 1 AA1 GLU 159 ? OE1 ? A GLU 154 OE1 
74 1 Y 1 AA1 GLU 159 ? OE2 ? A GLU 154 OE2 
75 1 Y 1 AA1 ILE 160 ? CG1 ? A ILE 155 CG1 
76 1 Y 1 AA1 ILE 160 ? CG2 ? A ILE 155 CG2 
77 1 Y 1 AA1 ILE 160 ? CD1 ? A ILE 155 CD1 
78 1 Y 1 AA1 GLN 174 ? CG  ? A GLN 169 CG  
79 1 Y 1 AA1 GLN 174 ? CD  ? A GLN 169 CD  
80 1 Y 1 AA1 GLN 174 ? OE1 ? A GLN 169 OE1 
81 1 Y 1 AA1 GLN 174 ? NE2 ? A GLN 169 NE2 
# 
loop_
_software.citation_id 
_software.classification 
_software.compiler_name 
_software.compiler_version 
_software.contact_author 
_software.contact_author_email 
_software.date 
_software.description 
_software.dependencies 
_software.hardware 
_software.language 
_software.location 
_software.mods 
_software.name 
_software.os 
_software.os_version 
_software.type 
_software.version 
_software.pdbx_ordinal 
? refinement       ? ? ? ? ? ? ? ? ? ? ? PHENIX  ? ? ? 1.19.2_4158 1 
? 'data reduction' ? ? ? ? ? ? ? ? ? ? ? XDS     ? ? ? .           2 
? 'data scaling'   ? ? ? ? ? ? ? ? ? ? ? Aimless ? ? ? .           3 
? phasing          ? ? ? ? ? ? ? ? ? ? ? MOLREP  ? ? ? .           4 
# 
_cell.angle_alpha                  90.000 
_cell.angle_alpha_esd              ? 
_cell.angle_beta                   90.000 
_cell.angle_beta_esd               ? 
_cell.angle_gamma                  90.000 
_cell.angle_gamma_esd              ? 
_cell.entry_id                     8AEH 
_cell.details                      ? 
_cell.formula_units_Z              ? 
_cell.length_a                     88.221 
_cell.length_a_esd                 ? 
_cell.length_b                     88.221 
_cell.length_b_esd                 ? 
_cell.length_c                     37.517 
_cell.length_c_esd                 ? 
_cell.volume                       291992.742 
_cell.volume_esd                   ? 
_cell.Z_PDB                        8 
_cell.reciprocal_angle_alpha       ? 
_cell.reciprocal_angle_beta        ? 
_cell.reciprocal_angle_gamma       ? 
_cell.reciprocal_angle_alpha_esd   ? 
_cell.reciprocal_angle_beta_esd    ? 
_cell.reciprocal_angle_gamma_esd   ? 
_cell.reciprocal_length_a          ? 
_cell.reciprocal_length_b          ? 
_cell.reciprocal_length_c          ? 
_cell.reciprocal_length_a_esd      ? 
_cell.reciprocal_length_b_esd      ? 
_cell.reciprocal_length_c_esd      ? 
_cell.pdbx_unique_axis             ? 
_cell.pdbx_esd_method              ? 
# 
_symmetry.entry_id                         8AEH 
_symmetry.cell_setting                     ? 
_symmetry.Int_Tables_number                92 
_symmetry.space_group_name_Hall            'P 4abw 2nw' 
_symmetry.space_group_name_H-M             'P 41 21 2' 
_symmetry.pdbx_full_space_group_name_H-M   ? 
# 
_exptl.absorpt_coefficient_mu     ? 
_exptl.absorpt_correction_T_max   ? 
_exptl.absorpt_correction_T_min   ? 
_exptl.absorpt_correction_type    ? 
_exptl.absorpt_process_details    ? 
_exptl.entry_id                   8AEH 
_exptl.crystals_number            1 
_exptl.details                    ? 
_exptl.method                     'X-RAY DIFFRACTION' 
_exptl.method_details             ? 
# 
_exptl_crystal.colour                       ? 
_exptl_crystal.density_diffrn               ? 
_exptl_crystal.density_Matthews             2.74 
_exptl_crystal.density_method               ? 
_exptl_crystal.density_percent_sol          55.12 
_exptl_crystal.description                  ? 
_exptl_crystal.F_000                        ? 
_exptl_crystal.id                           1 
_exptl_crystal.preparation                  ? 
_exptl_crystal.size_max                     ? 
_exptl_crystal.size_mid                     ? 
_exptl_crystal.size_min                     ? 
_exptl_crystal.size_rad                     ? 
_exptl_crystal.colour_lustre                ? 
_exptl_crystal.colour_modifier              ? 
_exptl_crystal.colour_primary               ? 
_exptl_crystal.density_meas                 ? 
_exptl_crystal.density_meas_esd             ? 
_exptl_crystal.density_meas_gt              ? 
_exptl_crystal.density_meas_lt              ? 
_exptl_crystal.density_meas_temp            ? 
_exptl_crystal.density_meas_temp_esd        ? 
_exptl_crystal.density_meas_temp_gt         ? 
_exptl_crystal.density_meas_temp_lt         ? 
_exptl_crystal.pdbx_crystal_image_url       ? 
_exptl_crystal.pdbx_crystal_image_format    ? 
_exptl_crystal.pdbx_mosaicity               ? 
_exptl_crystal.pdbx_mosaicity_esd           ? 
_exptl_crystal.pdbx_mosaic_method           ? 
_exptl_crystal.pdbx_mosaic_block_size       ? 
_exptl_crystal.pdbx_mosaic_block_size_esd   ? 
# 
_exptl_crystal_grow.apparatus       ? 
_exptl_crystal_grow.atmosphere      ? 
_exptl_crystal_grow.crystal_id      1 
_exptl_crystal_grow.details         ? 
_exptl_crystal_grow.method          'VAPOR DIFFUSION, SITTING DROP' 
_exptl_crystal_grow.method_ref      ? 
_exptl_crystal_grow.pH              ? 
_exptl_crystal_grow.pressure        ? 
_exptl_crystal_grow.pressure_esd    ? 
_exptl_crystal_grow.seeding         ? 
_exptl_crystal_grow.seeding_ref     ? 
_exptl_crystal_grow.temp            293 
_exptl_crystal_grow.temp_details    ? 
_exptl_crystal_grow.temp_esd        ? 
_exptl_crystal_grow.time            ? 
_exptl_crystal_grow.pdbx_details    '20% PEG 4000, 0.2 M CaCl2 in 0.1 M pH 8.5 Tris buffer' 
_exptl_crystal_grow.pdbx_pH_range   ? 
# 
_diffrn.ambient_environment              ? 
_diffrn.ambient_temp                     100 
_diffrn.ambient_temp_details             ? 
_diffrn.ambient_temp_esd                 ? 
_diffrn.crystal_id                       1 
_diffrn.crystal_support                  ? 
_diffrn.crystal_treatment                ? 
_diffrn.details                          ? 
_diffrn.id                               1 
_diffrn.ambient_pressure                 ? 
_diffrn.ambient_pressure_esd             ? 
_diffrn.ambient_pressure_gt              ? 
_diffrn.ambient_pressure_lt              ? 
_diffrn.ambient_temp_gt                  ? 
_diffrn.ambient_temp_lt                  ? 
_diffrn.pdbx_serial_crystal_experiment   N 
# 
_diffrn_detector.details                      ? 
_diffrn_detector.detector                     PIXEL 
_diffrn_detector.diffrn_id                    1 
_diffrn_detector.type                         'DECTRIS EIGER X 16M' 
_diffrn_detector.area_resol_mean              ? 
_diffrn_detector.dtime                        ? 
_diffrn_detector.pdbx_frames_total            ? 
_diffrn_detector.pdbx_collection_time_total   ? 
_diffrn_detector.pdbx_collection_date         2021-06-03 
_diffrn_detector.pdbx_frequency               ? 
# 
_diffrn_radiation.collimation                      ? 
_diffrn_radiation.diffrn_id                        1 
_diffrn_radiation.filter_edge                      ? 
_diffrn_radiation.inhomogeneity                    ? 
_diffrn_radiation.monochromator                    ? 
_diffrn_radiation.polarisn_norm                    ? 
_diffrn_radiation.polarisn_ratio                   ? 
_diffrn_radiation.probe                            ? 
_diffrn_radiation.type                             ? 
_diffrn_radiation.xray_symbol                      ? 
_diffrn_radiation.wavelength_id                    1 
_diffrn_radiation.pdbx_monochromatic_or_laue_m_l   M 
_diffrn_radiation.pdbx_wavelength_list             ? 
_diffrn_radiation.pdbx_wavelength                  ? 
_diffrn_radiation.pdbx_diffrn_protocol             'SINGLE WAVELENGTH' 
_diffrn_radiation.pdbx_analyzer                    ? 
_diffrn_radiation.pdbx_scattering_type             x-ray 
# 
_diffrn_radiation_wavelength.id           1 
_diffrn_radiation_wavelength.wavelength   0.978565 
_diffrn_radiation_wavelength.wt           1.0 
# 
_diffrn_source.current                     ? 
_diffrn_source.details                     ? 
_diffrn_source.diffrn_id                   1 
_diffrn_source.power                       ? 
_diffrn_source.size                        ? 
_diffrn_source.source                      SYNCHROTRON 
_diffrn_source.target                      ? 
_diffrn_source.type                        'SOLEIL BEAMLINE PROXIMA 1' 
_diffrn_source.voltage                     ? 
_diffrn_source.take-off_angle              ? 
_diffrn_source.pdbx_wavelength_list        0.978565 
_diffrn_source.pdbx_wavelength             ? 
_diffrn_source.pdbx_synchrotron_beamline   'PROXIMA 1' 
_diffrn_source.pdbx_synchrotron_site       SOLEIL 
# 
_reflns.B_iso_Wilson_estimate                          69.57 
_reflns.entry_id                                       8AEH 
_reflns.data_reduction_details                         ? 
_reflns.data_reduction_method                          ? 
_reflns.d_resolution_high                              3.00 
_reflns.d_resolution_low                               44.11 
_reflns.details                                        ? 
_reflns.limit_h_max                                    ? 
_reflns.limit_h_min                                    ? 
_reflns.limit_k_max                                    ? 
_reflns.limit_k_min                                    ? 
_reflns.limit_l_max                                    ? 
_reflns.limit_l_min                                    ? 
_reflns.number_all                                     ? 
_reflns.number_obs                                     3242 
_reflns.observed_criterion                             ? 
_reflns.observed_criterion_F_max                       ? 
_reflns.observed_criterion_F_min                       ? 
_reflns.observed_criterion_I_max                       ? 
_reflns.observed_criterion_I_min                       ? 
_reflns.observed_criterion_sigma_F                     ? 
_reflns.observed_criterion_sigma_I                     ? 
_reflns.percent_possible_obs                           100 
_reflns.R_free_details                                 ? 
_reflns.Rmerge_F_all                                   ? 
_reflns.Rmerge_F_obs                                   ? 
_reflns.Friedel_coverage                               ? 
_reflns.number_gt                                      ? 
_reflns.threshold_expression                           ? 
_reflns.pdbx_redundancy                                25.0 
_reflns.pdbx_Rmerge_I_obs                              0.066 
_reflns.pdbx_Rmerge_I_all                              ? 
_reflns.pdbx_Rsym_value                                ? 
_reflns.pdbx_netI_over_av_sigmaI                       ? 
_reflns.pdbx_netI_over_sigmaI                          32.5 
_reflns.pdbx_res_netI_over_av_sigmaI_2                 ? 
_reflns.pdbx_res_netI_over_sigmaI_2                    ? 
_reflns.pdbx_chi_squared                               ? 
_reflns.pdbx_scaling_rejects                           ? 
_reflns.pdbx_d_res_high_opt                            ? 
_reflns.pdbx_d_res_low_opt                             ? 
_reflns.pdbx_d_res_opt_method                          ? 
_reflns.phase_calculation_details                      ? 
_reflns.pdbx_Rrim_I_all                                0.067 
_reflns.pdbx_Rpim_I_all                                0.014 
_reflns.pdbx_d_opt                                     ? 
_reflns.pdbx_number_measured_all                       ? 
_reflns.pdbx_diffrn_id                                 1 
_reflns.pdbx_ordinal                                   1 
_reflns.pdbx_CC_half                                   0.99 
_reflns.pdbx_CC_star                                   ? 
_reflns.pdbx_R_split                                   ? 
_reflns.pdbx_aniso_diffraction_limit_axis_1_ortho[1]   ? 
_reflns.pdbx_aniso_diffraction_limit_axis_1_ortho[2]   ? 
_reflns.pdbx_aniso_diffraction_limit_axis_1_ortho[3]   ? 
_reflns.pdbx_aniso_diffraction_limit_axis_2_ortho[1]   ? 
_reflns.pdbx_aniso_diffraction_limit_axis_2_ortho[2]   ? 
_reflns.pdbx_aniso_diffraction_limit_axis_2_ortho[3]   ? 
_reflns.pdbx_aniso_diffraction_limit_axis_3_ortho[1]   ? 
_reflns.pdbx_aniso_diffraction_limit_axis_3_ortho[2]   ? 
_reflns.pdbx_aniso_diffraction_limit_axis_3_ortho[3]   ? 
_reflns.pdbx_aniso_diffraction_limit_1                 ? 
_reflns.pdbx_aniso_diffraction_limit_2                 ? 
_reflns.pdbx_aniso_diffraction_limit_3                 ? 
_reflns.pdbx_aniso_B_tensor_eigenvector_1_ortho[1]     ? 
_reflns.pdbx_aniso_B_tensor_eigenvector_1_ortho[2]     ? 
_reflns.pdbx_aniso_B_tensor_eigenvector_1_ortho[3]     ? 
_reflns.pdbx_aniso_B_tensor_eigenvector_2_ortho[1]     ? 
_reflns.pdbx_aniso_B_tensor_eigenvector_2_ortho[2]     ? 
_reflns.pdbx_aniso_B_tensor_eigenvector_2_ortho[3]     ? 
_reflns.pdbx_aniso_B_tensor_eigenvector_3_ortho[1]     ? 
_reflns.pdbx_aniso_B_tensor_eigenvector_3_ortho[2]     ? 
_reflns.pdbx_aniso_B_tensor_eigenvector_3_ortho[3]     ? 
_reflns.pdbx_aniso_B_tensor_eigenvalue_1               ? 
_reflns.pdbx_aniso_B_tensor_eigenvalue_2               ? 
_reflns.pdbx_aniso_B_tensor_eigenvalue_3               ? 
_reflns.pdbx_orthogonalization_convention              ? 
_reflns.pdbx_percent_possible_ellipsoidal              ? 
_reflns.pdbx_percent_possible_spherical                ? 
_reflns.pdbx_percent_possible_ellipsoidal_anomalous    ? 
_reflns.pdbx_percent_possible_spherical_anomalous      ? 
_reflns.pdbx_redundancy_anomalous                      ? 
_reflns.pdbx_CC_half_anomalous                         ? 
_reflns.pdbx_absDiff_over_sigma_anomalous              ? 
_reflns.pdbx_percent_possible_anomalous                ? 
_reflns.pdbx_observed_signal_threshold                 ? 
_reflns.pdbx_signal_type                               ? 
_reflns.pdbx_signal_details                            ? 
_reflns.pdbx_signal_software_id                        ? 
_reflns.pdbx_CC_split_method                           ? 
# 
_reflns_shell.d_res_high                                    3.00 
_reflns_shell.d_res_low                                     3.18 
_reflns_shell.meanI_over_sigI_all                           ? 
_reflns_shell.meanI_over_sigI_obs                           14.5 
_reflns_shell.number_measured_all                           ? 
_reflns_shell.number_measured_obs                           ? 
_reflns_shell.number_possible                               ? 
_reflns_shell.number_unique_all                             ? 
_reflns_shell.number_unique_obs                             512 
_reflns_shell.percent_possible_all                          100 
_reflns_shell.percent_possible_obs                          ? 
_reflns_shell.Rmerge_F_all                                  ? 
_reflns_shell.Rmerge_F_obs                                  ? 
_reflns_shell.Rmerge_I_all                                  ? 
_reflns_shell.Rmerge_I_obs                                  0.188 
_reflns_shell.meanI_over_sigI_gt                            ? 
_reflns_shell.meanI_over_uI_all                             ? 
_reflns_shell.meanI_over_uI_gt                              ? 
_reflns_shell.number_measured_gt                            ? 
_reflns_shell.number_unique_gt                              ? 
_reflns_shell.percent_possible_gt                           ? 
_reflns_shell.Rmerge_F_gt                                   ? 
_reflns_shell.Rmerge_I_gt                                   ? 
_reflns_shell.pdbx_redundancy                               ? 
_reflns_shell.pdbx_Rsym_value                               ? 
_reflns_shell.pdbx_chi_squared                              ? 
_reflns_shell.pdbx_netI_over_sigmaI_all                     ? 
_reflns_shell.pdbx_netI_over_sigmaI_obs                     ? 
_reflns_shell.pdbx_Rrim_I_all                               0.192 
_reflns_shell.pdbx_Rpim_I_all                               0.038 
_reflns_shell.pdbx_rejects                                  ? 
_reflns_shell.pdbx_ordinal                                  1 
_reflns_shell.pdbx_diffrn_id                                1 
_reflns_shell.pdbx_CC_half                                  0.997 
_reflns_shell.pdbx_CC_star                                  ? 
_reflns_shell.pdbx_R_split                                  ? 
_reflns_shell.pdbx_percent_possible_ellipsoidal             ? 
_reflns_shell.pdbx_percent_possible_spherical               ? 
_reflns_shell.pdbx_percent_possible_ellipsoidal_anomalous   ? 
_reflns_shell.pdbx_percent_possible_spherical_anomalous     ? 
_reflns_shell.pdbx_redundancy_anomalous                     ? 
_reflns_shell.pdbx_CC_half_anomalous                        ? 
_reflns_shell.pdbx_absDiff_over_sigma_anomalous             ? 
_reflns_shell.pdbx_percent_possible_anomalous               ? 
# 
_refine.aniso_B[1][1]                            ? 
_refine.aniso_B[1][2]                            ? 
_refine.aniso_B[1][3]                            ? 
_refine.aniso_B[2][2]                            ? 
_refine.aniso_B[2][3]                            ? 
_refine.aniso_B[3][3]                            ? 
_refine.B_iso_max                                ? 
_refine.B_iso_mean                               62.28 
_refine.B_iso_min                                ? 
_refine.correlation_coeff_Fo_to_Fc               ? 
_refine.correlation_coeff_Fo_to_Fc_free          ? 
_refine.details                                  ? 
_refine.diff_density_max                         ? 
_refine.diff_density_max_esd                     ? 
_refine.diff_density_min                         ? 
_refine.diff_density_min_esd                     ? 
_refine.diff_density_rms                         ? 
_refine.diff_density_rms_esd                     ? 
_refine.entry_id                                 8AEH 
_refine.pdbx_refine_id                           'X-RAY DIFFRACTION' 
_refine.ls_abs_structure_details                 ? 
_refine.ls_abs_structure_Flack                   ? 
_refine.ls_abs_structure_Flack_esd               ? 
_refine.ls_abs_structure_Rogers                  ? 
_refine.ls_abs_structure_Rogers_esd              ? 
_refine.ls_d_res_high                            3.00 
_refine.ls_d_res_low                             44.11 
_refine.ls_extinction_coef                       ? 
_refine.ls_extinction_coef_esd                   ? 
_refine.ls_extinction_expression                 ? 
_refine.ls_extinction_method                     ? 
_refine.ls_goodness_of_fit_all                   ? 
_refine.ls_goodness_of_fit_all_esd               ? 
_refine.ls_goodness_of_fit_obs                   ? 
_refine.ls_goodness_of_fit_obs_esd               ? 
_refine.ls_hydrogen_treatment                    ? 
_refine.ls_matrix_type                           ? 
_refine.ls_number_constraints                    ? 
_refine.ls_number_parameters                     ? 
_refine.ls_number_reflns_all                     ? 
_refine.ls_number_reflns_obs                     3242 
_refine.ls_number_reflns_R_free                  267 
_refine.ls_number_reflns_R_work                  5407 
_refine.ls_number_restraints                     ? 
_refine.ls_percent_reflns_obs                    99.96 
_refine.ls_percent_reflns_R_free                 4.71 
_refine.ls_R_factor_all                          ? 
_refine.ls_R_factor_obs                          0.2860 
_refine.ls_R_factor_R_free                       0.3011 
_refine.ls_R_factor_R_free_error                 ? 
_refine.ls_R_factor_R_free_error_details         ? 
_refine.ls_R_factor_R_work                       0.2852 
_refine.ls_R_Fsqd_factor_obs                     ? 
_refine.ls_R_I_factor_obs                        ? 
_refine.ls_redundancy_reflns_all                 ? 
_refine.ls_redundancy_reflns_obs                 ? 
_refine.ls_restrained_S_all                      ? 
_refine.ls_restrained_S_obs                      ? 
_refine.ls_shift_over_esd_max                    ? 
_refine.ls_shift_over_esd_mean                   ? 
_refine.ls_structure_factor_coef                 ? 
_refine.ls_weighting_details                     ? 
_refine.ls_weighting_scheme                      ? 
_refine.ls_wR_factor_all                         ? 
_refine.ls_wR_factor_obs                         ? 
_refine.ls_wR_factor_R_free                      ? 
_refine.ls_wR_factor_R_work                      ? 
_refine.occupancy_max                            ? 
_refine.occupancy_min                            ? 
_refine.solvent_model_details                    'FLAT BULK SOLVENT MODEL' 
_refine.solvent_model_param_bsol                 ? 
_refine.solvent_model_param_ksol                 ? 
_refine.pdbx_R_complete                          ? 
_refine.ls_R_factor_gt                           ? 
_refine.ls_goodness_of_fit_gt                    ? 
_refine.ls_goodness_of_fit_ref                   ? 
_refine.ls_shift_over_su_max                     ? 
_refine.ls_shift_over_su_max_lt                  ? 
_refine.ls_shift_over_su_mean                    ? 
_refine.ls_shift_over_su_mean_lt                 ? 
_refine.pdbx_ls_sigma_I                          ? 
_refine.pdbx_ls_sigma_F                          0.68 
_refine.pdbx_ls_sigma_Fsqd                       ? 
_refine.pdbx_data_cutoff_high_absF               ? 
_refine.pdbx_data_cutoff_high_rms_absF           ? 
_refine.pdbx_data_cutoff_low_absF                ? 
_refine.pdbx_isotropic_thermal_model             ? 
_refine.pdbx_ls_cross_valid_method               'FREE R-VALUE' 
_refine.pdbx_method_to_determine_struct          'MOLECULAR REPLACEMENT' 
_refine.pdbx_starting_model                      3EYC 
_refine.pdbx_stereochemistry_target_values       'GeoStd + Monomer Library + CDL v1.2' 
_refine.pdbx_R_Free_selection_details            ? 
_refine.pdbx_stereochem_target_val_spec_case     ? 
_refine.pdbx_overall_ESU_R                       ? 
_refine.pdbx_overall_ESU_R_Free                  ? 
_refine.pdbx_solvent_vdw_probe_radii             1.1100 
_refine.pdbx_solvent_ion_probe_radii             ? 
_refine.pdbx_solvent_shrinkage_radii             0.9000 
_refine.pdbx_real_space_R                        ? 
_refine.pdbx_density_correlation                 ? 
_refine.pdbx_pd_number_of_powder_patterns        ? 
_refine.pdbx_pd_number_of_points                 ? 
_refine.pdbx_pd_meas_number_of_points            ? 
_refine.pdbx_pd_proc_ls_prof_R_factor            ? 
_refine.pdbx_pd_proc_ls_prof_wR_factor           ? 
_refine.pdbx_pd_Marquardt_correlation_coeff      ? 
_refine.pdbx_pd_Fsqrd_R_factor                   ? 
_refine.pdbx_pd_ls_matrix_band_width             ? 
_refine.pdbx_overall_phase_error                 27.3134 
_refine.pdbx_overall_SU_R_free_Cruickshank_DPI   ? 
_refine.pdbx_overall_SU_R_free_Blow_DPI          ? 
_refine.pdbx_overall_SU_R_Blow_DPI               ? 
_refine.pdbx_TLS_residual_ADP_flag               ? 
_refine.pdbx_diffrn_id                           1 
_refine.overall_SU_B                             ? 
_refine.overall_SU_ML                            0.3672 
_refine.overall_SU_R_Cruickshank_DPI             ? 
_refine.overall_SU_R_free                        ? 
_refine.overall_FOM_free_R_set                   ? 
_refine.overall_FOM_work_R_set                   ? 
_refine.pdbx_average_fsc_overall                 ? 
_refine.pdbx_average_fsc_work                    ? 
_refine.pdbx_average_fsc_free                    ? 
# 
_refine_hist.pdbx_refine_id                   'X-RAY DIFFRACTION' 
_refine_hist.cycle_id                         LAST 
_refine_hist.details                          ? 
_refine_hist.d_res_high                       3.00 
_refine_hist.d_res_low                        44.11 
_refine_hist.number_atoms_solvent             0 
_refine_hist.number_atoms_total               853 
_refine_hist.number_reflns_all                ? 
_refine_hist.number_reflns_obs                ? 
_refine_hist.number_reflns_R_free             ? 
_refine_hist.number_reflns_R_work             ? 
_refine_hist.R_factor_all                     ? 
_refine_hist.R_factor_obs                     ? 
_refine_hist.R_factor_R_free                  ? 
_refine_hist.R_factor_R_work                  ? 
_refine_hist.pdbx_number_residues_total       ? 
_refine_hist.pdbx_B_iso_mean_ligand           ? 
_refine_hist.pdbx_B_iso_mean_solvent          ? 
_refine_hist.pdbx_number_atoms_protein        852 
_refine_hist.pdbx_number_atoms_nucleic_acid   0 
_refine_hist.pdbx_number_atoms_ligand         1 
_refine_hist.pdbx_number_atoms_lipid          ? 
_refine_hist.pdbx_number_atoms_carb           ? 
_refine_hist.pdbx_pseudo_atom_details         ? 
# 
loop_
_refine_ls_restr.pdbx_refine_id 
_refine_ls_restr.criterion 
_refine_ls_restr.dev_ideal 
_refine_ls_restr.dev_ideal_target 
_refine_ls_restr.number 
_refine_ls_restr.rejects 
_refine_ls_restr.type 
_refine_ls_restr.weight 
_refine_ls_restr.pdbx_restraint_function 
'X-RAY DIFFRACTION' ? 0.0104  ? 860  ? f_bond_d           ? ? 
'X-RAY DIFFRACTION' ? 1.4662  ? 1154 ? f_angle_d          ? ? 
'X-RAY DIFFRACTION' ? 0.0845  ? 138  ? f_chiral_restr     ? ? 
'X-RAY DIFFRACTION' ? 0.0083  ? 142  ? f_plane_restr      ? ? 
'X-RAY DIFFRACTION' ? 17.3344 ? 303  ? f_dihedral_angle_d ? ? 
# 
loop_
_refine_ls_shell.pdbx_refine_id 
_refine_ls_shell.d_res_high 
_refine_ls_shell.d_res_low 
_refine_ls_shell.number_reflns_all 
_refine_ls_shell.number_reflns_obs 
_refine_ls_shell.number_reflns_R_free 
_refine_ls_shell.number_reflns_R_work 
_refine_ls_shell.percent_reflns_obs 
_refine_ls_shell.percent_reflns_R_free 
_refine_ls_shell.R_factor_all 
_refine_ls_shell.R_factor_obs 
_refine_ls_shell.R_factor_R_free 
_refine_ls_shell.R_factor_R_free_error 
_refine_ls_shell.R_factor_R_work 
_refine_ls_shell.redundancy_reflns_all 
_refine_ls_shell.redundancy_reflns_obs 
_refine_ls_shell.wR_factor_all 
_refine_ls_shell.wR_factor_obs 
_refine_ls_shell.wR_factor_R_free 
_refine_ls_shell.wR_factor_R_work 
_refine_ls_shell.pdbx_R_complete 
_refine_ls_shell.pdbx_total_number_of_bins_used 
_refine_ls_shell.pdbx_phase_error 
_refine_ls_shell.pdbx_fsc_work 
_refine_ls_shell.pdbx_fsc_free 
'X-RAY DIFFRACTION' 3.00 3.78  . . 131 2712 100.00 . . . 0.3063 . 0.2571 . . . . . . . . . . . 
'X-RAY DIFFRACTION' 3.78 44.11 . . 136 2695 99.93  . . . 0.2992 . 0.2969 . . . . . . . . . . . 
# 
_struct.entry_id                     8AEH 
_struct.title                        'X-ray structure of Canis familiaris Odorant Binding Protein 1' 
_struct.pdbx_model_details           ? 
_struct.pdbx_formula_weight          ? 
_struct.pdbx_formula_weight_method   ? 
_struct.pdbx_model_type_details      ? 
_struct.pdbx_CASP_flag               N 
# 
_struct_keywords.entry_id        8AEH 
_struct_keywords.text            'Odorant binding protein, TRANSPORT PROTEIN' 
_struct_keywords.pdbx_keywords   'TRANSPORT PROTEIN' 
# 
loop_
_struct_asym.id 
_struct_asym.pdbx_blank_PDB_chainid_flag 
_struct_asym.pdbx_modified 
_struct_asym.entity_id 
_struct_asym.details 
A N N 1 ? 
B N N 2 ? 
# 
_struct_ref.id                         1 
_struct_ref.db_name                    UNP 
_struct_ref.db_code                    ALL1_CANLF 
_struct_ref.pdbx_db_accession          O18873 
_struct_ref.pdbx_db_isoform            ? 
_struct_ref.entity_id                  1 
_struct_ref.pdbx_seq_one_letter_code   
;QDTPALGKDTVAVSGKWYLKAMTADQEVPEKPDSVTPMILKAQKGGNLEAKITMLTNGQCQNITVVLHKTSEPGKYTAYE
GQRVVFIQPSPVRDHYILYCEGELHGRQIRMAKLLGRDPEQSQEALEDFREFSRAKGLNQEILELAQSETCSPGGQ
;
_struct_ref.pdbx_align_begin           19 
# 
_struct_ref_seq.align_id                      1 
_struct_ref_seq.ref_id                        1 
_struct_ref_seq.pdbx_PDB_id_code              8AEH 
_struct_ref_seq.pdbx_strand_id                AA1 
_struct_ref_seq.seq_align_beg                 14 
_struct_ref_seq.pdbx_seq_align_beg_ins_code   ? 
_struct_ref_seq.seq_align_end                 169 
_struct_ref_seq.pdbx_seq_align_end_ins_code   ? 
_struct_ref_seq.pdbx_db_accession             O18873 
_struct_ref_seq.db_align_beg                  19 
_struct_ref_seq.pdbx_db_align_beg_ins_code    ? 
_struct_ref_seq.db_align_end                  174 
_struct_ref_seq.pdbx_db_align_end_ins_code    ? 
_struct_ref_seq.pdbx_auth_seq_align_beg       19 
_struct_ref_seq.pdbx_auth_seq_align_end       174 
# 
loop_
_struct_ref_seq_dif.align_id 
_struct_ref_seq_dif.pdbx_pdb_id_code 
_struct_ref_seq_dif.mon_id 
_struct_ref_seq_dif.pdbx_pdb_strand_id 
_struct_ref_seq_dif.seq_num 
_struct_ref_seq_dif.pdbx_pdb_ins_code 
_struct_ref_seq_dif.pdbx_seq_db_name 
_struct_ref_seq_dif.pdbx_seq_db_accession_code 
_struct_ref_seq_dif.db_mon_id 
_struct_ref_seq_dif.pdbx_seq_db_seq_num 
_struct_ref_seq_dif.details 
_struct_ref_seq_dif.pdbx_auth_seq_num 
_struct_ref_seq_dif.pdbx_ordinal 
1 8AEH MET AA1 1  ? UNP O18873 ? ? 'initiating methionine' 6  1  
1 8AEH ARG AA1 2  ? UNP O18873 ? ? 'expression tag'        7  2  
1 8AEH GLY AA1 3  ? UNP O18873 ? ? 'expression tag'        8  3  
1 8AEH SER AA1 4  ? UNP O18873 ? ? 'expression tag'        9  4  
1 8AEH HIS AA1 5  ? UNP O18873 ? ? 'expression tag'        10 5  
1 8AEH HIS AA1 6  ? UNP O18873 ? ? 'expression tag'        11 6  
1 8AEH HIS AA1 7  ? UNP O18873 ? ? 'expression tag'        12 7  
1 8AEH HIS AA1 8  ? UNP O18873 ? ? 'expression tag'        13 8  
1 8AEH HIS AA1 9  ? UNP O18873 ? ? 'expression tag'        14 9  
1 8AEH HIS AA1 10 ? UNP O18873 ? ? 'expression tag'        15 10 
1 8AEH THR AA1 11 ? UNP O18873 ? ? 'expression tag'        16 11 
1 8AEH ASP AA1 12 ? UNP O18873 ? ? 'expression tag'        17 12 
1 8AEH PRO AA1 13 ? UNP O18873 ? ? 'expression tag'        18 13 
# 
_pdbx_struct_assembly.id                   1 
_pdbx_struct_assembly.details              author_defined_assembly 
_pdbx_struct_assembly.method_details       ? 
_pdbx_struct_assembly.oligomeric_details   monomeric 
_pdbx_struct_assembly.oligomeric_count     1 
# 
_pdbx_struct_assembly_gen.assembly_id       1 
_pdbx_struct_assembly_gen.oper_expression   1 
_pdbx_struct_assembly_gen.asym_id_list      A,B 
# 
_pdbx_struct_assembly_auth_evidence.id                     1 
_pdbx_struct_assembly_auth_evidence.assembly_id            1 
_pdbx_struct_assembly_auth_evidence.experimental_support   homology 
_pdbx_struct_assembly_auth_evidence.details                ? 
# 
_pdbx_struct_oper_list.id                   1 
_pdbx_struct_oper_list.type                 'identity operation' 
_pdbx_struct_oper_list.name                 1_555 
_pdbx_struct_oper_list.symmetry_operation   x,y,z 
_pdbx_struct_oper_list.matrix[1][1]         1.0000000000 
_pdbx_struct_oper_list.matrix[1][2]         0.0000000000 
_pdbx_struct_oper_list.matrix[1][3]         0.0000000000 
_pdbx_struct_oper_list.vector[1]            0.0000000000 
_pdbx_struct_oper_list.matrix[2][1]         0.0000000000 
_pdbx_struct_oper_list.matrix[2][2]         1.0000000000 
_pdbx_struct_oper_list.matrix[2][3]         0.0000000000 
_pdbx_struct_oper_list.vector[2]            0.0000000000 
_pdbx_struct_oper_list.matrix[3][1]         0.0000000000 
_pdbx_struct_oper_list.matrix[3][2]         0.0000000000 
_pdbx_struct_oper_list.matrix[3][3]         1.0000000000 
_pdbx_struct_oper_list.vector[3]            0.0000000000 
# 
_struct_conf.conf_type_id            HELX_P 
_struct_conf.id                      HELX_P1 
_struct_conf.pdbx_PDB_helix_id       AA1 
_struct_conf.beg_label_comp_id       SER 
_struct_conf.beg_label_asym_id       A 
_struct_conf.beg_label_seq_id        135 
_struct_conf.pdbx_beg_PDB_ins_code   ? 
_struct_conf.end_label_comp_id       ALA 
_struct_conf.end_label_asym_id       A 
_struct_conf.end_label_seq_id        148 
_struct_conf.pdbx_end_PDB_ins_code   ? 
_struct_conf.beg_auth_comp_id        SER 
_struct_conf.beg_auth_asym_id        AA1 
_struct_conf.beg_auth_seq_id         140 
_struct_conf.end_auth_comp_id        ALA 
_struct_conf.end_auth_asym_id        AA1 
_struct_conf.end_auth_seq_id         153 
_struct_conf.pdbx_PDB_helix_class    1 
_struct_conf.details                 ? 
_struct_conf.pdbx_PDB_helix_length   14 
# 
_struct_conf_type.id          HELX_P 
_struct_conf_type.criteria    ? 
_struct_conf_type.reference   ? 
# 
loop_
_struct_conn.id 
_struct_conn.conn_type_id 
_struct_conn.pdbx_leaving_atom_flag 
_struct_conn.pdbx_PDB_id 
_struct_conn.ptnr1_label_asym_id 
_struct_conn.ptnr1_label_comp_id 
_struct_conn.ptnr1_label_seq_id 
_struct_conn.ptnr1_label_atom_id 
_struct_conn.pdbx_ptnr1_label_alt_id 
_struct_conn.pdbx_ptnr1_PDB_ins_code 
_struct_conn.pdbx_ptnr1_standard_comp_id 
_struct_conn.ptnr1_symmetry 
_struct_conn.ptnr2_label_asym_id 
_struct_conn.ptnr2_label_comp_id 
_struct_conn.ptnr2_label_seq_id 
_struct_conn.ptnr2_label_atom_id 
_struct_conn.pdbx_ptnr2_label_alt_id 
_struct_conn.pdbx_ptnr2_PDB_ins_code 
_struct_conn.ptnr1_auth_asym_id 
_struct_conn.ptnr1_auth_comp_id 
_struct_conn.ptnr1_auth_seq_id 
_struct_conn.ptnr2_auth_asym_id 
_struct_conn.ptnr2_auth_comp_id 
_struct_conn.ptnr2_auth_seq_id 
_struct_conn.ptnr2_symmetry 
_struct_conn.pdbx_ptnr3_label_atom_id 
_struct_conn.pdbx_ptnr3_label_seq_id 
_struct_conn.pdbx_ptnr3_label_comp_id 
_struct_conn.pdbx_ptnr3_label_asym_id 
_struct_conn.pdbx_ptnr3_label_alt_id 
_struct_conn.pdbx_ptnr3_PDB_ins_code 
_struct_conn.details 
_struct_conn.pdbx_dist_value 
_struct_conn.pdbx_value_order 
_struct_conn.pdbx_role 
disulf1 disulf ? ? A CYS 73 SG  ? ? ? 1_555 A CYS 164 SG ? ? AA1 CYS 78 AA1 CYS 169 1_555 ? ? ? ? ? ? ? 2.050 ? ? 
metalc1 metalc ? ? A ASP 46 OD1 ? ? ? 1_555 B CA  .   CA ? ? AA1 ASP 51 AA1 CA  201 1_555 ? ? ? ? ? ? ? 2.387 ? ? 
metalc2 metalc ? ? A ASP 46 OD2 ? ? ? 1_555 B CA  .   CA ? ? AA1 ASP 51 AA1 CA  201 1_555 ? ? ? ? ? ? ? 3.047 ? ? 
metalc3 metalc ? ? A ASN 70 OD1 ? ? ? 1_555 B CA  .   CA ? ? AA1 ASN 75 AA1 CA  201 1_555 ? ? ? ? ? ? ? 2.531 ? ? 
# 
loop_
_struct_conn_type.id 
_struct_conn_type.criteria 
_struct_conn_type.reference 
disulf ? ? 
metalc ? ? 
# 
loop_
_pdbx_struct_conn_angle.id 
_pdbx_struct_conn_angle.ptnr1_label_atom_id 
_pdbx_struct_conn_angle.ptnr1_label_alt_id 
_pdbx_struct_conn_angle.ptnr1_label_asym_id 
_pdbx_struct_conn_angle.ptnr1_label_comp_id 
_pdbx_struct_conn_angle.ptnr1_label_seq_id 
_pdbx_struct_conn_angle.ptnr1_auth_atom_id 
_pdbx_struct_conn_angle.ptnr1_auth_asym_id 
_pdbx_struct_conn_angle.ptnr1_auth_comp_id 
_pdbx_struct_conn_angle.ptnr1_auth_seq_id 
_pdbx_struct_conn_angle.ptnr1_PDB_ins_code 
_pdbx_struct_conn_angle.ptnr1_symmetry 
_pdbx_struct_conn_angle.ptnr2_label_atom_id 
_pdbx_struct_conn_angle.ptnr2_label_alt_id 
_pdbx_struct_conn_angle.ptnr2_label_asym_id 
_pdbx_struct_conn_angle.ptnr2_label_comp_id 
_pdbx_struct_conn_angle.ptnr2_label_seq_id 
_pdbx_struct_conn_angle.ptnr2_auth_atom_id 
_pdbx_struct_conn_angle.ptnr2_auth_asym_id 
_pdbx_struct_conn_angle.ptnr2_auth_comp_id 
_pdbx_struct_conn_angle.ptnr2_auth_seq_id 
_pdbx_struct_conn_angle.ptnr2_PDB_ins_code 
_pdbx_struct_conn_angle.ptnr2_symmetry 
_pdbx_struct_conn_angle.ptnr3_label_atom_id 
_pdbx_struct_conn_angle.ptnr3_label_alt_id 
_pdbx_struct_conn_angle.ptnr3_label_asym_id 
_pdbx_struct_conn_angle.ptnr3_label_comp_id 
_pdbx_struct_conn_angle.ptnr3_label_seq_id 
_pdbx_struct_conn_angle.ptnr3_auth_atom_id 
_pdbx_struct_conn_angle.ptnr3_auth_asym_id 
_pdbx_struct_conn_angle.ptnr3_auth_comp_id 
_pdbx_struct_conn_angle.ptnr3_auth_seq_id 
_pdbx_struct_conn_angle.ptnr3_PDB_ins_code 
_pdbx_struct_conn_angle.ptnr3_symmetry 
_pdbx_struct_conn_angle.value 
_pdbx_struct_conn_angle.value_esd 
1 OD1 ? A ASP 46 ? AA1 ASP 51 ? 1_555 CA ? B CA . ? AA1 CA 201 ? 1_555 OD2 ? A ASP 46 ? AA1 ASP 51 ? 1_555 45.1  ? 
2 OD1 ? A ASP 46 ? AA1 ASP 51 ? 1_555 CA ? B CA . ? AA1 CA 201 ? 1_555 OD1 ? A ASN 70 ? AA1 ASN 75 ? 1_555 120.1 ? 
3 OD2 ? A ASP 46 ? AA1 ASP 51 ? 1_555 CA ? B CA . ? AA1 CA 201 ? 1_555 OD1 ? A ASN 70 ? AA1 ASN 75 ? 1_555 76.6  ? 
# 
_pdbx_modification_feature.ordinal                            1 
_pdbx_modification_feature.label_comp_id                      CYS 
_pdbx_modification_feature.label_asym_id                      A 
_pdbx_modification_feature.label_seq_id                       73 
_pdbx_modification_feature.label_alt_id                       ? 
_pdbx_modification_feature.modified_residue_label_comp_id     CYS 
_pdbx_modification_feature.modified_residue_label_asym_id     A 
_pdbx_modification_feature.modified_residue_label_seq_id      164 
_pdbx_modification_feature.modified_residue_label_alt_id      ? 
_pdbx_modification_feature.auth_comp_id                       CYS 
_pdbx_modification_feature.auth_asym_id                       AA1 
_pdbx_modification_feature.auth_seq_id                        78 
_pdbx_modification_feature.PDB_ins_code                       ? 
_pdbx_modification_feature.symmetry                           1_555 
_pdbx_modification_feature.modified_residue_auth_comp_id      CYS 
_pdbx_modification_feature.modified_residue_auth_asym_id      AA1 
_pdbx_modification_feature.modified_residue_auth_seq_id       169 
_pdbx_modification_feature.modified_residue_PDB_ins_code      ? 
_pdbx_modification_feature.modified_residue_symmetry          1_555 
_pdbx_modification_feature.comp_id_linking_atom               SG 
_pdbx_modification_feature.modified_residue_id_linking_atom   SG 
_pdbx_modification_feature.modified_residue_id                . 
_pdbx_modification_feature.ref_pcm_id                         . 
_pdbx_modification_feature.ref_comp_id                        . 
_pdbx_modification_feature.type                               None 
_pdbx_modification_feature.category                           'Disulfide bridge' 
# 
loop_
_struct_sheet.id 
_struct_sheet.type 
_struct_sheet.number_strands 
_struct_sheet.details 
AA1 ? 7 ? 
AA2 ? 5 ? 
AA3 ? 3 ? 
# 
loop_
_struct_sheet_order.sheet_id 
_struct_sheet_order.range_id_1 
_struct_sheet_order.range_id_2 
_struct_sheet_order.offset 
_struct_sheet_order.sense 
AA1 1 2 ? anti-parallel 
AA1 2 3 ? anti-parallel 
AA1 3 4 ? anti-parallel 
AA1 4 5 ? anti-parallel 
AA1 5 6 ? anti-parallel 
AA1 6 7 ? anti-parallel 
AA2 1 2 ? anti-parallel 
AA2 2 3 ? anti-parallel 
AA2 3 4 ? anti-parallel 
AA2 4 5 ? anti-parallel 
AA3 1 2 ? anti-parallel 
AA3 2 3 ? anti-parallel 
# 
loop_
_struct_sheet_range.sheet_id 
_struct_sheet_range.id 
_struct_sheet_range.beg_label_comp_id 
_struct_sheet_range.beg_label_asym_id 
_struct_sheet_range.beg_label_seq_id 
_struct_sheet_range.pdbx_beg_PDB_ins_code 
_struct_sheet_range.end_label_comp_id 
_struct_sheet_range.end_label_asym_id 
_struct_sheet_range.end_label_seq_id 
_struct_sheet_range.pdbx_end_PDB_ins_code 
_struct_sheet_range.beg_auth_comp_id 
_struct_sheet_range.beg_auth_asym_id 
_struct_sheet_range.beg_auth_seq_id 
_struct_sheet_range.end_auth_comp_id 
_struct_sheet_range.end_auth_asym_id 
_struct_sheet_range.end_auth_seq_id 
AA1 1 VAL A 78  ? LEU A 80  ? VAL AA1 83  LEU AA1 85  
AA1 2 LEU A 61  ? LYS A 64  ? LEU AA1 66  LYS AA1 69  
AA1 3 MET A 51  ? LYS A 54  ? MET AA1 56  LYS AA1 59  
AA1 4 GLY A 28  ? MET A 35  ? GLY AA1 33  MET AA1 40  
AA1 5 MET A 124 ? GLY A 129 ? MET AA1 129 GLY AA1 134 
AA1 6 HIS A 108 ? GLU A 114 ? HIS AA1 113 GLU AA1 119 
AA1 7 VAL A 97  ? PRO A 102 ? VAL AA1 102 PRO AA1 107 
AA2 1 VAL A 78  ? LEU A 80  ? VAL AA1 83  LEU AA1 85  
AA2 2 LEU A 61  ? LYS A 64  ? LEU AA1 66  LYS AA1 69  
AA2 3 MET A 51  ? LYS A 54  ? MET AA1 56  LYS AA1 59  
AA2 4 GLY A 28  ? MET A 35  ? GLY AA1 33  MET AA1 40  
AA2 5 LEU A 156 ? GLU A 157 ? LEU AA1 161 GLU AA1 162 
AA3 1 SER A 47  ? VAL A 48  ? SER AA1 52  VAL AA1 53  
AA3 2 THR A 66  ? LEU A 68  ? THR AA1 71  LEU AA1 73  
AA3 3 CYS A 73  ? ASN A 75  ? CYS AA1 78  ASN AA1 80  
# 
loop_
_pdbx_struct_sheet_hbond.sheet_id 
_pdbx_struct_sheet_hbond.range_id_1 
_pdbx_struct_sheet_hbond.range_id_2 
_pdbx_struct_sheet_hbond.range_1_label_atom_id 
_pdbx_struct_sheet_hbond.range_1_label_comp_id 
_pdbx_struct_sheet_hbond.range_1_label_asym_id 
_pdbx_struct_sheet_hbond.range_1_label_seq_id 
_pdbx_struct_sheet_hbond.range_1_PDB_ins_code 
_pdbx_struct_sheet_hbond.range_1_auth_atom_id 
_pdbx_struct_sheet_hbond.range_1_auth_comp_id 
_pdbx_struct_sheet_hbond.range_1_auth_asym_id 
_pdbx_struct_sheet_hbond.range_1_auth_seq_id 
_pdbx_struct_sheet_hbond.range_2_label_atom_id 
_pdbx_struct_sheet_hbond.range_2_label_comp_id 
_pdbx_struct_sheet_hbond.range_2_label_asym_id 
_pdbx_struct_sheet_hbond.range_2_label_seq_id 
_pdbx_struct_sheet_hbond.range_2_PDB_ins_code 
_pdbx_struct_sheet_hbond.range_2_auth_atom_id 
_pdbx_struct_sheet_hbond.range_2_auth_comp_id 
_pdbx_struct_sheet_hbond.range_2_auth_asym_id 
_pdbx_struct_sheet_hbond.range_2_auth_seq_id 
AA1 1 2 O LEU A 80  ? O LEU AA1 85  N LEU A 61  ? N LEU AA1 66  
AA1 2 3 O GLU A 62  ? O GLU AA1 67  N LYS A 54  ? N LYS AA1 59  
AA1 3 4 O MET A 51  ? O MET AA1 56  N TRP A 30  ? N TRP AA1 35  
AA1 4 5 N TYR A 31  ? N TYR AA1 36  O GLY A 129 ? O GLY AA1 134 
AA1 5 6 O LEU A 128 ? O LEU AA1 133 N TYR A 109 ? N TYR AA1 114 
AA1 6 7 O TYR A 112 ? O TYR AA1 117 N PHE A 99  ? N PHE AA1 104 
AA2 1 2 O LEU A 80  ? O LEU AA1 85  N LEU A 61  ? N LEU AA1 66  
AA2 2 3 O GLU A 62  ? O GLU AA1 67  N LYS A 54  ? N LYS AA1 59  
AA2 3 4 O MET A 51  ? O MET AA1 56  N TRP A 30  ? N TRP AA1 35  
AA2 4 5 N MET A 35  ? N MET AA1 40  O LEU A 156 ? O LEU AA1 161 
AA3 1 2 N SER A 47  ? N SER AA1 52  O LEU A 68  ? O LEU AA1 73  
AA3 2 3 N MET A 67  ? N MET AA1 72  O GLN A 74  ? O GLN AA1 79  
# 
_pdbx_entry_details.entry_id                   8AEH 
_pdbx_entry_details.has_ligand_of_interest     N 
_pdbx_entry_details.compound_details           ? 
_pdbx_entry_details.source_details             ? 
_pdbx_entry_details.nonpolymer_details         ? 
_pdbx_entry_details.sequence_details           ? 
_pdbx_entry_details.has_protein_modification   Y 
# 
loop_
_pdbx_validate_torsion.id 
_pdbx_validate_torsion.PDB_model_num 
_pdbx_validate_torsion.auth_comp_id 
_pdbx_validate_torsion.auth_asym_id 
_pdbx_validate_torsion.auth_seq_id 
_pdbx_validate_torsion.PDB_ins_code 
_pdbx_validate_torsion.label_alt_id 
_pdbx_validate_torsion.phi 
_pdbx_validate_torsion.psi 
1 1 MET AA1 40  ? ? -171.12 143.68  
2 1 TYR AA1 94  ? ? -126.62 -169.66 
3 1 ASP AA1 112 ? ? 85.07   37.81   
4 1 ALA AA1 153 ? ? -64.50  0.24    
5 1 ASN AA1 157 ? ? -156.71 60.82   
6 1 GLU AA1 159 ? ? 88.11   96.61   
# 
loop_
_space_group_symop.id 
_space_group_symop.operation_xyz 
1 x,y,z               
2 -y+1/2,x+1/2,z+1/4  
3 y+1/2,-x+1/2,z+3/4  
4 x+1/2,-y+1/2,-z+3/4 
5 -x+1/2,y+1/2,-z+1/4 
6 -x,-y,z+1/2         
7 y,x,-z              
8 -y,-x,-z+1/2        
# 
loop_
_pdbx_unobs_or_zero_occ_residues.id 
_pdbx_unobs_or_zero_occ_residues.PDB_model_num 
_pdbx_unobs_or_zero_occ_residues.polymer_flag 
_pdbx_unobs_or_zero_occ_residues.occupancy_flag 
_pdbx_unobs_or_zero_occ_residues.auth_asym_id 
_pdbx_unobs_or_zero_occ_residues.auth_comp_id 
_pdbx_unobs_or_zero_occ_residues.auth_seq_id 
_pdbx_unobs_or_zero_occ_residues.PDB_ins_code 
_pdbx_unobs_or_zero_occ_residues.label_asym_id 
_pdbx_unobs_or_zero_occ_residues.label_comp_id 
_pdbx_unobs_or_zero_occ_residues.label_seq_id 
1  1 Y 1 AA1 MET 6   ? A MET 1   
2  1 Y 1 AA1 ARG 7   ? A ARG 2   
3  1 Y 1 AA1 GLY 8   ? A GLY 3   
4  1 Y 1 AA1 SER 9   ? A SER 4   
5  1 Y 1 AA1 HIS 10  ? A HIS 5   
6  1 Y 1 AA1 HIS 11  ? A HIS 6   
7  1 Y 1 AA1 HIS 12  ? A HIS 7   
8  1 Y 1 AA1 HIS 13  ? A HIS 8   
9  1 Y 1 AA1 HIS 14  ? A HIS 9   
10 1 Y 1 AA1 HIS 15  ? A HIS 10  
11 1 Y 1 AA1 THR 16  ? A THR 11  
12 1 Y 1 AA1 ASP 17  ? A ASP 12  
13 1 Y 1 AA1 PRO 18  ? A PRO 13  
14 1 Y 1 AA1 GLN 19  ? A GLN 14  
15 1 Y 1 AA1 ASP 20  ? A ASP 15  
16 1 Y 1 AA1 THR 21  ? A THR 16  
17 1 Y 1 AA1 PRO 22  ? A PRO 17  
18 1 Y 1 AA1 ALA 23  ? A ALA 18  
19 1 Y 1 AA1 LEU 24  ? A LEU 19  
20 1 Y 1 AA1 GLY 25  ? A GLY 20  
21 1 Y 1 AA1 LYS 26  ? A LYS 21  
22 1 Y 1 AA1 ASP 27  ? A ASP 22  
23 1 Y 1 AA1 THR 28  ? A THR 23  
24 1 Y 1 AA1 VAL 29  ? A VAL 24  
25 1 Y 1 AA1 ALA 30  ? A ALA 25  
26 1 Y 1 AA1 ALA 42  ? A ALA 37  
27 1 Y 1 AA1 ASP 43  ? A ASP 38  
28 1 Y 1 AA1 GLN 44  ? A GLN 39  
29 1 Y 1 AA1 GLU 45  ? A GLU 40  
30 1 Y 1 AA1 VAL 46  ? A VAL 41  
31 1 Y 1 AA1 PRO 47  ? A PRO 42  
32 1 Y 1 AA1 GLU 48  ? A GLU 43  
33 1 Y 1 AA1 GLN 61  ? A GLN 56  
34 1 Y 1 AA1 LYS 62  ? A LYS 57  
35 1 Y 1 AA1 GLY 63  ? A GLY 58  
36 1 Y 1 AA1 GLY 64  ? A GLY 59  
37 1 Y 1 AA1 SER 89  ? A SER 84  
38 1 Y 1 AA1 GLU 90  ? A GLU 85  
39 1 Y 1 AA1 PRO 91  ? A PRO 86  
40 1 Y 1 AA1 GLY 92  ? A GLY 87  
41 1 Y 1 AA1 ALA 96  ? A ALA 91  
42 1 Y 1 AA1 TYR 97  ? A TYR 92  
43 1 Y 1 AA1 GLU 98  ? A GLU 93  
44 1 Y 1 AA1 GLY 99  ? A GLY 94  
45 1 Y 1 AA1 GLN 100 ? A GLN 95  
46 1 Y 1 AA1 GLU 121 ? A GLU 116 
47 1 Y 1 AA1 LEU 122 ? A LEU 117 
48 1 Y 1 AA1 HIS 123 ? A HIS 118 
49 1 Y 1 AA1 GLY 124 ? A GLY 119 
50 1 Y 1 AA1 ARG 125 ? A ARG 120 
51 1 Y 1 AA1 GLN 126 ? A GLN 121 
# 
loop_
_chem_comp_atom.comp_id 
_chem_comp_atom.atom_id 
_chem_comp_atom.type_symbol 
_chem_comp_atom.pdbx_aromatic_flag 
_chem_comp_atom.pdbx_stereo_config 
_chem_comp_atom.pdbx_ordinal 
ALA N    N  N N 1   
ALA CA   C  N S 2   
ALA C    C  N N 3   
ALA O    O  N N 4   
ALA CB   C  N N 5   
ALA OXT  O  N N 6   
ALA H    H  N N 7   
ALA H2   H  N N 8   
ALA HA   H  N N 9   
ALA HB1  H  N N 10  
ALA HB2  H  N N 11  
ALA HB3  H  N N 12  
ALA HXT  H  N N 13  
ARG N    N  N N 14  
ARG CA   C  N S 15  
ARG C    C  N N 16  
ARG O    O  N N 17  
ARG CB   C  N N 18  
ARG CG   C  N N 19  
ARG CD   C  N N 20  
ARG NE   N  N N 21  
ARG CZ   C  N N 22  
ARG NH1  N  N N 23  
ARG NH2  N  N N 24  
ARG OXT  O  N N 25  
ARG H    H  N N 26  
ARG H2   H  N N 27  
ARG HA   H  N N 28  
ARG HB2  H  N N 29  
ARG HB3  H  N N 30  
ARG HG2  H  N N 31  
ARG HG3  H  N N 32  
ARG HD2  H  N N 33  
ARG HD3  H  N N 34  
ARG HE   H  N N 35  
ARG HH11 H  N N 36  
ARG HH12 H  N N 37  
ARG HH21 H  N N 38  
ARG HH22 H  N N 39  
ARG HXT  H  N N 40  
ASN N    N  N N 41  
ASN CA   C  N S 42  
ASN C    C  N N 43  
ASN O    O  N N 44  
ASN CB   C  N N 45  
ASN CG   C  N N 46  
ASN OD1  O  N N 47  
ASN ND2  N  N N 48  
ASN OXT  O  N N 49  
ASN H    H  N N 50  
ASN H2   H  N N 51  
ASN HA   H  N N 52  
ASN HB2  H  N N 53  
ASN HB3  H  N N 54  
ASN HD21 H  N N 55  
ASN HD22 H  N N 56  
ASN HXT  H  N N 57  
ASP N    N  N N 58  
ASP CA   C  N S 59  
ASP C    C  N N 60  
ASP O    O  N N 61  
ASP CB   C  N N 62  
ASP CG   C  N N 63  
ASP OD1  O  N N 64  
ASP OD2  O  N N 65  
ASP OXT  O  N N 66  
ASP H    H  N N 67  
ASP H2   H  N N 68  
ASP HA   H  N N 69  
ASP HB2  H  N N 70  
ASP HB3  H  N N 71  
ASP HD2  H  N N 72  
ASP HXT  H  N N 73  
CA  CA   CA N N 74  
CYS N    N  N N 75  
CYS CA   C  N R 76  
CYS C    C  N N 77  
CYS O    O  N N 78  
CYS CB   C  N N 79  
CYS SG   S  N N 80  
CYS OXT  O  N N 81  
CYS H    H  N N 82  
CYS H2   H  N N 83  
CYS HA   H  N N 84  
CYS HB2  H  N N 85  
CYS HB3  H  N N 86  
CYS HG   H  N N 87  
CYS HXT  H  N N 88  
GLN N    N  N N 89  
GLN CA   C  N S 90  
GLN C    C  N N 91  
GLN O    O  N N 92  
GLN CB   C  N N 93  
GLN CG   C  N N 94  
GLN CD   C  N N 95  
GLN OE1  O  N N 96  
GLN NE2  N  N N 97  
GLN OXT  O  N N 98  
GLN H    H  N N 99  
GLN H2   H  N N 100 
GLN HA   H  N N 101 
GLN HB2  H  N N 102 
GLN HB3  H  N N 103 
GLN HG2  H  N N 104 
GLN HG3  H  N N 105 
GLN HE21 H  N N 106 
GLN HE22 H  N N 107 
GLN HXT  H  N N 108 
GLU N    N  N N 109 
GLU CA   C  N S 110 
GLU C    C  N N 111 
GLU O    O  N N 112 
GLU CB   C  N N 113 
GLU CG   C  N N 114 
GLU CD   C  N N 115 
GLU OE1  O  N N 116 
GLU OE2  O  N N 117 
GLU OXT  O  N N 118 
GLU H    H  N N 119 
GLU H2   H  N N 120 
GLU HA   H  N N 121 
GLU HB2  H  N N 122 
GLU HB3  H  N N 123 
GLU HG2  H  N N 124 
GLU HG3  H  N N 125 
GLU HE2  H  N N 126 
GLU HXT  H  N N 127 
GLY N    N  N N 128 
GLY CA   C  N N 129 
GLY C    C  N N 130 
GLY O    O  N N 131 
GLY OXT  O  N N 132 
GLY H    H  N N 133 
GLY H2   H  N N 134 
GLY HA2  H  N N 135 
GLY HA3  H  N N 136 
GLY HXT  H  N N 137 
HIS N    N  N N 138 
HIS CA   C  N S 139 
HIS C    C  N N 140 
HIS O    O  N N 141 
HIS CB   C  N N 142 
HIS CG   C  Y N 143 
HIS ND1  N  Y N 144 
HIS CD2  C  Y N 145 
HIS CE1  C  Y N 146 
HIS NE2  N  Y N 147 
HIS OXT  O  N N 148 
HIS H    H  N N 149 
HIS H2   H  N N 150 
HIS HA   H  N N 151 
HIS HB2  H  N N 152 
HIS HB3  H  N N 153 
HIS HD1  H  N N 154 
HIS HD2  H  N N 155 
HIS HE1  H  N N 156 
HIS HE2  H  N N 157 
HIS HXT  H  N N 158 
ILE N    N  N N 159 
ILE CA   C  N S 160 
ILE C    C  N N 161 
ILE O    O  N N 162 
ILE CB   C  N S 163 
ILE CG1  C  N N 164 
ILE CG2  C  N N 165 
ILE CD1  C  N N 166 
ILE OXT  O  N N 167 
ILE H    H  N N 168 
ILE H2   H  N N 169 
ILE HA   H  N N 170 
ILE HB   H  N N 171 
ILE HG12 H  N N 172 
ILE HG13 H  N N 173 
ILE HG21 H  N N 174 
ILE HG22 H  N N 175 
ILE HG23 H  N N 176 
ILE HD11 H  N N 177 
ILE HD12 H  N N 178 
ILE HD13 H  N N 179 
ILE HXT  H  N N 180 
LEU N    N  N N 181 
LEU CA   C  N S 182 
LEU C    C  N N 183 
LEU O    O  N N 184 
LEU CB   C  N N 185 
LEU CG   C  N N 186 
LEU CD1  C  N N 187 
LEU CD2  C  N N 188 
LEU OXT  O  N N 189 
LEU H    H  N N 190 
LEU H2   H  N N 191 
LEU HA   H  N N 192 
LEU HB2  H  N N 193 
LEU HB3  H  N N 194 
LEU HG   H  N N 195 
LEU HD11 H  N N 196 
LEU HD12 H  N N 197 
LEU HD13 H  N N 198 
LEU HD21 H  N N 199 
LEU HD22 H  N N 200 
LEU HD23 H  N N 201 
LEU HXT  H  N N 202 
LYS N    N  N N 203 
LYS CA   C  N S 204 
LYS C    C  N N 205 
LYS O    O  N N 206 
LYS CB   C  N N 207 
LYS CG   C  N N 208 
LYS CD   C  N N 209 
LYS CE   C  N N 210 
LYS NZ   N  N N 211 
LYS OXT  O  N N 212 
LYS H    H  N N 213 
LYS H2   H  N N 214 
LYS HA   H  N N 215 
LYS HB2  H  N N 216 
LYS HB3  H  N N 217 
LYS HG2  H  N N 218 
LYS HG3  H  N N 219 
LYS HD2  H  N N 220 
LYS HD3  H  N N 221 
LYS HE2  H  N N 222 
LYS HE3  H  N N 223 
LYS HZ1  H  N N 224 
LYS HZ2  H  N N 225 
LYS HZ3  H  N N 226 
LYS HXT  H  N N 227 
MET N    N  N N 228 
MET CA   C  N S 229 
MET C    C  N N 230 
MET O    O  N N 231 
MET CB   C  N N 232 
MET CG   C  N N 233 
MET SD   S  N N 234 
MET CE   C  N N 235 
MET OXT  O  N N 236 
MET H    H  N N 237 
MET H2   H  N N 238 
MET HA   H  N N 239 
MET HB2  H  N N 240 
MET HB3  H  N N 241 
MET HG2  H  N N 242 
MET HG3  H  N N 243 
MET HE1  H  N N 244 
MET HE2  H  N N 245 
MET HE3  H  N N 246 
MET HXT  H  N N 247 
PHE N    N  N N 248 
PHE CA   C  N S 249 
PHE C    C  N N 250 
PHE O    O  N N 251 
PHE CB   C  N N 252 
PHE CG   C  Y N 253 
PHE CD1  C  Y N 254 
PHE CD2  C  Y N 255 
PHE CE1  C  Y N 256 
PHE CE2  C  Y N 257 
PHE CZ   C  Y N 258 
PHE OXT  O  N N 259 
PHE H    H  N N 260 
PHE H2   H  N N 261 
PHE HA   H  N N 262 
PHE HB2  H  N N 263 
PHE HB3  H  N N 264 
PHE HD1  H  N N 265 
PHE HD2  H  N N 266 
PHE HE1  H  N N 267 
PHE HE2  H  N N 268 
PHE HZ   H  N N 269 
PHE HXT  H  N N 270 
PRO N    N  N N 271 
PRO CA   C  N S 272 
PRO C    C  N N 273 
PRO O    O  N N 274 
PRO CB   C  N N 275 
PRO CG   C  N N 276 
PRO CD   C  N N 277 
PRO OXT  O  N N 278 
PRO H    H  N N 279 
PRO HA   H  N N 280 
PRO HB2  H  N N 281 
PRO HB3  H  N N 282 
PRO HG2  H  N N 283 
PRO HG3  H  N N 284 
PRO HD2  H  N N 285 
PRO HD3  H  N N 286 
PRO HXT  H  N N 287 
SER N    N  N N 288 
SER CA   C  N S 289 
SER C    C  N N 290 
SER O    O  N N 291 
SER CB   C  N N 292 
SER OG   O  N N 293 
SER OXT  O  N N 294 
SER H    H  N N 295 
SER H2   H  N N 296 
SER HA   H  N N 297 
SER HB2  H  N N 298 
SER HB3  H  N N 299 
SER HG   H  N N 300 
SER HXT  H  N N 301 
THR N    N  N N 302 
THR CA   C  N S 303 
THR C    C  N N 304 
THR O    O  N N 305 
THR CB   C  N R 306 
THR OG1  O  N N 307 
THR CG2  C  N N 308 
THR OXT  O  N N 309 
THR H    H  N N 310 
THR H2   H  N N 311 
THR HA   H  N N 312 
THR HB   H  N N 313 
THR HG1  H  N N 314 
THR HG21 H  N N 315 
THR HG22 H  N N 316 
THR HG23 H  N N 317 
THR HXT  H  N N 318 
TRP N    N  N N 319 
TRP CA   C  N S 320 
TRP C    C  N N 321 
TRP O    O  N N 322 
TRP CB   C  N N 323 
TRP CG   C  Y N 324 
TRP CD1  C  Y N 325 
TRP CD2  C  Y N 326 
TRP NE1  N  Y N 327 
TRP CE2  C  Y N 328 
TRP CE3  C  Y N 329 
TRP CZ2  C  Y N 330 
TRP CZ3  C  Y N 331 
TRP CH2  C  Y N 332 
TRP OXT  O  N N 333 
TRP H    H  N N 334 
TRP H2   H  N N 335 
TRP HA   H  N N 336 
TRP HB2  H  N N 337 
TRP HB3  H  N N 338 
TRP HD1  H  N N 339 
TRP HE1  H  N N 340 
TRP HE3  H  N N 341 
TRP HZ2  H  N N 342 
TRP HZ3  H  N N 343 
TRP HH2  H  N N 344 
TRP HXT  H  N N 345 
TYR N    N  N N 346 
TYR CA   C  N S 347 
TYR C    C  N N 348 
TYR O    O  N N 349 
TYR CB   C  N N 350 
TYR CG   C  Y N 351 
TYR CD1  C  Y N 352 
TYR CD2  C  Y N 353 
TYR CE1  C  Y N 354 
TYR CE2  C  Y N 355 
TYR CZ   C  Y N 356 
TYR OH   O  N N 357 
TYR OXT  O  N N 358 
TYR H    H  N N 359 
TYR H2   H  N N 360 
TYR HA   H  N N 361 
TYR HB2  H  N N 362 
TYR HB3  H  N N 363 
TYR HD1  H  N N 364 
TYR HD2  H  N N 365 
TYR HE1  H  N N 366 
TYR HE2  H  N N 367 
TYR HH   H  N N 368 
TYR HXT  H  N N 369 
VAL N    N  N N 370 
VAL CA   C  N S 371 
VAL C    C  N N 372 
VAL O    O  N N 373 
VAL CB   C  N N 374 
VAL CG1  C  N N 375 
VAL CG2  C  N N 376 
VAL OXT  O  N N 377 
VAL H    H  N N 378 
VAL H2   H  N N 379 
VAL HA   H  N N 380 
VAL HB   H  N N 381 
VAL HG11 H  N N 382 
VAL HG12 H  N N 383 
VAL HG13 H  N N 384 
VAL HG21 H  N N 385 
VAL HG22 H  N N 386 
VAL HG23 H  N N 387 
VAL HXT  H  N N 388 
# 
loop_
_chem_comp_bond.comp_id 
_chem_comp_bond.atom_id_1 
_chem_comp_bond.atom_id_2 
_chem_comp_bond.value_order 
_chem_comp_bond.pdbx_aromatic_flag 
_chem_comp_bond.pdbx_stereo_config 
_chem_comp_bond.pdbx_ordinal 
ALA N   CA   sing N N 1   
ALA N   H    sing N N 2   
ALA N   H2   sing N N 3   
ALA CA  C    sing N N 4   
ALA CA  CB   sing N N 5   
ALA CA  HA   sing N N 6   
ALA C   O    doub N N 7   
ALA C   OXT  sing N N 8   
ALA CB  HB1  sing N N 9   
ALA CB  HB2  sing N N 10  
ALA CB  HB3  sing N N 11  
ALA OXT HXT  sing N N 12  
ARG N   CA   sing N N 13  
ARG N   H    sing N N 14  
ARG N   H2   sing N N 15  
ARG CA  C    sing N N 16  
ARG CA  CB   sing N N 17  
ARG CA  HA   sing N N 18  
ARG C   O    doub N N 19  
ARG C   OXT  sing N N 20  
ARG CB  CG   sing N N 21  
ARG CB  HB2  sing N N 22  
ARG CB  HB3  sing N N 23  
ARG CG  CD   sing N N 24  
ARG CG  HG2  sing N N 25  
ARG CG  HG3  sing N N 26  
ARG CD  NE   sing N N 27  
ARG CD  HD2  sing N N 28  
ARG CD  HD3  sing N N 29  
ARG NE  CZ   sing N N 30  
ARG NE  HE   sing N N 31  
ARG CZ  NH1  sing N N 32  
ARG CZ  NH2  doub N N 33  
ARG NH1 HH11 sing N N 34  
ARG NH1 HH12 sing N N 35  
ARG NH2 HH21 sing N N 36  
ARG NH2 HH22 sing N N 37  
ARG OXT HXT  sing N N 38  
ASN N   CA   sing N N 39  
ASN N   H    sing N N 40  
ASN N   H2   sing N N 41  
ASN CA  C    sing N N 42  
ASN CA  CB   sing N N 43  
ASN CA  HA   sing N N 44  
ASN C   O    doub N N 45  
ASN C   OXT  sing N N 46  
ASN CB  CG   sing N N 47  
ASN CB  HB2  sing N N 48  
ASN CB  HB3  sing N N 49  
ASN CG  OD1  doub N N 50  
ASN CG  ND2  sing N N 51  
ASN ND2 HD21 sing N N 52  
ASN ND2 HD22 sing N N 53  
ASN OXT HXT  sing N N 54  
ASP N   CA   sing N N 55  
ASP N   H    sing N N 56  
ASP N   H2   sing N N 57  
ASP CA  C    sing N N 58  
ASP CA  CB   sing N N 59  
ASP CA  HA   sing N N 60  
ASP C   O    doub N N 61  
ASP C   OXT  sing N N 62  
ASP CB  CG   sing N N 63  
ASP CB  HB2  sing N N 64  
ASP CB  HB3  sing N N 65  
ASP CG  OD1  doub N N 66  
ASP CG  OD2  sing N N 67  
ASP OD2 HD2  sing N N 68  
ASP OXT HXT  sing N N 69  
CYS N   CA   sing N N 70  
CYS N   H    sing N N 71  
CYS N   H2   sing N N 72  
CYS CA  C    sing N N 73  
CYS CA  CB   sing N N 74  
CYS CA  HA   sing N N 75  
CYS C   O    doub N N 76  
CYS C   OXT  sing N N 77  
CYS CB  SG   sing N N 78  
CYS CB  HB2  sing N N 79  
CYS CB  HB3  sing N N 80  
CYS SG  HG   sing N N 81  
CYS OXT HXT  sing N N 82  
GLN N   CA   sing N N 83  
GLN N   H    sing N N 84  
GLN N   H2   sing N N 85  
GLN CA  C    sing N N 86  
GLN CA  CB   sing N N 87  
GLN CA  HA   sing N N 88  
GLN C   O    doub N N 89  
GLN C   OXT  sing N N 90  
GLN CB  CG   sing N N 91  
GLN CB  HB2  sing N N 92  
GLN CB  HB3  sing N N 93  
GLN CG  CD   sing N N 94  
GLN CG  HG2  sing N N 95  
GLN CG  HG3  sing N N 96  
GLN CD  OE1  doub N N 97  
GLN CD  NE2  sing N N 98  
GLN NE2 HE21 sing N N 99  
GLN NE2 HE22 sing N N 100 
GLN OXT HXT  sing N N 101 
GLU N   CA   sing N N 102 
GLU N   H    sing N N 103 
GLU N   H2   sing N N 104 
GLU CA  C    sing N N 105 
GLU CA  CB   sing N N 106 
GLU CA  HA   sing N N 107 
GLU C   O    doub N N 108 
GLU C   OXT  sing N N 109 
GLU CB  CG   sing N N 110 
GLU CB  HB2  sing N N 111 
GLU CB  HB3  sing N N 112 
GLU CG  CD   sing N N 113 
GLU CG  HG2  sing N N 114 
GLU CG  HG3  sing N N 115 
GLU CD  OE1  doub N N 116 
GLU CD  OE2  sing N N 117 
GLU OE2 HE2  sing N N 118 
GLU OXT HXT  sing N N 119 
GLY N   CA   sing N N 120 
GLY N   H    sing N N 121 
GLY N   H2   sing N N 122 
GLY CA  C    sing N N 123 
GLY CA  HA2  sing N N 124 
GLY CA  HA3  sing N N 125 
GLY C   O    doub N N 126 
GLY C   OXT  sing N N 127 
GLY OXT HXT  sing N N 128 
HIS N   CA   sing N N 129 
HIS N   H    sing N N 130 
HIS N   H2   sing N N 131 
HIS CA  C    sing N N 132 
HIS CA  CB   sing N N 133 
HIS CA  HA   sing N N 134 
HIS C   O    doub N N 135 
HIS C   OXT  sing N N 136 
HIS CB  CG   sing N N 137 
HIS CB  HB2  sing N N 138 
HIS CB  HB3  sing N N 139 
HIS CG  ND1  sing Y N 140 
HIS CG  CD2  doub Y N 141 
HIS ND1 CE1  doub Y N 142 
HIS ND1 HD1  sing N N 143 
HIS CD2 NE2  sing Y N 144 
HIS CD2 HD2  sing N N 145 
HIS CE1 NE2  sing Y N 146 
HIS CE1 HE1  sing N N 147 
HIS NE2 HE2  sing N N 148 
HIS OXT HXT  sing N N 149 
ILE N   CA   sing N N 150 
ILE N   H    sing N N 151 
ILE N   H2   sing N N 152 
ILE CA  C    sing N N 153 
ILE CA  CB   sing N N 154 
ILE CA  HA   sing N N 155 
ILE C   O    doub N N 156 
ILE C   OXT  sing N N 157 
ILE CB  CG1  sing N N 158 
ILE CB  CG2  sing N N 159 
ILE CB  HB   sing N N 160 
ILE CG1 CD1  sing N N 161 
ILE CG1 HG12 sing N N 162 
ILE CG1 HG13 sing N N 163 
ILE CG2 HG21 sing N N 164 
ILE CG2 HG22 sing N N 165 
ILE CG2 HG23 sing N N 166 
ILE CD1 HD11 sing N N 167 
ILE CD1 HD12 sing N N 168 
ILE CD1 HD13 sing N N 169 
ILE OXT HXT  sing N N 170 
LEU N   CA   sing N N 171 
LEU N   H    sing N N 172 
LEU N   H2   sing N N 173 
LEU CA  C    sing N N 174 
LEU CA  CB   sing N N 175 
LEU CA  HA   sing N N 176 
LEU C   O    doub N N 177 
LEU C   OXT  sing N N 178 
LEU CB  CG   sing N N 179 
LEU CB  HB2  sing N N 180 
LEU CB  HB3  sing N N 181 
LEU CG  CD1  sing N N 182 
LEU CG  CD2  sing N N 183 
LEU CG  HG   sing N N 184 
LEU CD1 HD11 sing N N 185 
LEU CD1 HD12 sing N N 186 
LEU CD1 HD13 sing N N 187 
LEU CD2 HD21 sing N N 188 
LEU CD2 HD22 sing N N 189 
LEU CD2 HD23 sing N N 190 
LEU OXT HXT  sing N N 191 
LYS N   CA   sing N N 192 
LYS N   H    sing N N 193 
LYS N   H2   sing N N 194 
LYS CA  C    sing N N 195 
LYS CA  CB   sing N N 196 
LYS CA  HA   sing N N 197 
LYS C   O    doub N N 198 
LYS C   OXT  sing N N 199 
LYS CB  CG   sing N N 200 
LYS CB  HB2  sing N N 201 
LYS CB  HB3  sing N N 202 
LYS CG  CD   sing N N 203 
LYS CG  HG2  sing N N 204 
LYS CG  HG3  sing N N 205 
LYS CD  CE   sing N N 206 
LYS CD  HD2  sing N N 207 
LYS CD  HD3  sing N N 208 
LYS CE  NZ   sing N N 209 
LYS CE  HE2  sing N N 210 
LYS CE  HE3  sing N N 211 
LYS NZ  HZ1  sing N N 212 
LYS NZ  HZ2  sing N N 213 
LYS NZ  HZ3  sing N N 214 
LYS OXT HXT  sing N N 215 
MET N   CA   sing N N 216 
MET N   H    sing N N 217 
MET N   H2   sing N N 218 
MET CA  C    sing N N 219 
MET CA  CB   sing N N 220 
MET CA  HA   sing N N 221 
MET C   O    doub N N 222 
MET C   OXT  sing N N 223 
MET CB  CG   sing N N 224 
MET CB  HB2  sing N N 225 
MET CB  HB3  sing N N 226 
MET CG  SD   sing N N 227 
MET CG  HG2  sing N N 228 
MET CG  HG3  sing N N 229 
MET SD  CE   sing N N 230 
MET CE  HE1  sing N N 231 
MET CE  HE2  sing N N 232 
MET CE  HE3  sing N N 233 
MET OXT HXT  sing N N 234 
PHE N   CA   sing N N 235 
PHE N   H    sing N N 236 
PHE N   H2   sing N N 237 
PHE CA  C    sing N N 238 
PHE CA  CB   sing N N 239 
PHE CA  HA   sing N N 240 
PHE C   O    doub N N 241 
PHE C   OXT  sing N N 242 
PHE CB  CG   sing N N 243 
PHE CB  HB2  sing N N 244 
PHE CB  HB3  sing N N 245 
PHE CG  CD1  doub Y N 246 
PHE CG  CD2  sing Y N 247 
PHE CD1 CE1  sing Y N 248 
PHE CD1 HD1  sing N N 249 
PHE CD2 CE2  doub Y N 250 
PHE CD2 HD2  sing N N 251 
PHE CE1 CZ   doub Y N 252 
PHE CE1 HE1  sing N N 253 
PHE CE2 CZ   sing Y N 254 
PHE CE2 HE2  sing N N 255 
PHE CZ  HZ   sing N N 256 
PHE OXT HXT  sing N N 257 
PRO N   CA   sing N N 258 
PRO N   CD   sing N N 259 
PRO N   H    sing N N 260 
PRO CA  C    sing N N 261 
PRO CA  CB   sing N N 262 
PRO CA  HA   sing N N 263 
PRO C   O    doub N N 264 
PRO C   OXT  sing N N 265 
PRO CB  CG   sing N N 266 
PRO CB  HB2  sing N N 267 
PRO CB  HB3  sing N N 268 
PRO CG  CD   sing N N 269 
PRO CG  HG2  sing N N 270 
PRO CG  HG3  sing N N 271 
PRO CD  HD2  sing N N 272 
PRO CD  HD3  sing N N 273 
PRO OXT HXT  sing N N 274 
SER N   CA   sing N N 275 
SER N   H    sing N N 276 
SER N   H2   sing N N 277 
SER CA  C    sing N N 278 
SER CA  CB   sing N N 279 
SER CA  HA   sing N N 280 
SER C   O    doub N N 281 
SER C   OXT  sing N N 282 
SER CB  OG   sing N N 283 
SER CB  HB2  sing N N 284 
SER CB  HB3  sing N N 285 
SER OG  HG   sing N N 286 
SER OXT HXT  sing N N 287 
THR N   CA   sing N N 288 
THR N   H    sing N N 289 
THR N   H2   sing N N 290 
THR CA  C    sing N N 291 
THR CA  CB   sing N N 292 
THR CA  HA   sing N N 293 
THR C   O    doub N N 294 
THR C   OXT  sing N N 295 
THR CB  OG1  sing N N 296 
THR CB  CG2  sing N N 297 
THR CB  HB   sing N N 298 
THR OG1 HG1  sing N N 299 
THR CG2 HG21 sing N N 300 
THR CG2 HG22 sing N N 301 
THR CG2 HG23 sing N N 302 
THR OXT HXT  sing N N 303 
TRP N   CA   sing N N 304 
TRP N   H    sing N N 305 
TRP N   H2   sing N N 306 
TRP CA  C    sing N N 307 
TRP CA  CB   sing N N 308 
TRP CA  HA   sing N N 309 
TRP C   O    doub N N 310 
TRP C   OXT  sing N N 311 
TRP CB  CG   sing N N 312 
TRP CB  HB2  sing N N 313 
TRP CB  HB3  sing N N 314 
TRP CG  CD1  doub Y N 315 
TRP CG  CD2  sing Y N 316 
TRP CD1 NE1  sing Y N 317 
TRP CD1 HD1  sing N N 318 
TRP CD2 CE2  doub Y N 319 
TRP CD2 CE3  sing Y N 320 
TRP NE1 CE2  sing Y N 321 
TRP NE1 HE1  sing N N 322 
TRP CE2 CZ2  sing Y N 323 
TRP CE3 CZ3  doub Y N 324 
TRP CE3 HE3  sing N N 325 
TRP CZ2 CH2  doub Y N 326 
TRP CZ2 HZ2  sing N N 327 
TRP CZ3 CH2  sing Y N 328 
TRP CZ3 HZ3  sing N N 329 
TRP CH2 HH2  sing N N 330 
TRP OXT HXT  sing N N 331 
TYR N   CA   sing N N 332 
TYR N   H    sing N N 333 
TYR N   H2   sing N N 334 
TYR CA  C    sing N N 335 
TYR CA  CB   sing N N 336 
TYR CA  HA   sing N N 337 
TYR C   O    doub N N 338 
TYR C   OXT  sing N N 339 
TYR CB  CG   sing N N 340 
TYR CB  HB2  sing N N 341 
TYR CB  HB3  sing N N 342 
TYR CG  CD1  doub Y N 343 
TYR CG  CD2  sing Y N 344 
TYR CD1 CE1  sing Y N 345 
TYR CD1 HD1  sing N N 346 
TYR CD2 CE2  doub Y N 347 
TYR CD2 HD2  sing N N 348 
TYR CE1 CZ   doub Y N 349 
TYR CE1 HE1  sing N N 350 
TYR CE2 CZ   sing Y N 351 
TYR CE2 HE2  sing N N 352 
TYR CZ  OH   sing N N 353 
TYR OH  HH   sing N N 354 
TYR OXT HXT  sing N N 355 
VAL N   CA   sing N N 356 
VAL N   H    sing N N 357 
VAL N   H2   sing N N 358 
VAL CA  C    sing N N 359 
VAL CA  CB   sing N N 360 
VAL CA  HA   sing N N 361 
VAL C   O    doub N N 362 
VAL C   OXT  sing N N 363 
VAL CB  CG1  sing N N 364 
VAL CB  CG2  sing N N 365 
VAL CB  HB   sing N N 366 
VAL CG1 HG11 sing N N 367 
VAL CG1 HG12 sing N N 368 
VAL CG1 HG13 sing N N 369 
VAL CG2 HG21 sing N N 370 
VAL CG2 HG22 sing N N 371 
VAL CG2 HG23 sing N N 372 
VAL OXT HXT  sing N N 373 
# 
_pdbx_audit_support.funding_organization   'Other private' 
_pdbx_audit_support.country                France 
_pdbx_audit_support.grant_number           ? 
_pdbx_audit_support.ordinal                1 
# 
_space_group.name_H-M_alt     'P 41 21 2' 
_space_group.name_Hall        'P 4abw 2nw' 
_space_group.IT_number        92 
_space_group.crystal_system   tetragonal 
_space_group.id               1 
# 
_atom_sites.entry_id                    8AEH 
_atom_sites.Cartn_transf_matrix[1][1]   ? 
_atom_sites.Cartn_transf_matrix[1][2]   ? 
_atom_sites.Cartn_transf_matrix[1][3]   ? 
_atom_sites.Cartn_transf_matrix[2][1]   ? 
_atom_sites.Cartn_transf_matrix[2][2]   ? 
_atom_sites.Cartn_transf_matrix[2][3]   ? 
_atom_sites.Cartn_transf_matrix[3][1]   ? 
_atom_sites.Cartn_transf_matrix[3][2]   ? 
_atom_sites.Cartn_transf_matrix[3][3]   ? 
_atom_sites.Cartn_transf_vector[1]      ? 
_atom_sites.Cartn_transf_vector[2]      ? 
_atom_sites.Cartn_transf_vector[3]      ? 
_atom_sites.fract_transf_matrix[1][1]   0.00613468 
_atom_sites.fract_transf_matrix[1][2]   0.00005217 
_atom_sites.fract_transf_matrix[1][3]   -0.00953128 
_atom_sites.fract_transf_matrix[2][1]   -0.00940903 
_atom_sites.fract_transf_matrix[2][2]   -0.00177746 
_atom_sites.fract_transf_matrix[2][3]   -0.00606572 
_atom_sites.fract_transf_matrix[3][1]   -0.00358034 
_atom_sites.fract_transf_matrix[3][2]   0.02632495 
_atom_sites.fract_transf_matrix[3][3]   -0.00216034 
_atom_sites.fract_transf_vector[1]      0.036192 
_atom_sites.fract_transf_vector[2]      0.282823 
_atom_sites.fract_transf_vector[3]      0.253750 
_atom_sites.solution_primary            ? 
_atom_sites.solution_secondary          ? 
_atom_sites.solution_hydrogens          ? 
_atom_sites.special_details             ? 
# 
loop_
_atom_type.symbol 
_atom_type.scat_dispersion_real 
_atom_type.scat_dispersion_imag 
_atom_type.scat_Cromer_Mann_a1 
_atom_type.scat_Cromer_Mann_a2 
_atom_type.scat_Cromer_Mann_a3 
_atom_type.scat_Cromer_Mann_a4 
_atom_type.scat_Cromer_Mann_b1 
_atom_type.scat_Cromer_Mann_b2 
_atom_type.scat_Cromer_Mann_b3 
_atom_type.scat_Cromer_Mann_b4 
_atom_type.scat_Cromer_Mann_c 
_atom_type.scat_source 
_atom_type.scat_dispersion_source 
C  ? ? 3.54356  2.42580 ? ? 25.62398 1.50364  ? ? 0.0 
;2-Gaussian fit: Grosse-Kunstleve RW, Sauter NK, Adams PD: Newsletter of the IUCr Commission on Crystallographic Computing 2004, 3, 22-31.
;
? 
CA ? ? 16.26893 3.65395 ? ? 3.58509  77.28589 ? ? 0.0 
;2-Gaussian fit: Grosse-Kunstleve RW, Sauter NK, Adams PD: Newsletter of the IUCr Commission on Crystallographic Computing 2004, 3, 22-31.
;
? 
N  ? ? 6.96715  ?       ? ? 11.43723 ?        ? ? 0.0 
;1-Gaussian fit: Grosse-Kunstleve RW, Sauter NK, Adams PD: Newsletter of the IUCr Commission on Crystallographic Computing 2004, 3, 22-31.
;
? 
O  ? ? 7.96527  ?       ? ? 9.05267  ?        ? ? 0.0 
;1-Gaussian fit: Grosse-Kunstleve RW, Sauter NK, Adams PD: Newsletter of the IUCr Commission on Crystallographic Computing 2004, 3, 22-31.
;
? 
S  ? ? 9.55732  6.39887 ? ? 1.23737  29.19336 ? ? 0.0 
;2-Gaussian fit: Grosse-Kunstleve RW, Sauter NK, Adams PD: Newsletter of the IUCr Commission on Crystallographic Computing 2004, 3, 22-31.
;
? 
# 
loop_
_atom_site.group_PDB 
_atom_site.id 
_atom_site.type_symbol 
_atom_site.label_atom_id 
_atom_site.label_alt_id 
_atom_site.label_comp_id 
_atom_site.label_asym_id 
_atom_site.label_entity_id 
_atom_site.label_seq_id 
_atom_site.pdbx_PDB_ins_code 
_atom_site.Cartn_x 
_atom_site.Cartn_y 
_atom_site.Cartn_z 
_atom_site.occupancy 
_atom_site.B_iso_or_equiv 
_atom_site.pdbx_formal_charge 
_atom_site.auth_seq_id 
_atom_site.auth_comp_id 
_atom_site.auth_asym_id 
_atom_site.auth_atom_id 
_atom_site.pdbx_PDB_model_num 
ATOM   1   N  N   . VAL A 1 26  ? 10.31049  3.49175   9.45596   1.000 54.42000  ? 31  VAL AA1 N   1 
ATOM   2   C  CA  . VAL A 1 26  ? 9.20184   2.82437   8.76253   1.000 83.84000  ? 31  VAL AA1 CA  1 
ATOM   3   C  C   . VAL A 1 26  ? 8.03213   2.54362   9.72301   1.000 82.60000  ? 31  VAL AA1 C   1 
ATOM   4   O  O   . VAL A 1 26  ? 7.36526   1.50711   9.63537   1.000 79.97000  ? 31  VAL AA1 O   1 
ATOM   5   C  CB  . VAL A 1 26  ? 9.67210   1.52324   8.08172   1.000 62.88000  ? 31  VAL AA1 CB  1 
ATOM   6   N  N   . SER A 1 27  ? 7.78346   3.48742   10.63012  1.000 75.36000  ? 32  SER AA1 N   1 
ATOM   7   C  CA  . SER A 1 27  ? 6.77224   3.33436   11.66239  1.000 70.63000  ? 32  SER AA1 CA  1 
ATOM   8   C  C   . SER A 1 27  ? 5.88482   4.56984   11.71638  1.000 77.58000  ? 32  SER AA1 C   1 
ATOM   9   O  O   . SER A 1 27  ? 6.31495   5.68196   11.39042  1.000 72.96000  ? 32  SER AA1 O   1 
ATOM   10  N  N   . GLY A 1 28  ? 4.64261   4.35735   12.13585  1.000 69.05000  ? 33  GLY AA1 N   1 
ATOM   11  C  CA  . GLY A 1 28  ? 3.67563   5.42598   12.22573  1.000 59.35000  ? 33  GLY AA1 CA  1 
ATOM   12  C  C   . GLY A 1 28  ? 2.73097   5.47034   11.03760  1.000 64.18000  ? 33  GLY AA1 C   1 
ATOM   13  O  O   . GLY A 1 28  ? 2.67202   4.57167   10.19081  1.000 56.56000  ? 33  GLY AA1 O   1 
ATOM   14  N  N   . LYS A 1 29  ? 1.95828   6.55605   11.01359  1.000 70.74000  ? 34  LYS AA1 N   1 
ATOM   15  C  CA  . LYS A 1 29  ? 1.07309   6.88361   9.90810   1.000 50.15000  ? 34  LYS AA1 CA  1 
ATOM   16  C  C   . LYS A 1 29  ? 1.79030   6.72112   8.57784   1.000 63.83000  ? 34  LYS AA1 C   1 
ATOM   17  O  O   . LYS A 1 29  ? 2.88095   7.26658   8.37065   1.000 62.15000  ? 34  LYS AA1 O   1 
ATOM   18  C  CB  . LYS A 1 29  ? 0.60102   8.32619   10.07001  1.000 56.82000  ? 34  LYS AA1 CB  1 
ATOM   19  C  CG  . LYS A 1 29  ? -0.88011  8.55010   9.92305   1.000 58.41000  ? 34  LYS AA1 CG  1 
ATOM   20  C  CD  . LYS A 1 29  ? -1.25979  9.92226   10.45562  1.000 65.28000  ? 34  LYS AA1 CD  1 
ATOM   21  C  CE  . LYS A 1 29  ? -2.77340  10.10724  10.44333  1.000 79.55000  ? 34  LYS AA1 CE  1 
ATOM   22  N  NZ  . LYS A 1 29  ? -3.20372  11.42150  11.04527  1.000 103.67000 ? 34  LYS AA1 NZ  1 
ATOM   23  N  N   . TRP A 1 30  ? 1.18289   5.93790   7.69025   1.000 66.26000  ? 35  TRP AA1 N   1 
ATOM   24  C  CA  . TRP A 1 30  ? 1.63147   5.76154   6.31544   1.000 58.04000  ? 35  TRP AA1 CA  1 
ATOM   25  C  C   . TRP A 1 30  ? 0.41182   5.78802   5.40214   1.000 54.29000  ? 35  TRP AA1 C   1 
ATOM   26  O  O   . TRP A 1 30  ? -0.72100  5.52354   5.83346   1.000 47.11000  ? 35  TRP AA1 O   1 
ATOM   27  C  CB  . TRP A 1 30  ? 2.42252   4.45550   6.12887   1.000 57.76000  ? 35  TRP AA1 CB  1 
ATOM   28  C  CG  . TRP A 1 30  ? 3.83585   4.45910   6.68060   1.000 56.44000  ? 35  TRP AA1 CG  1 
ATOM   29  C  CD1 . TRP A 1 30  ? 4.24906   3.96579   7.88098   1.000 67.84000  ? 35  TRP AA1 CD1 1 
ATOM   30  C  CD2 . TRP A 1 30  ? 5.02258   4.88042   5.99823   1.000 59.19000  ? 35  TRP AA1 CD2 1 
ATOM   31  N  NE1 . TRP A 1 30  ? 5.61613   4.10639   8.01956   1.000 67.09000  ? 35  TRP AA1 NE1 1 
ATOM   32  C  CE2 . TRP A 1 30  ? 6.11498   4.65928   6.87257   1.000 77.33000  ? 35  TRP AA1 CE2 1 
ATOM   33  C  CE3 . TRP A 1 30  ? 5.27068   5.44108   4.74460   1.000 57.15000  ? 35  TRP AA1 CE3 1 
ATOM   34  C  CZ2 . TRP A 1 30  ? 7.43394   4.98759   6.52811   1.000 73.88000  ? 35  TRP AA1 CZ2 1 
ATOM   35  C  CZ3 . TRP A 1 30  ? 6.57907   5.77311   4.41357   1.000 64.30000  ? 35  TRP AA1 CZ3 1 
ATOM   36  C  CH2 . TRP A 1 30  ? 7.64023   5.54262   5.29986   1.000 55.06000  ? 35  TRP AA1 CH2 1 
ATOM   37  N  N   . TYR A 1 31  ? 0.65161   6.12459   4.13361   1.000 51.34000  ? 36  TYR AA1 N   1 
ATOM   38  C  CA  . TYR A 1 31  ? -0.39048  6.26670   3.12591   1.000 36.83000  ? 36  TYR AA1 CA  1 
ATOM   39  C  C   . TYR A 1 31  ? -0.10254  5.34325   1.95759   1.000 45.83000  ? 36  TYR AA1 C   1 
ATOM   40  O  O   . TYR A 1 31  ? 0.86580   5.55823   1.22034   1.000 53.45000  ? 36  TYR AA1 O   1 
ATOM   41  C  CB  . TYR A 1 31  ? -0.49518  7.70701   2.65136   1.000 27.92000  ? 36  TYR AA1 CB  1 
ATOM   42  C  CG  . TYR A 1 31  ? -0.90167  8.64270   3.74584   1.000 50.79000  ? 36  TYR AA1 CG  1 
ATOM   43  C  CD1 . TYR A 1 31  ? 0.03653   9.18030   4.63330   1.000 61.72000  ? 36  TYR AA1 CD1 1 
ATOM   44  C  CD2 . TYR A 1 31  ? -2.24369  8.98709   3.92334   1.000 50.65000  ? 36  TYR AA1 CD2 1 
ATOM   45  C  CE1 . TYR A 1 31  ? -0.36203  10.04131  5.66824   1.000 58.58000  ? 36  TYR AA1 CE1 1 
ATOM   46  C  CE2 . TYR A 1 31  ? -2.64227  9.82826   4.95103   1.000 52.98000  ? 36  TYR AA1 CE2 1 
ATOM   47  C  CZ  . TYR A 1 31  ? -1.69597  10.35188  5.81509   1.000 48.90000  ? 36  TYR AA1 CZ  1 
ATOM   48  O  OH  . TYR A 1 31  ? -2.07770  11.21144  6.81686   1.000 43.54000  ? 36  TYR AA1 OH  1 
ATOM   49  N  N   . LEU A 1 32  ? -0.94090  4.32237   1.78939   1.000 44.05000  ? 37  LEU AA1 N   1 
ATOM   50  C  CA  . LEU A 1 32  ? -0.93353  3.51439   0.56836   1.000 38.91000  ? 37  LEU AA1 CA  1 
ATOM   51  C  C   . LEU A 1 32  ? -1.49060  4.36996   -0.56922  1.000 39.47000  ? 37  LEU AA1 C   1 
ATOM   52  O  O   . LEU A 1 32  ? -2.70170  4.55259   -0.70435  1.000 41.90000  ? 37  LEU AA1 O   1 
ATOM   53  C  CB  . LEU A 1 32  ? -1.72557  2.22684   0.78767   1.000 36.43000  ? 37  LEU AA1 CB  1 
ATOM   54  C  CG  . LEU A 1 32  ? -1.93164  1.13456   -0.26190  1.000 38.11000  ? 37  LEU AA1 CG  1 
ATOM   55  C  CD1 . LEU A 1 32  ? -0.76742  0.97988   -1.18906  1.000 41.50000  ? 37  LEU AA1 CD1 1 
ATOM   56  C  CD2 . LEU A 1 32  ? -2.14063  -0.18304  0.46333   1.000 51.95000  ? 37  LEU AA1 CD2 1 
ATOM   57  N  N   . LYS A 1 33  ? -0.58894  4.92445   -1.37725  1.000 42.16000  ? 38  LYS AA1 N   1 
ATOM   58  C  CA  . LYS A 1 33  ? -0.90147  5.87610   -2.44016  1.000 42.60000  ? 38  LYS AA1 CA  1 
ATOM   59  C  C   . LYS A 1 33  ? -1.32277  5.18942   -3.73070  1.000 39.88000  ? 38  LYS AA1 C   1 
ATOM   60  O  O   . LYS A 1 33  ? -2.35876  5.55341   -4.30274  1.000 43.61000  ? 38  LYS AA1 O   1 
ATOM   61  C  CB  . LYS A 1 33  ? 0.30661   6.80565   -2.68977  1.000 40.57000  ? 38  LYS AA1 CB  1 
ATOM   62  C  CG  . LYS A 1 33  ? 0.92068   7.38329   -1.40657  1.000 40.77000  ? 38  LYS AA1 CG  1 
ATOM   63  C  CD  . LYS A 1 33  ? 0.89275   8.89473   -1.33898  1.000 34.76000  ? 38  LYS AA1 CD  1 
ATOM   64  C  CE  . LYS A 1 33  ? 2.19065   9.39732   -1.98027  1.000 42.72000  ? 38  LYS AA1 CE  1 
ATOM   65  N  NZ  . LYS A 1 33  ? 2.68127   10.75481  -1.58808  1.000 45.99000  ? 38  LYS AA1 NZ  1 
ATOM   66  N  N   . ALA A 1 34  ? -0.55561  4.18883   -4.19022  1.000 40.47000  ? 39  ALA AA1 N   1 
ATOM   67  C  CA  . ALA A 1 34  ? -0.86181  3.50956   -5.45778  1.000 43.44000  ? 39  ALA AA1 CA  1 
ATOM   68  C  C   . ALA A 1 34  ? -0.65303  1.99269   -5.34835  1.000 46.00000  ? 39  ALA AA1 C   1 
ATOM   69  O  O   . ALA A 1 34  ? -0.20534  1.47579   -4.31975  1.000 41.55000  ? 39  ALA AA1 O   1 
ATOM   70  C  CB  . ALA A 1 34  ? -0.04220  4.09602   -6.60387  1.000 35.10000  ? 39  ALA AA1 CB  1 
ATOM   71  N  N   . MET A 1 35  ? -1.02154  1.26614   -6.41009  1.000 40.24000  ? 40  MET AA1 N   1 
ATOM   72  C  CA  . MET A 1 35  ? -0.88301  -0.19574  -6.43953  1.000 54.97000  ? 40  MET AA1 CA  1 
ATOM   73  C  C   . MET A 1 35  ? -1.17624  -0.69495  -7.84164  1.000 50.85000  ? 40  MET AA1 C   1 
ATOM   74  O  O   . MET A 1 35  ? -2.08744  -0.18878  -8.49195  1.000 49.05000  ? 40  MET AA1 O   1 
ATOM   75  C  CB  . MET A 1 35  ? -1.83717  -0.93908  -5.48912  1.000 53.17000  ? 40  MET AA1 CB  1 
ATOM   76  C  CG  . MET A 1 35  ? -3.30547  -0.66208  -5.76311  1.000 58.40000  ? 40  MET AA1 CG  1 
ATOM   77  S  SD  . MET A 1 35  ? -4.43350  -1.53324  -4.67557  1.000 62.09000  ? 40  MET AA1 SD  1 
ATOM   78  C  CE  . MET A 1 35  ? -4.10799  -3.22196  -5.21263  1.000 67.72000  ? 40  MET AA1 CE  1 
ATOM   79  N  N   . THR A 1 36  ? -0.44093  -1.73281  -8.27074  1.000 58.18000  ? 41  THR AA1 N   1 
ATOM   80  C  CA  . THR A 1 36  ? -0.40706  -2.16818  -9.69625  1.000 61.19000  ? 41  THR AA1 CA  1 
ATOM   81  C  C   . THR A 1 36  ? -1.74741  -2.33332  -10.37552 1.000 64.32000  ? 41  THR AA1 C   1 
ATOM   82  O  O   . THR A 1 36  ? -1.77489  -2.66882  -11.55575 1.000 60.79000  ? 41  THR AA1 O   1 
ATOM   83  C  CB  . THR A 1 36  ? 0.30605   -3.52944  -9.90832  1.000 55.04000  ? 41  THR AA1 CB  1 
ATOM   84  O  OG1 . THR A 1 36  ? -0.34107  -4.55940  -9.12220  1.000 54.71000  ? 41  THR AA1 OG1 1 
ATOM   85  C  CG2 . THR A 1 36  ? 1.81650   -3.41238  -9.65261  1.000 64.85000  ? 41  THR AA1 CG2 1 
ATOM   86  N  N   . LYS A 1 44  ? -8.87954  -3.11066  -6.96668  1.000 42.39000  ? 49  LYS AA1 N   1 
ATOM   87  C  CA  . LYS A 1 44  ? -10.14006 -3.32580  -6.22840  1.000 60.49000  ? 49  LYS AA1 CA  1 
ATOM   88  C  C   . LYS A 1 44  ? -10.56514 -2.16513  -5.29807  1.000 54.63000  ? 49  LYS AA1 C   1 
ATOM   89  O  O   . LYS A 1 44  ? -11.68858 -1.68348  -5.45126  1.000 60.89000  ? 49  LYS AA1 O   1 
ATOM   90  C  CB  . LYS A 1 44  ? -10.08523 -4.64079  -5.42730  1.000 59.89000  ? 49  LYS AA1 CB  1 
ATOM   91  C  CG  . LYS A 1 44  ? -11.40616 -5.37228  -5.40265  1.000 48.59000  ? 49  LYS AA1 CG  1 
ATOM   92  C  CD  . LYS A 1 44  ? -11.85716 -5.64481  -6.80398  1.000 55.76000  ? 49  LYS AA1 CD  1 
ATOM   93  C  CE  . LYS A 1 44  ? -13.32050 -6.10940  -6.88143  1.000 77.59000  ? 49  LYS AA1 CE  1 
ATOM   94  N  NZ  . LYS A 1 44  ? -14.32106 -4.99014  -6.95798  1.000 80.07000  ? 49  LYS AA1 NZ  1 
ATOM   95  N  N   . PRO A 1 45  ? -9.69361  -1.71216  -4.38144  1.000 47.94000  ? 50  PRO AA1 N   1 
ATOM   96  C  CA  . PRO A 1 45  ? -10.10620 -0.67857  -3.41642  1.000 49.86000  ? 50  PRO AA1 CA  1 
ATOM   97  C  C   . PRO A 1 45  ? -10.76046 0.53523   -4.07467  1.000 55.53000  ? 50  PRO AA1 C   1 
ATOM   98  O  O   . PRO A 1 45  ? -10.34296 0.99709   -5.14727  1.000 57.79000  ? 50  PRO AA1 O   1 
ATOM   99  C  CB  . PRO A 1 45  ? -8.78649  -0.28030  -2.74916  1.000 44.00000  ? 50  PRO AA1 CB  1 
ATOM   100 C  CG  . PRO A 1 45  ? -7.93063  -1.43745  -2.85752  1.000 50.01000  ? 50  PRO AA1 CG  1 
ATOM   101 C  CD  . PRO A 1 45  ? -8.26125  -2.02994  -4.21167  1.000 54.03000  ? 50  PRO AA1 CD  1 
ATOM   102 N  N   . ASP A 1 46  ? -11.79726 1.05809   -3.42502  1.000 42.87000  ? 51  ASP AA1 N   1 
ATOM   103 C  CA  . ASP A 1 46  ? -12.41432 2.29317   -3.88559  1.000 50.02000  ? 51  ASP AA1 CA  1 
ATOM   104 C  C   . ASP A 1 46  ? -11.98835 3.49193   -3.06256  1.000 48.56000  ? 51  ASP AA1 C   1 
ATOM   105 O  O   . ASP A 1 46  ? -12.21922 4.63006   -3.49392  1.000 41.94000  ? 51  ASP AA1 O   1 
ATOM   106 C  CB  . ASP A 1 46  ? -13.94580 2.20436   -3.86094  1.000 42.21000  ? 51  ASP AA1 CB  1 
ATOM   107 C  CG  . ASP A 1 46  ? -14.48941 1.06635   -4.69869  1.000 63.21000  ? 51  ASP AA1 CG  1 
ATOM   108 O  OD1 . ASP A 1 46  ? -13.97191 0.77932   -5.79666  1.000 55.26000  ? 51  ASP AA1 OD1 1 
ATOM   109 O  OD2 . ASP A 1 46  ? -15.46598 0.44014   -4.25798  1.000 66.15000  ? 51  ASP AA1 OD2 1 
ATOM   110 N  N   . SER A 1 47  ? -11.40380 3.25265   -1.88847  1.000 46.18000  ? 52  SER AA1 N   1 
ATOM   111 C  CA  . SER A 1 47  ? -10.73813 4.26147   -1.07513  1.000 41.45000  ? 52  SER AA1 CA  1 
ATOM   112 C  C   . SER A 1 47  ? -10.04056 3.52975   0.06794   1.000 42.78000  ? 52  SER AA1 C   1 
ATOM   113 O  O   . SER A 1 47  ? -10.27295 2.34392   0.30313   1.000 41.61000  ? 52  SER AA1 O   1 
ATOM   114 C  CB  . SER A 1 47  ? -11.73522 5.31869   -0.59322  1.000 45.23000  ? 52  SER AA1 CB  1 
ATOM   115 O  OG  . SER A 1 47  ? -11.21763 6.14477   0.44729   1.000 48.77000  ? 52  SER AA1 OG  1 
ATOM   116 N  N   . VAL A 1 48  ? -9.16587  4.23216   0.77391   1.000 49.81000  ? 53  VAL AA1 N   1 
ATOM   117 C  CA  . VAL A 1 48  ? -8.34707  3.54309   1.76689   1.000 55.72000  ? 53  VAL AA1 CA  1 
ATOM   118 C  C   . VAL A 1 48  ? -8.06740  4.50403   2.92020   1.000 49.46000  ? 53  VAL AA1 C   1 
ATOM   119 O  O   . VAL A 1 48  ? -7.92483  5.70774   2.69389   1.000 50.99000  ? 53  VAL AA1 O   1 
ATOM   120 C  CB  . VAL A 1 48  ? -7.06193  3.00926   1.09031   1.000 45.98000  ? 53  VAL AA1 CB  1 
ATOM   121 C  CG1 . VAL A 1 48  ? -6.15419  4.15518   0.68069   1.000 45.71000  ? 53  VAL AA1 CG1 1 
ATOM   122 C  CG2 . VAL A 1 48  ? -6.36370  2.00814   1.95998   1.000 54.69000  ? 53  VAL AA1 CG2 1 
ATOM   123 N  N   . THR A 1 49  ? -8.02576  3.98078   4.16192   1.000 43.51000  ? 54  THR AA1 N   1 
ATOM   124 C  CA  . THR A 1 49  ? -7.70693  4.78690   5.35029   1.000 42.17000  ? 54  THR AA1 CA  1 
ATOM   125 C  C   . THR A 1 49  ? -6.21191  4.81820   5.52425   1.000 42.91000  ? 54  THR AA1 C   1 
ATOM   126 O  O   . THR A 1 49  ? -5.49917  4.11487   4.80416   1.000 43.96000  ? 54  THR AA1 O   1 
ATOM   127 C  CB  . THR A 1 49  ? -8.34010  4.20794   6.63664   1.000 44.08000  ? 54  THR AA1 CB  1 
ATOM   128 O  OG1 . THR A 1 49  ? -8.13176  2.78824   6.74631   1.000 38.87000  ? 54  THR AA1 OG1 1 
ATOM   129 C  CG2 . THR A 1 49  ? -9.79197  4.54907   6.72202   1.000 40.77000  ? 54  THR AA1 CG2 1 
ATOM   130 N  N   . PRO A 1 50  ? -5.69832  5.60438   6.47990   1.000 40.60000  ? 55  PRO AA1 N   1 
ATOM   131 C  CA  . PRO A 1 50  ? -4.26003  5.55936   6.76795   1.000 42.21000  ? 55  PRO AA1 CA  1 
ATOM   132 C  C   . PRO A 1 50  ? -3.79779  4.19066   7.23874   1.000 45.55000  ? 55  PRO AA1 C   1 
ATOM   133 O  O   . PRO A 1 50  ? -4.58504  3.33345   7.64781   1.000 50.99000  ? 55  PRO AA1 O   1 
ATOM   134 C  CB  . PRO A 1 50  ? -4.08580  6.62227   7.84563   1.000 35.73000  ? 55  PRO AA1 CB  1 
ATOM   135 C  CG  . PRO A 1 50  ? -5.13216  7.62708   7.48685   1.000 36.06000  ? 55  PRO AA1 CG  1 
ATOM   136 C  CD  . PRO A 1 50  ? -6.29974  6.84837   6.99035   1.000 40.86000  ? 55  PRO AA1 CD  1 
ATOM   137 N  N   . MET A 1 51  ? -2.49535  3.97111   7.09352   1.000 42.59000  ? 56  MET AA1 N   1 
ATOM   138 C  CA  . MET A 1 51  ? -1.86560  2.73380   7.51824   1.000 43.62000  ? 56  MET AA1 CA  1 
ATOM   139 C  C   . MET A 1 51  ? -1.10731  2.97609   8.80680   1.000 58.21000  ? 56  MET AA1 C   1 
ATOM   140 O  O   . MET A 1 51  ? -0.49878  4.03072   9.00207   1.000 59.90000  ? 56  MET AA1 O   1 
ATOM   141 C  CB  . MET A 1 51  ? -0.89229  2.20661   6.47688   1.000 45.03000  ? 56  MET AA1 CB  1 
ATOM   142 C  CG  . MET A 1 51  ? -0.52124  0.75041   6.64945   1.000 43.78000  ? 56  MET AA1 CG  1 
ATOM   143 S  SD  . MET A 1 51  ? 0.54471   0.27800   5.27081   1.000 84.87000  ? 56  MET AA1 SD  1 
ATOM   144 C  CE  . MET A 1 51  ? 0.52575   -1.51809  5.25471   1.000 62.82000  ? 56  MET AA1 CE  1 
ATOM   145 N  N   . ILE A 1 52  ? -1.12147  1.97716   9.67464   1.000 54.25000  ? 57  ILE AA1 N   1 
ATOM   146 C  CA  . ILE A 1 52  ? -0.45543  2.05607   10.96358  1.000 55.05000  ? 57  ILE AA1 CA  1 
ATOM   147 C  C   . ILE A 1 52  ? 0.46447   0.85034   11.05790  1.000 65.86000  ? 57  ILE AA1 C   1 
ATOM   148 O  O   . ILE A 1 52  ? -0.00590  -0.28968  11.17229  1.000 66.05000  ? 57  ILE AA1 O   1 
ATOM   149 C  CB  . ILE A 1 52  ? -1.45683  2.11761   12.12703  1.000 50.22000  ? 57  ILE AA1 CB  1 
ATOM   150 C  CG1 . ILE A 1 52  ? -1.97165  3.53928   12.25299  1.000 40.15000  ? 57  ILE AA1 CG1 1 
ATOM   151 C  CG2 . ILE A 1 52  ? -0.87264  1.63281   13.43155  1.000 48.25000  ? 57  ILE AA1 CG2 1 
ATOM   152 C  CD1 . ILE A 1 52  ? -2.93431  3.71381   13.37182  1.000 37.21000  ? 57  ILE AA1 CD1 1 
ATOM   153 N  N   . LEU A 1 53  ? 1.76898   1.09700   10.93917  1.000 68.37000  ? 58  LEU AA1 N   1 
ATOM   154 C  CA  . LEU A 1 53  ? 2.79206   0.07396   11.10209  1.000 69.47000  ? 58  LEU AA1 CA  1 
ATOM   155 C  C   . LEU A 1 53  ? 3.31901   0.10959   12.52603  1.000 68.51000  ? 58  LEU AA1 C   1 
ATOM   156 O  O   . LEU A 1 53  ? 3.95485   1.08398   12.93229  1.000 59.80000  ? 58  LEU AA1 O   1 
ATOM   157 C  CB  . LEU A 1 53  ? 3.95651   0.26307   10.13177  1.000 72.11000  ? 58  LEU AA1 CB  1 
ATOM   158 C  CG  . LEU A 1 53  ? 3.90572   -0.40356  8.78013   1.000 73.86000  ? 58  LEU AA1 CG  1 
ATOM   159 C  CD1 . LEU A 1 53  ? 2.69916   0.07414   8.01329   1.000 69.20000  ? 58  LEU AA1 CD1 1 
ATOM   160 C  CD2 . LEU A 1 53  ? 5.20088   -0.06753  8.03865   1.000 72.43000  ? 58  LEU AA1 CD2 1 
ATOM   161 N  N   . LYS A 1 54  ? 3.05093   -0.96193  13.26334  1.000 76.38000  ? 59  LYS AA1 N   1 
ATOM   162 C  CA  . LYS A 1 54  ? 3.59115   -1.21622  14.58721  1.000 71.29000  ? 59  LYS AA1 CA  1 
ATOM   163 C  C   . LYS A 1 54  ? 4.70687   -2.24314  14.45059  1.000 80.63000  ? 59  LYS AA1 C   1 
ATOM   164 O  O   . LYS A 1 54  ? 4.58699   -3.18440  13.65473  1.000 83.39000  ? 59  LYS AA1 O   1 
ATOM   165 C  CB  . LYS A 1 54  ? 2.47918   -1.72350  15.51702  1.000 78.77000  ? 59  LYS AA1 CB  1 
ATOM   166 C  CG  . LYS A 1 54  ? 2.83816   -1.89157  16.98278  1.000 88.30000  ? 59  LYS AA1 CG  1 
ATOM   167 N  N   . ALA A 1 55  ? 5.79723   -2.05319  15.19267  1.000 84.82000  ? 60  ALA AA1 N   1 
ATOM   168 C  CA  . ALA A 1 55  ? 6.89501   -3.02277  15.19228  1.000 77.56000  ? 60  ALA AA1 CA  1 
ATOM   169 C  C   . ALA A 1 55  ? 6.82078   -3.91134  16.43115  1.000 75.04000  ? 60  ALA AA1 C   1 
ATOM   170 O  O   . ALA A 1 55  ? 7.43557   -4.97774  16.48328  1.000 86.44000  ? 60  ALA AA1 O   1 
ATOM   171 C  CB  . ALA A 1 55  ? 8.24789   -2.31846  15.11669  1.000 65.13000  ? 60  ALA AA1 CB  1 
ATOM   172 N  N   . ASN A 1 60  ? 8.71883   -8.88372  14.52167  1.000 91.97000  ? 65  ASN AA1 N   1 
ATOM   173 C  CA  . ASN A 1 60  ? 7.59302   -8.85569  13.59504  1.000 91.27000  ? 65  ASN AA1 CA  1 
ATOM   174 C  C   . ASN A 1 60  ? 6.97252   -7.46161  13.46136  1.000 90.99000  ? 65  ASN AA1 C   1 
ATOM   175 O  O   . ASN A 1 60  ? 6.89398   -6.70684  14.42342  1.000 93.14000  ? 65  ASN AA1 O   1 
ATOM   176 C  CB  . ASN A 1 60  ? 6.52484   -9.87093  14.02461  1.000 91.25000  ? 65  ASN AA1 CB  1 
ATOM   177 C  CG  . ASN A 1 60  ? 7.07572   -11.28519 14.12645  1.000 98.08000  ? 65  ASN AA1 CG  1 
ATOM   178 O  OD1 . ASN A 1 60  ? 8.07949   -11.61981 13.49344  1.000 89.31000  ? 65  ASN AA1 OD1 1 
ATOM   179 N  ND2 . ASN A 1 60  ? 6.41860   -12.12614 14.92501  1.000 91.55000  ? 65  ASN AA1 ND2 1 
ATOM   180 N  N   . LEU A 1 61  ? 6.53006   -7.14250  12.24715  1.000 83.80000  ? 66  LEU AA1 N   1 
ATOM   181 C  CA  . LEU A 1 61  ? 5.96005   -5.84644  11.90877  1.000 89.17000  ? 66  LEU AA1 CA  1 
ATOM   182 C  C   . LEU A 1 61  ? 4.46275   -6.02269  11.68737  1.000 80.83000  ? 66  LEU AA1 C   1 
ATOM   183 O  O   . LEU A 1 61  ? 4.03750   -7.05205  11.16304  1.000 76.38000  ? 66  LEU AA1 O   1 
ATOM   184 C  CB  . LEU A 1 61  ? 6.62000   -5.29030  10.64548  1.000 95.39000  ? 66  LEU AA1 CB  1 
ATOM   185 C  CG  . LEU A 1 61  ? 7.43081   -3.99289  10.72491  1.000 85.27000  ? 66  LEU AA1 CG  1 
ATOM   186 C  CD1 . LEU A 1 61  ? 7.78229   -3.52366  9.32088   1.000 79.56000  ? 66  LEU AA1 CD1 1 
ATOM   187 C  CD2 . LEU A 1 61  ? 6.67575   -2.92090  11.47923  1.000 92.80000  ? 66  LEU AA1 CD2 1 
ATOM   188 N  N   . GLU A 1 62  ? 3.66325   -5.02444  12.08563  1.000 73.12000  ? 67  GLU AA1 N   1 
ATOM   189 C  CA  . GLU A 1 62  ? 2.21062   -5.17521  12.15000  1.000 70.63000  ? 67  GLU AA1 CA  1 
ATOM   190 C  C   . GLU A 1 62  ? 1.51898   -3.97218  11.52114  1.000 61.05000  ? 67  GLU AA1 C   1 
ATOM   191 O  O   . GLU A 1 62  ? 1.60637   -2.85912  12.04609  1.000 55.87000  ? 67  GLU AA1 O   1 
ATOM   192 C  CB  . GLU A 1 62  ? 1.73234   -5.33306  13.59781  1.000 82.95000  ? 67  GLU AA1 CB  1 
ATOM   193 C  CG  . GLU A 1 62  ? 0.21128   -5.33517  13.71170  1.000 82.55000  ? 67  GLU AA1 CG  1 
ATOM   194 C  CD  . GLU A 1 62  ? -0.28329  -5.32660  15.14161  1.000 86.87000  ? 67  GLU AA1 CD  1 
ATOM   195 O  OE1 . GLU A 1 62  ? -0.24225  -4.24956  15.77330  1.000 85.51000  ? 67  GLU AA1 OE1 1 
ATOM   196 O  OE2 . GLU A 1 62  ? -0.68866  -6.40221  15.63711  1.000 95.47000  ? 67  GLU AA1 OE2 1 
ATOM   197 N  N   . ALA A 1 63  ? 0.76712   -4.21068  10.45318  1.000 68.92000  ? 68  ALA AA1 N   1 
ATOM   198 C  CA  . ALA A 1 63  ? 0.10124   -3.15149  9.70692   1.000 64.77000  ? 68  ALA AA1 CA  1 
ATOM   199 C  C   . ALA A 1 63  ? -1.41711  -3.20032  9.86392   1.000 62.07000  ? 68  ALA AA1 C   1 
ATOM   200 O  O   . ALA A 1 63  ? -2.01790  -4.28116  9.87923   1.000 57.20000  ? 68  ALA AA1 O   1 
ATOM   201 C  CB  . ALA A 1 63  ? 0.46620   -3.26168  8.24060   1.000 50.96000  ? 68  ALA AA1 CB  1 
ATOM   202 N  N   . LYS A 1 64  ? -2.04512  -2.02425  9.96087   1.000 51.77000  ? 69  LYS AA1 N   1 
ATOM   203 C  CA  . LYS A 1 64  ? -3.50411  -1.93696  9.92612   1.000 59.81000  ? 69  LYS AA1 CA  1 
ATOM   204 C  C   . LYS A 1 64  ? -3.92057  -0.84330  8.93981   1.000 54.26000  ? 69  LYS AA1 C   1 
ATOM   205 O  O   . LYS A 1 64  ? -3.73469  0.34638   9.21105   1.000 60.14000  ? 69  LYS AA1 O   1 
ATOM   206 C  CB  . LYS A 1 64  ? -4.09180  -1.65350  11.31901  1.000 61.71000  ? 69  LYS AA1 CB  1 
ATOM   207 C  CG  . LYS A 1 64  ? -3.57453  -2.56930  12.44253  1.000 63.58000  ? 69  LYS AA1 CG  1 
ATOM   208 C  CD  . LYS A 1 64  ? -4.10424  -2.12880  13.80224  1.000 59.70000  ? 69  LYS AA1 CD  1 
ATOM   209 C  CE  . LYS A 1 64  ? -3.41100  -2.86049  14.96511  1.000 76.88000  ? 69  LYS AA1 CE  1 
ATOM   210 N  NZ  . LYS A 1 64  ? -3.85014  -4.24721  15.27901  1.000 90.07000  ? 69  LYS AA1 NZ  1 
ATOM   211 N  N   . ILE A 1 65  ? -4.44752  -1.24657  7.78618   1.000 46.14000  ? 70  ILE AA1 N   1 
ATOM   212 C  CA  . ILE A 1 65  ? -5.31248  -0.41051  6.95814   1.000 55.11000  ? 70  ILE AA1 CA  1 
ATOM   213 C  C   . ILE A 1 65  ? -6.75483  -0.88152  7.07612   1.000 56.41000  ? 70  ILE AA1 C   1 
ATOM   214 O  O   . ILE A 1 65  ? -7.04975  -2.03451  7.40801   1.000 57.10000  ? 70  ILE AA1 O   1 
ATOM   215 C  CB  . ILE A 1 65  ? -4.90118  -0.40327  5.46402   1.000 48.19000  ? 70  ILE AA1 CB  1 
ATOM   216 C  CG1 . ILE A 1 65  ? -4.40316  -1.79247  5.07055   1.000 54.70000  ? 70  ILE AA1 CG1 1 
ATOM   217 C  CG2 . ILE A 1 65  ? -4.13060  0.85942   5.01431   1.000 48.76000  ? 70  ILE AA1 CG2 1 
ATOM   218 C  CD1 . ILE A 1 65  ? -3.98888  -1.89649  3.67168   1.000 74.03000  ? 70  ILE AA1 CD1 1 
ATOM   219 N  N   . THR A 1 66  ? -7.66243  0.02607   6.75856   1.000 44.49000  ? 71  THR AA1 N   1 
ATOM   220 C  CA  . THR A 1 66  ? -9.03954  -0.31329  6.46020   1.000 46.52000  ? 71  THR AA1 CA  1 
ATOM   221 C  C   . THR A 1 66  ? -9.32727  0.15269   5.03956   1.000 42.76000  ? 71  THR AA1 C   1 
ATOM   222 O  O   . THR A 1 66  ? -8.86686  1.22534   4.63893   1.000 39.21000  ? 71  THR AA1 O   1 
ATOM   223 C  CB  . THR A 1 66  ? -9.99200  0.29156   7.52493   1.000 41.38000  ? 71  THR AA1 CB  1 
ATOM   224 O  OG1 . THR A 1 66  ? -10.32672 1.63326   7.18008   1.000 42.88000  ? 71  THR AA1 OG1 1 
ATOM   225 C  CG2 . THR A 1 66  ? -9.34477  0.27547   8.92136   1.000 57.79000  ? 71  THR AA1 CG2 1 
ATOM   226 N  N   . MET A 1 67  ? -10.04042 -0.68063  4.25965   1.000 41.18000  ? 72  MET AA1 N   1 
ATOM   227 C  CA  . MET A 1 67  ? -10.16282 -0.51050  2.80942   1.000 42.72000  ? 72  MET AA1 CA  1 
ATOM   228 C  C   . MET A 1 67  ? -11.61904 -0.52091  2.36919   1.000 40.74000  ? 72  MET AA1 C   1 
ATOM   229 O  O   . MET A 1 67  ? -12.35883 -1.44992  2.68830   1.000 49.14000  ? 72  MET AA1 O   1 
ATOM   230 C  CB  . MET A 1 67  ? -9.38143  -1.60088  2.05887   1.000 50.83000  ? 72  MET AA1 CB  1 
ATOM   231 C  CG  . MET A 1 67  ? -7.81124  -1.44606  2.04640   1.000 42.97000  ? 72  MET AA1 CG  1 
ATOM   232 S  SD  . MET A 1 67  ? -7.05810  -2.47997  0.74758   1.000 63.35000  ? 72  MET AA1 SD  1 
ATOM   233 C  CE  . MET A 1 67  ? -5.34873  -1.95987  0.64950   1.000 57.05000  ? 72  MET AA1 CE  1 
ATOM   234 N  N   . LEU A 1 68  ? -12.02103 0.50731   1.62254   1.000 38.89000  ? 73  LEU AA1 N   1 
ATOM   235 C  CA  . LEU A 1 68  ? -13.39144 0.66218   1.15401   1.000 36.92000  ? 73  LEU AA1 CA  1 
ATOM   236 C  C   . LEU A 1 68  ? -13.53548 -0.05869  -0.17350  1.000 38.70000  ? 73  LEU AA1 C   1 
ATOM   237 O  O   . LEU A 1 68  ? -12.84228 0.28425   -1.12877  1.000 48.67000  ? 73  LEU AA1 O   1 
ATOM   238 C  CB  . LEU A 1 68  ? -13.72845 2.14240   0.98326   1.000 35.25000  ? 73  LEU AA1 CB  1 
ATOM   239 C  CG  . LEU A 1 68  ? -15.06497 2.46763   0.28892   1.000 44.85000  ? 73  LEU AA1 CG  1 
ATOM   240 C  CD1 . LEU A 1 68  ? -16.32317 2.04187   1.10960   1.000 35.35000  ? 73  LEU AA1 CD1 1 
ATOM   241 C  CD2 . LEU A 1 68  ? -15.15961 3.93238   -0.16356  1.000 35.82000  ? 73  LEU AA1 CD2 1 
ATOM   242 N  N   . THR A 1 69  ? -14.43780 -1.04749  -0.25188  1.000 48.05000  ? 74  THR AA1 N   1 
ATOM   243 C  CA  . THR A 1 69  ? -14.48431 -1.94880  -1.41058  1.000 47.26000  ? 74  THR AA1 CA  1 
ATOM   244 C  C   . THR A 1 69  ? -15.94519 -2.23452  -1.75542  1.000 46.73000  ? 74  THR AA1 C   1 
ATOM   245 O  O   . THR A 1 69  ? -16.57041 -3.08230  -1.10524  1.000 38.41000  ? 74  THR AA1 O   1 
ATOM   246 C  CB  . THR A 1 69  ? -13.75360 -3.25174  -1.11389  1.000 42.06000  ? 74  THR AA1 CB  1 
ATOM   247 O  OG1 . THR A 1 69  ? -12.48251 -2.95919  -0.54392  1.000 50.99000  ? 74  THR AA1 OG1 1 
ATOM   248 C  CG2 . THR A 1 69  ? -13.47171 -3.96053  -2.39554  1.000 44.20000  ? 74  THR AA1 CG2 1 
ATOM   249 N  N   . ASN A 1 70  ? -16.46693 -1.55729  -2.79275  1.000 46.77000  ? 75  ASN AA1 N   1 
ATOM   250 C  CA  . ASN A 1 70  ? -17.86094 -1.68079  -3.24588  1.000 51.82000  ? 75  ASN AA1 CA  1 
ATOM   251 C  C   . ASN A 1 70  ? -18.83840 -1.53119  -2.08557  1.000 44.99000  ? 75  ASN AA1 C   1 
ATOM   252 O  O   . ASN A 1 70  ? -19.64560 -2.41702  -1.80722  1.000 42.17000  ? 75  ASN AA1 O   1 
ATOM   253 C  CB  . ASN A 1 70  ? -18.11521 -3.01521  -3.94605  1.000 50.59000  ? 75  ASN AA1 CB  1 
ATOM   254 C  CG  . ASN A 1 70  ? -17.19929 -3.24554  -5.07506  1.000 51.07000  ? 75  ASN AA1 CG  1 
ATOM   255 O  OD1 . ASN A 1 70  ? -16.89344 -2.32369  -5.82336  1.000 62.66000  ? 75  ASN AA1 OD1 1 
ATOM   256 N  ND2 . ASN A 1 70  ? -16.63463 -4.44069  -5.13916  1.000 54.53000  ? 75  ASN AA1 ND2 1 
ATOM   257 N  N   . GLY A 1 71  ? -18.73103 -0.40064  -1.39306  1.000 48.40000  ? 76  GLY AA1 N   1 
ATOM   258 C  CA  . GLY A 1 71  ? -19.65187 -0.13182  -0.30506  1.000 40.53000  ? 76  GLY AA1 CA  1 
ATOM   259 C  C   . GLY A 1 71  ? -19.49550 -1.02682  0.90501   1.000 48.47000  ? 76  GLY AA1 C   1 
ATOM   260 O  O   . GLY A 1 71  ? -20.45146 -1.19454  1.66713   1.000 53.45000  ? 76  GLY AA1 O   1 
ATOM   261 N  N   . GLN A 1 72  ? -18.31482 -1.59811  1.11714   1.000 50.62000  ? 77  GLN AA1 N   1 
ATOM   262 C  CA  . GLN A 1 72  ? -18.07443 -2.37214  2.32961   1.000 45.39000  ? 77  GLN AA1 CA  1 
ATOM   263 C  C   . GLN A 1 72  ? -16.82738 -1.83060  3.02462   1.000 46.01000  ? 77  GLN AA1 C   1 
ATOM   264 O  O   . GLN A 1 72  ? -16.20152 -0.86803  2.57528   1.000 50.94000  ? 77  GLN AA1 O   1 
ATOM   265 C  CB  . GLN A 1 72  ? -17.96877 -3.86602  2.00175   1.000 40.48000  ? 77  GLN AA1 CB  1 
ATOM   266 C  CG  . GLN A 1 72  ? -19.30195 -4.37530  1.44771   1.000 41.38000  ? 77  GLN AA1 CG  1 
ATOM   267 C  CD  . GLN A 1 72  ? -19.45560 -5.88049  1.44879   1.000 43.68000  ? 77  GLN AA1 CD  1 
ATOM   268 O  OE1 . GLN A 1 72  ? -18.49278 -6.63973  1.26160   1.000 52.25000  ? 77  GLN AA1 OE1 1 
ATOM   269 N  NE2 . GLN A 1 72  ? -20.67374 -6.32633  1.69933   1.000 44.67000  ? 77  GLN AA1 NE2 1 
ATOM   270 N  N   . CYS A 1 73  ? -16.46993 -2.42044  4.15291   1.000 44.65000  ? 78  CYS AA1 N   1 
ATOM   271 C  CA  . CYS A 1 73  ? -15.24346 -2.01556  4.82084   1.000 50.58000  ? 78  CYS AA1 CA  1 
ATOM   272 C  C   . CYS A 1 73  ? -14.43359 -3.25634  5.13909   1.000 47.62000  ? 78  CYS AA1 C   1 
ATOM   273 O  O   . CYS A 1 73  ? -14.92034 -4.16219  5.82694   1.000 45.25000  ? 78  CYS AA1 O   1 
ATOM   274 C  CB  . CYS A 1 73  ? -15.52965 -1.18869  6.08015   1.000 45.78000  ? 78  CYS AA1 CB  1 
ATOM   275 S  SG  . CYS A 1 73  ? -16.35017 0.40700   5.71180   1.000 48.28000  ? 78  CYS AA1 SG  1 
ATOM   276 N  N   . GLN A 1 74  ? -13.20999 -3.30872  4.60749   1.000 48.15000  ? 79  GLN AA1 N   1 
ATOM   277 C  CA  . GLN A 1 74  ? -12.27162 -4.38168  4.90708   1.000 48.78000  ? 79  GLN AA1 CA  1 
ATOM   278 C  C   . GLN A 1 74  ? -11.24428 -3.79721  5.87239   1.000 41.81000  ? 79  GLN AA1 C   1 
ATOM   279 O  O   . GLN A 1 74  ? -10.39963 -2.99151  5.48095   1.000 44.39000  ? 79  GLN AA1 O   1 
ATOM   280 C  CB  . GLN A 1 74  ? -11.62050 -4.92157  3.64043   1.000 43.40000  ? 79  GLN AA1 CB  1 
ATOM   281 C  CG  . GLN A 1 74  ? -12.29683 -6.18790  3.18630   1.000 53.31000  ? 79  GLN AA1 CG  1 
ATOM   282 C  CD  . GLN A 1 74  ? -11.64081 -6.88220  2.00402   1.000 60.56000  ? 79  GLN AA1 CD  1 
ATOM   283 O  OE1 . GLN A 1 74  ? -10.65521 -6.39802  1.43396   1.000 58.86000  ? 79  GLN AA1 OE1 1 
ATOM   284 N  NE2 . GLN A 1 74  ? -12.22505 -8.01745  1.60036   1.000 68.01000  ? 79  GLN AA1 NE2 1 
ATOM   285 N  N   . ASN A 1 75  ? -11.35276 -4.15574  7.14921   1.000 39.37000  ? 80  ASN AA1 N   1 
ATOM   286 C  CA  . ASN A 1 75  ? -10.35290 -3.77159  8.13736   1.000 45.57000  ? 80  ASN AA1 CA  1 
ATOM   287 C  C   . ASN A 1 75  ? -9.30907  -4.86811  8.24664   1.000 49.07000  ? 80  ASN AA1 C   1 
ATOM   288 O  O   . ASN A 1 75  ? -9.58609  -5.95357  8.77952   1.000 45.21000  ? 80  ASN AA1 O   1 
ATOM   289 C  CB  . ASN A 1 75  ? -10.97969 -3.47663  9.48850   1.000 45.84000  ? 80  ASN AA1 CB  1 
ATOM   290 C  CG  . ASN A 1 75  ? -12.11986 -2.56352  9.37685   1.000 41.33000  ? 80  ASN AA1 CG  1 
ATOM   291 O  OD1 . ASN A 1 75  ? -11.93267 -1.36639  9.41589   1.000 33.51000  ? 80  ASN AA1 OD1 1 
ATOM   292 N  ND2 . ASN A 1 75  ? -13.30957 -3.09707  9.21471   1.000 43.82000  ? 80  ASN AA1 ND2 1 
ATOM   293 N  N   . ILE A 1 76  ? -8.10819  -4.55655  7.73333   1.000 45.79000  ? 81  ILE AA1 N   1 
ATOM   294 C  CA  . ILE A 1 76  ? -6.96013  -5.43941  7.65755   1.000 42.98000  ? 81  ILE AA1 CA  1 
ATOM   295 C  C   . ILE A 1 76  ? -6.07558  -5.21933  8.88574   1.000 61.66000  ? 81  ILE AA1 C   1 
ATOM   296 O  O   . ILE A 1 76  ? -5.97427  -4.11076  9.43152   1.000 61.76000  ? 81  ILE AA1 O   1 
ATOM   297 C  CB  . ILE A 1 76  ? -6.19255  -5.16526  6.34545   1.000 61.36000  ? 81  ILE AA1 CB  1 
ATOM   298 C  CG1 . ILE A 1 76  ? -7.13044  -5.28620  5.14294   1.000 58.44000  ? 81  ILE AA1 CG1 1 
ATOM   299 C  CG2 . ILE A 1 76  ? -5.03636  -6.12946  6.17813   1.000 55.36000  ? 81  ILE AA1 CG2 1 
ATOM   300 C  CD1 . ILE A 1 76  ? -7.63581  -6.68891  4.90274   1.000 59.91000  ? 81  ILE AA1 CD1 1 
ATOM   301 N  N   . THR A 1 77  ? -5.42303  -6.29199  9.32960   1.000 64.17000  ? 82  THR AA1 N   1 
ATOM   302 C  CA  . THR A 1 77  ? -4.41770  -6.22752  10.38612  1.000 58.56000  ? 82  THR AA1 CA  1 
ATOM   303 C  C   . THR A 1 77  ? -3.32004  -7.27587  10.26511  1.000 64.46000  ? 82  THR AA1 C   1 
ATOM   304 O  O   . THR A 1 77  ? -3.29580  -8.20772  11.07240  1.000 70.24000  ? 82  THR AA1 O   1 
ATOM   305 C  CB  . THR A 1 77  ? -5.08042  -6.41731  11.72575  1.000 56.25000  ? 82  THR AA1 CB  1 
ATOM   306 O  OG1 . THR A 1 77  ? -6.04498  -7.46521  11.58558  1.000 68.67000  ? 82  THR AA1 OG1 1 
ATOM   307 C  CG2 . THR A 1 77  ? -5.72579  -5.16375  12.19132  1.000 72.54000  ? 82  THR AA1 CG2 1 
ATOM   308 N  N   . VAL A 1 78  ? -2.37935  -7.10903  9.33260   1.000 68.79000  ? 83  VAL AA1 N   1 
ATOM   309 C  CA  . VAL A 1 78  ? -1.44082  -8.16941  8.94618   1.000 78.30000  ? 83  VAL AA1 CA  1 
ATOM   310 C  C   . VAL A 1 78  ? -0.10569  -8.00459  9.66728   1.000 77.23000  ? 83  VAL AA1 C   1 
ATOM   311 O  O   . VAL A 1 78  ? 0.65818   -7.07280  9.37914   1.000 65.61000  ? 83  VAL AA1 O   1 
ATOM   312 C  CB  . VAL A 1 78  ? -1.21584  -8.19332  7.43067   1.000 71.98000  ? 83  VAL AA1 CB  1 
ATOM   313 C  CG1 . VAL A 1 78  ? -0.03217  -9.06476  7.10198   1.000 63.05000  ? 83  VAL AA1 CG1 1 
ATOM   314 C  CG2 . VAL A 1 78  ? -2.47425  -8.70940  6.74395   1.000 77.78000  ? 83  VAL AA1 CG2 1 
ATOM   315 N  N   . VAL A 1 79  ? 0.19656   -8.94030  10.57143  1.000 81.56000  ? 84  VAL AA1 N   1 
ATOM   316 C  CA  . VAL A 1 79  ? 1.55963   -9.09131  11.07450  1.000 79.59000  ? 84  VAL AA1 CA  1 
ATOM   317 C  C   . VAL A 1 79  ? 2.47772   -9.52827  9.94100   1.000 66.87000  ? 84  VAL AA1 C   1 
ATOM   318 O  O   . VAL A 1 79  ? 2.15369   -10.43737 9.17209   1.000 74.98000  ? 84  VAL AA1 O   1 
ATOM   319 C  CB  . VAL A 1 79  ? 1.60546   -10.09661 12.23422  1.000 83.03000  ? 84  VAL AA1 CB  1 
ATOM   320 C  CG1 . VAL A 1 79  ? 3.02110   -10.22383 12.77959  1.000 85.27000  ? 84  VAL AA1 CG1 1 
ATOM   321 C  CG2 . VAL A 1 79  ? 0.64867   -9.67843  13.35104  1.000 77.35000  ? 84  VAL AA1 CG2 1 
ATOM   322 N  N   . LEU A 1 80  ? 3.62870   -8.87435  9.83271   1.000 83.35000  ? 85  LEU AA1 N   1 
ATOM   323 C  CA  . LEU A 1 80  ? 4.73086   -9.28642  8.96886   1.000 88.95000  ? 85  LEU AA1 CA  1 
ATOM   324 C  C   . LEU A 1 80  ? 5.84752   -9.80083  9.86909   1.000 86.34000  ? 85  LEU AA1 C   1 
ATOM   325 O  O   . LEU A 1 80  ? 6.25110   -9.10104  10.80579  1.000 78.23000  ? 85  LEU AA1 O   1 
ATOM   326 C  CB  . LEU A 1 80  ? 5.21660   -8.11190  8.11414   1.000 81.33000  ? 85  LEU AA1 CB  1 
ATOM   327 C  CG  . LEU A 1 80  ? 4.29374   -7.61436  7.00794   1.000 68.95000  ? 85  LEU AA1 CG  1 
ATOM   328 C  CD1 . LEU A 1 80  ? 4.64957   -6.21037  6.61078   1.000 82.87000  ? 85  LEU AA1 CD1 1 
ATOM   329 C  CD2 . LEU A 1 80  ? 4.40177   -8.52623  5.79761   1.000 76.27000  ? 85  LEU AA1 CD2 1 
ATOM   330 N  N   . HIS A 1 81  ? 6.32572   -11.01645 9.61247   1.000 81.61000  ? 86  HIS AA1 N   1 
ATOM   331 C  CA  . HIS A 1 81  ? 7.37007   -11.62415 10.43356  1.000 89.69000  ? 86  HIS AA1 CA  1 
ATOM   332 C  C   . HIS A 1 81  ? 8.66106   -11.76790 9.63919   1.000 86.11000  ? 86  HIS AA1 C   1 
ATOM   333 O  O   . HIS A 1 81  ? 8.63515   -12.10582 8.45164   1.000 87.23000  ? 86  HIS AA1 O   1 
ATOM   334 C  CB  . HIS A 1 81  ? 6.94246   -12.99148 10.98926  1.000 87.78000  ? 86  HIS AA1 CB  1 
ATOM   335 C  CG  . HIS A 1 81  ? 5.72510   -12.93957 11.86262  1.000 87.12000  ? 86  HIS AA1 CG  1 
ATOM   336 N  ND1 . HIS A 1 81  ? 4.97287   -14.05196 12.17630  1.000 71.92000  ? 86  HIS AA1 ND1 1 
ATOM   337 N  N   . LYS A 1 82  ? 9.79368   -11.52039 10.29700  1.000 87.31000  ? 87  LYS AA1 N   1 
ATOM   338 C  CA  . LYS A 1 82  ? 11.05846  -11.49251 9.57708   1.000 94.16000  ? 87  LYS AA1 CA  1 
ATOM   339 C  C   . LYS A 1 82  ? 11.60842  -12.89310 9.32877   1.000 95.54000  ? 87  LYS AA1 C   1 
ATOM   340 O  O   . LYS A 1 82  ? 11.77563  -13.68793 10.26094  1.000 84.55000  ? 87  LYS AA1 O   1 
ATOM   341 C  CB  . LYS A 1 82  ? 12.09981  -10.63879 10.29601  1.000 86.76000  ? 87  LYS AA1 CB  1 
ATOM   342 C  CG  . LYS A 1 82  ? 13.28083  -10.38369 9.34980   1.000 81.45000  ? 87  LYS AA1 CG  1 
ATOM   343 C  CD  . LYS A 1 82  ? 12.77001  -9.91132  7.98182   1.000 84.97000  ? 87  LYS AA1 CD  1 
ATOM   344 C  CE  . LYS A 1 82  ? 13.87857  -9.57485  7.01202   1.000 86.15000  ? 87  LYS AA1 CE  1 
ATOM   345 N  NZ  . LYS A 1 82  ? 14.66372  -8.37334  7.39670   1.000 97.10000  ? 87  LYS AA1 NZ  1 
ATOM   346 N  N   . THR A 1 83  ? 11.89370  -13.17550 8.05521   1.000 90.82000  ? 88  THR AA1 N   1 
ATOM   347 C  CA  . THR A 1 83  ? 12.50640  -14.42506 7.61858   1.000 91.31000  ? 88  THR AA1 CA  1 
ATOM   348 C  C   . THR A 1 83  ? 14.01366  -14.38866 7.84682   1.000 102.46000 ? 88  THR AA1 C   1 
ATOM   349 O  O   . THR A 1 83  ? 14.66316  -13.35977 7.62354   1.000 97.92000  ? 88  THR AA1 O   1 
ATOM   350 C  CB  . THR A 1 83  ? 12.23744  -14.69689 6.12154   1.000 92.53000  ? 88  THR AA1 CB  1 
ATOM   351 O  OG1 . THR A 1 83  ? 13.22911  -14.03872 5.31730   1.000 91.98000  ? 88  THR AA1 OG1 1 
ATOM   352 C  CG2 . THR A 1 83  ? 10.86587  -14.16981 5.73636   1.000 93.27000  ? 88  THR AA1 CG2 1 
ATOM   353 N  N   . LYS A 1 88  ? 12.62675  -8.77340  3.10915   1.000 60.64000  ? 93  LYS AA1 N   1 
ATOM   354 C  CA  . LYS A 1 88  ? 11.81928  -9.96159  2.83742   1.000 85.17000  ? 93  LYS AA1 CA  1 
ATOM   355 C  C   . LYS A 1 88  ? 11.11368  -10.46722 4.07637   1.000 83.89000  ? 93  LYS AA1 C   1 
ATOM   356 O  O   . LYS A 1 88  ? 11.77141  -10.93266 5.00140   1.000 86.74000  ? 93  LYS AA1 O   1 
ATOM   357 C  CB  . LYS A 1 88  ? 12.66041  -11.10648 2.27368   1.000 86.50000  ? 93  LYS AA1 CB  1 
ATOM   358 C  CG  . LYS A 1 88  ? 11.79566  -12.30774 1.93766   1.000 86.76000  ? 93  LYS AA1 CG  1 
ATOM   359 C  CD  . LYS A 1 88  ? 12.49710  -13.36970 1.14770   1.000 75.94000  ? 93  LYS AA1 CD  1 
ATOM   360 C  CE  . LYS A 1 88  ? 11.51156  -14.45851 0.79045   1.000 76.63000  ? 93  LYS AA1 CE  1 
ATOM   361 N  NZ  . LYS A 1 88  ? 12.14997  -15.61128 0.12116   1.000 84.30000  ? 93  LYS AA1 NZ  1 
ATOM   362 N  N   . TYR A 1 89  ? 9.77834   -10.40639 4.08180   1.000 84.17000  ? 94  TYR AA1 N   1 
ATOM   363 C  CA  . TYR A 1 89  ? 9.00106   -10.82549 5.24773   1.000 92.32000  ? 94  TYR AA1 CA  1 
ATOM   364 C  C   . TYR A 1 89  ? 7.93610   -11.85223 4.87776   1.000 89.17000  ? 94  TYR AA1 C   1 
ATOM   365 O  O   . TYR A 1 89  ? 7.91519   -12.37548 3.75544   1.000 94.76000  ? 94  TYR AA1 O   1 
ATOM   366 C  CB  . TYR A 1 89  ? 8.30129   -9.63243  5.90511   1.000 82.97000  ? 94  TYR AA1 CB  1 
ATOM   367 C  CG  . TYR A 1 89  ? 9.18004   -8.52789  6.44583   1.000 86.72000  ? 94  TYR AA1 CG  1 
ATOM   368 C  CD1 . TYR A 1 89  ? 9.90555   -7.71000  5.59840   1.000 93.78000  ? 94  TYR AA1 CD1 1 
ATOM   369 C  CD2 . TYR A 1 89  ? 9.21007   -8.25494  7.79741   1.000 92.25000  ? 94  TYR AA1 CD2 1 
ATOM   370 C  CE1 . TYR A 1 89  ? 10.67328  -6.68777  6.08505   1.000 84.81000  ? 94  TYR AA1 CE1 1 
ATOM   371 C  CE2 . TYR A 1 89  ? 9.96887   -7.23081  8.29735   1.000 85.77000  ? 94  TYR AA1 CE2 1 
ATOM   372 C  CZ  . TYR A 1 89  ? 10.70142  -6.45217  7.44116   1.000 91.72000  ? 94  TYR AA1 CZ  1 
ATOM   373 O  OH  . TYR A 1 89  ? 11.46683  -5.42886  7.95724   1.000 116.31000 ? 94  TYR AA1 OH  1 
ATOM   374 N  N   . THR A 1 90  ? 7.04530   -12.12924 5.82870   1.000 83.47000  ? 95  THR AA1 N   1 
ATOM   375 C  CA  . THR A 1 90  ? 5.82211   -12.89010 5.59262   1.000 93.79000  ? 95  THR AA1 CA  1 
ATOM   376 C  C   . THR A 1 90  ? 4.69984   -12.30001 6.45045   1.000 98.04000  ? 95  THR AA1 C   1 
ATOM   377 O  O   . THR A 1 90  ? 4.84277   -12.17480 7.67766   1.000 91.54000  ? 95  THR AA1 O   1 
ATOM   378 C  CB  . THR A 1 90  ? 5.97177   -14.38150 5.93765   1.000 95.82000  ? 95  THR AA1 CB  1 
ATOM   379 O  OG1 . THR A 1 90  ? 6.42003   -14.50938 7.28865   1.000 93.30000  ? 95  THR AA1 OG1 1 
ATOM   380 C  CG2 . THR A 1 90  ? 6.97754   -15.06251 5.01623   1.000 98.99000  ? 95  THR AA1 CG2 1 
ATOM   381 N  N   . ARG A 1 96  ? 1.45567   -14.99633 2.94431   1.000 88.49000  ? 101 ARG AA1 N   1 
ATOM   382 C  CA  . ARG A 1 96  ? 1.96389   -14.31029 1.77554   1.000 93.14000  ? 101 ARG AA1 CA  1 
ATOM   383 C  C   . ARG A 1 96  ? 3.45818   -14.20529 1.98511   1.000 97.12000  ? 101 ARG AA1 C   1 
ATOM   384 O  O   . ARG A 1 96  ? 3.96684   -14.64348 3.00819   1.000 100.71000 ? 101 ARG AA1 O   1 
ATOM   385 C  CB  . ARG A 1 96  ? 1.35880   -12.90832 1.61377   1.000 105.43000 ? 101 ARG AA1 CB  1 
ATOM   386 C  CG  . ARG A 1 96  ? -0.13448  -12.79493 1.86748   1.000 109.29000 ? 101 ARG AA1 CG  1 
ATOM   387 C  CD  . ARG A 1 96  ? -0.41948  -12.40647 3.32257   1.000 106.21000 ? 101 ARG AA1 CD  1 
ATOM   388 N  N   . VAL A 1 97  ? 4.16025   -13.60662 1.03458   1.000 94.97000  ? 102 VAL AA1 N   1 
ATOM   389 C  CA  . VAL A 1 97  ? 5.55536   -13.22767 1.20559   1.000 92.50000  ? 102 VAL AA1 CA  1 
ATOM   390 C  C   . VAL A 1 97  ? 5.66742   -11.78421 0.74333   1.000 88.62000  ? 102 VAL AA1 C   1 
ATOM   391 O  O   . VAL A 1 97  ? 5.11593   -11.42657 -0.30182  1.000 91.27000  ? 102 VAL AA1 O   1 
ATOM   392 C  CB  . VAL A 1 97  ? 6.49616   -14.15148 0.39443   1.000 98.50000  ? 102 VAL AA1 CB  1 
ATOM   393 C  CG1 . VAL A 1 97  ? 7.96704   -13.84824 0.70181   1.000 88.50000  ? 102 VAL AA1 CG1 1 
ATOM   394 C  CG2 . VAL A 1 97  ? 6.15804   -15.63445 0.62655   1.000 88.59000  ? 102 VAL AA1 CG2 1 
ATOM   395 N  N   . VAL A 1 98  ? 6.36846   -10.94890 1.50593   1.000 67.13000  ? 103 VAL AA1 N   1 
ATOM   396 C  CA  . VAL A 1 98  ? 6.39432   -9.51875  1.20931   1.000 74.83000  ? 103 VAL AA1 CA  1 
ATOM   397 C  C   . VAL A 1 98  ? 7.81285   -8.98081  1.36654   1.000 84.75000  ? 103 VAL AA1 C   1 
ATOM   398 O  O   . VAL A 1 98  ? 8.44879   -9.17109  2.41106   1.000 79.84000  ? 103 VAL AA1 O   1 
ATOM   399 C  CB  . VAL A 1 98  ? 5.41528   -8.73147  2.11046   1.000 69.54000  ? 103 VAL AA1 CB  1 
ATOM   400 N  N   . PHE A 1 99  ? 8.29777   -8.28051  0.33626   1.000 80.92000  ? 104 PHE AA1 N   1 
ATOM   401 C  CA  . PHE A 1 99  ? 9.55395   -7.53450  0.39845   1.000 77.14000  ? 104 PHE AA1 CA  1 
ATOM   402 C  C   . PHE A 1 99  ? 9.20974   -6.04748  0.47047   1.000 76.00000  ? 104 PHE AA1 C   1 
ATOM   403 O  O   . PHE A 1 99  ? 8.58275   -5.51721  -0.45583  1.000 74.74000  ? 104 PHE AA1 O   1 
ATOM   404 C  CB  . PHE A 1 99  ? 10.41910  -7.74844  -0.84163  1.000 84.98000  ? 104 PHE AA1 CB  1 
ATOM   405 C  CG  . PHE A 1 99  ? 10.86840  -9.16302  -1.08108  1.000 90.60000  ? 104 PHE AA1 CG  1 
ATOM   406 C  CD1 . PHE A 1 99  ? 9.98239   -10.09806 -1.61722  1.000 89.47000  ? 104 PHE AA1 CD1 1 
ATOM   407 C  CD2 . PHE A 1 99  ? 12.17732  -9.54638  -0.85198  1.000 96.79000  ? 104 PHE AA1 CD2 1 
ATOM   408 C  CE1 . PHE A 1 99  ? 10.39217  -11.39392 -1.89929  1.000 87.95000  ? 104 PHE AA1 CE1 1 
ATOM   409 C  CE2 . PHE A 1 99  ? 12.58934  -10.84163 -1.13023  1.000 103.76000 ? 104 PHE AA1 CE2 1 
ATOM   410 C  CZ  . PHE A 1 99  ? 11.69041  -11.76650 -1.65679  1.000 86.57000  ? 104 PHE AA1 CZ  1 
ATOM   411 N  N   . ILE A 1 100 ? 9.62332   -5.37967  1.55613   1.000 65.40000  ? 105 ILE AA1 N   1 
ATOM   412 C  CA  . ILE A 1 100 ? 9.64649   -3.92242  1.63135   1.000 54.96000  ? 105 ILE AA1 CA  1 
ATOM   413 C  C   . ILE A 1 100 ? 11.00734  -3.46104  1.13620   1.000 64.60000  ? 105 ILE AA1 C   1 
ATOM   414 O  O   . ILE A 1 100 ? 12.03171  -4.06165  1.47232   1.000 78.14000  ? 105 ILE AA1 O   1 
ATOM   415 C  CB  . ILE A 1 100 ? 9.38986   -3.43925  3.07073   1.000 70.82000  ? 105 ILE AA1 CB  1 
ATOM   416 C  CG1 . ILE A 1 100 ? 7.94340   -3.68948  3.47983   1.000 70.31000  ? 105 ILE AA1 CG1 1 
ATOM   417 C  CG2 . ILE A 1 100 ? 9.70279   -1.95950  3.21126   1.000 69.92000  ? 105 ILE AA1 CG2 1 
ATOM   418 C  CD1 . ILE A 1 100 ? 7.61352   -3.26245  4.92408   1.000 71.32000  ? 105 ILE AA1 CD1 1 
ATOM   419 N  N   . GLN A 1 101 ? 11.03020  -2.40199  0.33256   1.000 65.61000  ? 106 GLN AA1 N   1 
ATOM   420 C  CA  . GLN A 1 101 ? 12.26480  -1.82894  -0.20876  1.000 61.45000  ? 106 GLN AA1 CA  1 
ATOM   421 C  C   . GLN A 1 101 ? 12.14552  -0.31515  -0.18329  1.000 65.52000  ? 106 GLN AA1 C   1 
ATOM   422 O  O   . GLN A 1 101 ? 11.03469  0.22170   -0.27692  1.000 68.58000  ? 106 GLN AA1 O   1 
ATOM   423 C  CB  . GLN A 1 101 ? 12.54244  -2.32209  -1.64418  1.000 63.79000  ? 106 GLN AA1 CB  1 
ATOM   424 C  CG  . GLN A 1 101 ? 12.88475  -1.20951  -2.65815  1.000 76.78000  ? 106 GLN AA1 CG  1 
ATOM   425 C  CD  . GLN A 1 101 ? 12.80332  -1.66166  -4.10920  1.000 59.83000  ? 106 GLN AA1 CD  1 
ATOM   426 N  N   . PRO A 1 102 ? 13.24962  0.40854   -0.03002  1.000 60.60000  ? 107 PRO AA1 N   1 
ATOM   427 C  CA  . PRO A 1 102 ? 13.12626  1.86755   0.06269   1.000 64.89000  ? 107 PRO AA1 CA  1 
ATOM   428 C  C   . PRO A 1 102 ? 12.77548  2.45278   -1.29323  1.000 59.23000  ? 107 PRO AA1 C   1 
ATOM   429 O  O   . PRO A 1 102 ? 13.25179  1.99168   -2.33422  1.000 58.61000  ? 107 PRO AA1 O   1 
ATOM   430 C  CB  . PRO A 1 102 ? 14.51280  2.32254   0.53304   1.000 48.18000  ? 107 PRO AA1 CB  1 
ATOM   431 C  CG  . PRO A 1 102 ? 14.97139  1.24120   1.31583   1.000 60.34000  ? 107 PRO AA1 CG  1 
ATOM   432 N  N   . SER A 1 103 ? 11.93479  3.47164   -1.29122  1.000 49.58000  ? 108 SER AA1 N   1 
ATOM   433 C  CA  . SER A 1 103 ? 11.81985  4.13883   -2.56981  1.000 59.22000  ? 108 SER AA1 CA  1 
ATOM   434 C  C   . SER A 1 103 ? 13.03461  5.02272   -2.80705  1.000 63.50000  ? 108 SER AA1 C   1 
ATOM   435 O  O   . SER A 1 103 ? 13.73624  5.39547   -1.87058  1.000 57.30000  ? 108 SER AA1 O   1 
ATOM   436 C  CB  . SER A 1 103 ? 10.55556  4.97712   -2.65948  1.000 64.81000  ? 108 SER AA1 CB  1 
ATOM   437 O  OG  . SER A 1 103 ? 10.56002  5.72880   -3.87146  1.000 68.94000  ? 108 SER AA1 OG  1 
ATOM   438 N  N   . PRO A 1 104 ? 13.30366  5.37010   -4.06620  1.000 76.80000  ? 109 PRO AA1 N   1 
ATOM   439 C  CA  . PRO A 1 104 ? 14.38226  6.32691   -4.34906  1.000 68.84000  ? 109 PRO AA1 CA  1 
ATOM   440 C  C   . PRO A 1 104 ? 14.02938  7.73992   -3.94291  1.000 67.48000  ? 109 PRO AA1 C   1 
ATOM   441 O  O   . PRO A 1 104 ? 14.90492  8.60921   -3.95616  1.000 69.19000  ? 109 PRO AA1 O   1 
ATOM   442 C  CB  . PRO A 1 104 ? 14.53836  6.22949   -5.86887  1.000 69.60000  ? 109 PRO AA1 CB  1 
ATOM   443 C  CG  . PRO A 1 104 ? 14.18420  4.81906   -6.20681  1.000 71.54000  ? 109 PRO AA1 CG  1 
ATOM   444 N  N   . VAL A 1 105 ? 12.78278  7.99498   -3.58079  1.000 65.60000  ? 110 VAL AA1 N   1 
ATOM   445 C  CA  . VAL A 1 105 ? 12.25940  9.34080   -3.40248  1.000 67.43000  ? 110 VAL AA1 CA  1 
ATOM   446 C  C   . VAL A 1 105 ? 12.04196  9.64171   -1.92937  1.000 63.99000  ? 110 VAL AA1 C   1 
ATOM   447 O  O   . VAL A 1 105 ? 11.68976  8.76405   -1.13335  1.000 64.09000  ? 110 VAL AA1 O   1 
ATOM   448 C  CB  . VAL A 1 105 ? 10.94334  9.52523   -4.18075  1.000 74.29000  ? 110 VAL AA1 CB  1 
ATOM   449 C  CG1 . VAL A 1 105 ? 10.47991  10.95553  -4.07162  1.000 70.73000  ? 110 VAL AA1 CG1 1 
ATOM   450 C  CG2 . VAL A 1 105 ? 11.13461  9.12195   -5.64868  1.000 56.70000  ? 110 VAL AA1 CG2 1 
ATOM   451 N  N   . ARG A 1 106 ? 12.25586  10.90872  -1.57664  1.000 72.26000  ? 111 ARG AA1 N   1 
ATOM   452 C  CA  . ARG A 1 106 ? 11.98926  11.41461  -0.23869  1.000 77.16000  ? 111 ARG AA1 CA  1 
ATOM   453 C  C   . ARG A 1 106 ? 10.57712  11.04919  0.22755   1.000 63.94000  ? 111 ARG AA1 C   1 
ATOM   454 O  O   . ARG A 1 106 ? 9.58232   11.48136  -0.35924  1.000 63.87000  ? 111 ARG AA1 O   1 
ATOM   455 C  CB  . ARG A 1 106 ? 12.18473  12.93783  -0.21276  1.000 74.21000  ? 111 ARG AA1 CB  1 
ATOM   456 C  CG  . ARG A 1 106 ? 11.30761  13.56701  0.87562   1.000 96.54000  ? 111 ARG AA1 CG  1 
ATOM   457 C  CD  . ARG A 1 106 ? 11.27043  15.09012  0.98965   1.000 107.88000 ? 111 ARG AA1 CD  1 
ATOM   458 N  NE  . ARG A 1 106 ? 10.42239  15.47530  2.12871   1.000 100.55000 ? 111 ARG AA1 NE  1 
ATOM   459 C  CZ  . ARG A 1 106 ? 10.16407  16.72750  2.49137   1.000 112.34000 ? 111 ARG AA1 CZ  1 
ATOM   460 N  N   . ASP A 1 107 ? 10.51644  10.21237  1.26017   1.000 64.33000  ? 112 ASP AA1 N   1 
ATOM   461 C  CA  . ASP A 1 107 ? 9.34411   9.93892   2.09177   1.000 64.94000  ? 112 ASP AA1 CA  1 
ATOM   462 C  C   . ASP A 1 107 ? 8.43439   8.86975   1.50276   1.000 61.99000  ? 112 ASP AA1 C   1 
ATOM   463 O  O   . ASP A 1 107 ? 7.21009   8.95074   1.64400   1.000 62.76000  ? 112 ASP AA1 O   1 
ATOM   464 C  CB  . ASP A 1 107 ? 8.52813   11.21541  2.36678   1.000 71.37000  ? 112 ASP AA1 CB  1 
ATOM   465 C  CG  . ASP A 1 107 ? 9.27944   12.24329  3.22108   1.000 84.17000  ? 112 ASP AA1 CG  1 
ATOM   466 O  OD1 . ASP A 1 107 ? 10.03833  11.86442  4.14509   1.000 76.78000  ? 112 ASP AA1 OD1 1 
ATOM   467 O  OD2 . ASP A 1 107 ? 9.09465   13.45350  2.96248   1.000 95.87000  ? 112 ASP AA1 OD2 1 
ATOM   468 N  N   . HIS A 1 108 ? 9.00707   7.83828   0.89053   1.000 54.55000  ? 113 HIS AA1 N   1 
ATOM   469 C  CA  . HIS A 1 108 ? 8.19841   6.85979   0.17798   1.000 58.47000  ? 113 HIS AA1 CA  1 
ATOM   470 C  C   . HIS A 1 108 ? 8.84137   5.48558   0.28222   1.000 58.45000  ? 113 HIS AA1 C   1 
ATOM   471 O  O   . HIS A 1 108 ? 10.06409  5.37403   0.42522   1.000 60.50000  ? 113 HIS AA1 O   1 
ATOM   472 C  CB  . HIS A 1 108 ? 8.02320   7.23489   -1.30274  1.000 53.30000  ? 113 HIS AA1 CB  1 
ATOM   473 C  CG  . HIS A 1 108 ? 7.08232   8.37869   -1.53697  1.000 63.20000  ? 113 HIS AA1 CG  1 
ATOM   474 N  ND1 . HIS A 1 108 ? 7.44208   9.69673   -1.34696  1.000 55.65000  ? 113 HIS AA1 ND1 1 
ATOM   475 C  CD2 . HIS A 1 108 ? 5.78538   8.39512   -1.93875  1.000 49.20000  ? 113 HIS AA1 CD2 1 
ATOM   476 C  CE1 . HIS A 1 108 ? 6.41445   10.47669  -1.63901  1.000 57.24000  ? 113 HIS AA1 CE1 1 
ATOM   477 N  NE2 . HIS A 1 108 ? 5.39824   9.71126   -2.00234  1.000 53.36000  ? 113 HIS AA1 NE2 1 
ATOM   478 N  N   . TYR A 1 109 ? 8.00861   4.43550   0.20547   1.000 57.03000  ? 114 TYR AA1 N   1 
ATOM   479 C  CA  . TYR A 1 109 ? 8.49553   3.05950   0.20095   1.000 55.08000  ? 114 TYR AA1 CA  1 
ATOM   480 C  C   . TYR A 1 109 ? 7.71447   2.24414   -0.81522  1.000 54.37000  ? 114 TYR AA1 C   1 
ATOM   481 O  O   . TYR A 1 109 ? 6.58251   2.58699   -1.16493  1.000 63.51000  ? 114 TYR AA1 O   1 
ATOM   482 C  CB  . TYR A 1 109 ? 8.37759   2.39265   1.57346   1.000 57.70000  ? 114 TYR AA1 CB  1 
ATOM   483 C  CG  . TYR A 1 109 ? 9.52598   2.70857   2.50818   1.000 54.61000  ? 114 TYR AA1 CG  1 
ATOM   484 C  CD1 . TYR A 1 109 ? 9.69708   3.99717   2.99759   1.000 48.25000  ? 114 TYR AA1 CD1 1 
ATOM   485 C  CD2 . TYR A 1 109 ? 10.42138  1.73244   2.91146   1.000 48.01000  ? 114 TYR AA1 CD2 1 
ATOM   486 C  CE1 . TYR A 1 109 ? 10.71759  4.31208   3.83573   1.000 45.20000  ? 114 TYR AA1 CE1 1 
ATOM   487 C  CE2 . TYR A 1 109 ? 11.45704  2.04801   3.78195   1.000 56.78000  ? 114 TYR AA1 CE2 1 
ATOM   488 C  CZ  . TYR A 1 109 ? 11.58784  3.34331   4.23476   1.000 52.61000  ? 114 TYR AA1 CZ  1 
ATOM   489 O  OH  . TYR A 1 109 ? 12.58448  3.69703   5.10413   1.000 68.12000  ? 114 TYR AA1 OH  1 
ATOM   490 N  N   . ILE A 1 110 ? 8.31711   1.14143   -1.27180  1.000 42.35000  ? 115 ILE AA1 N   1 
ATOM   491 C  CA  . ILE A 1 110 ? 7.72994   0.28224   -2.29186  1.000 52.17000  ? 115 ILE AA1 CA  1 
ATOM   492 C  C   . ILE A 1 110 ? 7.65539   -1.14280  -1.76610  1.000 60.90000  ? 115 ILE AA1 C   1 
ATOM   493 O  O   . ILE A 1 110 ? 8.63911   -1.67002  -1.23334  1.000 56.20000  ? 115 ILE AA1 O   1 
ATOM   494 C  CB  . ILE A 1 110 ? 8.52335   0.32552   -3.61001  1.000 54.22000  ? 115 ILE AA1 CB  1 
ATOM   495 C  CG1 . ILE A 1 110 ? 8.28156   1.64300   -4.34234  1.000 54.97000  ? 115 ILE AA1 CG1 1 
ATOM   496 C  CG2 . ILE A 1 110 ? 8.14513   -0.85217  -4.50208  1.000 44.88000  ? 115 ILE AA1 CG2 1 
ATOM   497 C  CD1 . ILE A 1 110 ? 8.98290   1.74461   -5.67305  1.000 63.67000  ? 115 ILE AA1 CD1 1 
ATOM   498 N  N   . LEU A 1 111 ? 6.49844   -1.76812  -1.94096  1.000 61.28000  ? 116 LEU AA1 N   1 
ATOM   499 C  CA  . LEU A 1 111 ? 6.21549   -3.10591  -1.45015  1.000 51.87000  ? 116 LEU AA1 CA  1 
ATOM   500 C  C   . LEU A 1 111 ? 6.10238   -4.05250  -2.63056  1.000 60.24000  ? 116 LEU AA1 C   1 
ATOM   501 O  O   . LEU A 1 111 ? 5.45606   -3.73689  -3.63589  1.000 67.17000  ? 116 LEU AA1 O   1 
ATOM   502 C  CB  . LEU A 1 111 ? 4.91901   -3.10842  -0.63991  1.000 58.36000  ? 116 LEU AA1 CB  1 
ATOM   503 C  CG  . LEU A 1 111 ? 5.00043   -3.31128  0.87415   1.000 69.61000  ? 116 LEU AA1 CG  1 
ATOM   504 C  CD1 . LEU A 1 111 ? 3.63726   -3.06189  1.50847   1.000 84.87000  ? 116 LEU AA1 CD1 1 
ATOM   505 C  CD2 . LEU A 1 111 ? 5.46399   -4.73067  1.20637   1.000 68.93000  ? 116 LEU AA1 CD2 1 
ATOM   506 N  N   . TYR A 1 112 ? 6.74011   -5.20101  -2.51894  1.000 56.00000  ? 117 TYR AA1 N   1 
ATOM   507 C  CA  . TYR A 1 112 ? 6.51138   -6.29405  -3.44158  1.000 61.31000  ? 117 TYR AA1 CA  1 
ATOM   508 C  C   . TYR A 1 112 ? 6.07436   -7.48130  -2.60077  1.000 68.54000  ? 117 TYR AA1 C   1 
ATOM   509 O  O   . TYR A 1 112 ? 6.63306   -7.73486  -1.52069  1.000 72.77000  ? 117 TYR AA1 O   1 
ATOM   510 C  CB  . TYR A 1 112 ? 7.77068   -6.62021  -4.27161  1.000 68.95000  ? 117 TYR AA1 CB  1 
ATOM   511 C  CG  . TYR A 1 112 ? 7.55466   -7.69629  -5.30490  1.000 64.52000  ? 117 TYR AA1 CG  1 
ATOM   512 C  CD1 . TYR A 1 112 ? 6.98474   -7.39207  -6.52632  1.000 60.87000  ? 117 TYR AA1 CD1 1 
ATOM   513 C  CD2 . TYR A 1 112 ? 7.91258   -9.01727  -5.05442  1.000 63.76000  ? 117 TYR AA1 CD2 1 
ATOM   514 C  CE1 . TYR A 1 112 ? 6.77533   -8.36597  -7.47274  1.000 65.96000  ? 117 TYR AA1 CE1 1 
ATOM   515 C  CE2 . TYR A 1 112 ? 7.71565   -10.00044 -5.99879  1.000 60.37000  ? 117 TYR AA1 CE2 1 
ATOM   516 C  CZ  . TYR A 1 112 ? 7.13842   -9.67264  -7.20457  1.000 71.21000  ? 117 TYR AA1 CZ  1 
ATOM   517 O  OH  . TYR A 1 112 ? 6.91557   -10.63649 -8.16672  1.000 79.02000  ? 117 TYR AA1 OH  1 
ATOM   518 N  N   . CYS A 1 113 ? 5.03465   -8.15134  -3.05838  1.000 68.23000  ? 118 CYS AA1 N   1 
ATOM   519 C  CA  . CYS A 1 113 ? 4.49359   -9.25771  -2.26863  1.000 65.73000  ? 118 CYS AA1 CA  1 
ATOM   520 C  C   . CYS A 1 113 ? 4.04490   -10.33037 -3.24473  1.000 70.08000  ? 118 CYS AA1 C   1 
ATOM   521 O  O   . CYS A 1 113 ? 3.50640   -9.97043  -4.29577  1.000 67.05000  ? 118 CYS AA1 O   1 
ATOM   522 C  CB  . CYS A 1 113 ? 3.27679   -8.74210  -1.50772  1.000 67.72000  ? 118 CYS AA1 CB  1 
ATOM   523 S  SG  . CYS A 1 113 ? 1.67620   -9.30778  -2.13311  1.000 74.56000  ? 118 CYS AA1 SG  1 
ATOM   524 N  N   . GLU A 1 114 ? 4.27072   -11.58680 -2.90171  1.000 69.55000  ? 119 GLU AA1 N   1 
ATOM   525 C  CA  . GLU A 1 114 ? 3.92242   -12.72489 -3.74339  1.000 74.14000  ? 119 GLU AA1 CA  1 
ATOM   526 C  C   . GLU A 1 114 ? 3.02483   -13.66328 -2.95624  1.000 78.60000  ? 119 GLU AA1 C   1 
ATOM   527 O  O   . GLU A 1 114 ? 3.44276   -14.17477 -1.91110  1.000 96.27000  ? 119 GLU AA1 O   1 
ATOM   528 C  CB  . GLU A 1 114 ? 5.16684   -13.49262 -4.17989  1.000 82.54000  ? 119 GLU AA1 CB  1 
ATOM   529 C  CG  . GLU A 1 114 ? 6.08092   -12.75004 -5.09782  1.000 79.89000  ? 119 GLU AA1 CG  1 
ATOM   530 C  CD  . GLU A 1 114 ? 6.15073   -13.37343 -6.46793  1.000 97.57000  ? 119 GLU AA1 CD  1 
ATOM   531 O  OE1 . GLU A 1 114 ? 5.66319   -14.51746 -6.64528  1.000 101.37000 ? 119 GLU AA1 OE1 1 
ATOM   532 O  OE2 . GLU A 1 114 ? 6.73315   -12.71623 -7.35839  1.000 98.86000  ? 119 GLU AA1 OE2 1 
ATOM   533 N  N   . GLY A 1 115 ? 1.81014   -13.90780 -3.45398  1.000 58.94000  ? 120 GLY AA1 N   1 
ATOM   534 C  CA  . GLY A 1 115 ? 0.87207   -14.78415 -2.75677  1.000 63.85000  ? 120 GLY AA1 CA  1 
ATOM   535 C  C   . GLY A 1 115 ? -0.59348  -14.43693 -2.93227  1.000 76.42000  ? 120 GLY AA1 C   1 
ATOM   536 O  O   . GLY A 1 115 ? -1.42382  -14.70258 -2.05415  1.000 84.52000  ? 120 GLY AA1 O   1 
ATOM   537 N  N   . ILE A 1 122 ? -1.15638  -14.79207 -7.33876  1.000 76.18000  ? 127 ILE AA1 N   1 
ATOM   538 C  CA  . ILE A 1 122 ? -1.22746  -13.37252 -7.64075  1.000 69.09000  ? 127 ILE AA1 CA  1 
ATOM   539 C  C   . ILE A 1 122 ? -0.10331  -12.62339 -6.93926  1.000 72.40000  ? 127 ILE AA1 C   1 
ATOM   540 O  O   . ILE A 1 122 ? 0.29441   -12.95498 -5.82765  1.000 68.51000  ? 127 ILE AA1 O   1 
ATOM   541 C  CB  . ILE A 1 122 ? -2.59159  -12.78593 -7.25138  1.000 74.83000  ? 127 ILE AA1 CB  1 
ATOM   542 C  CG1 . ILE A 1 122 ? -2.72151  -11.35084 -7.76003  1.000 67.68000  ? 127 ILE AA1 CG1 1 
ATOM   543 C  CG2 . ILE A 1 122 ? -2.79361  -12.85229 -5.72634  1.000 86.29000  ? 127 ILE AA1 CG2 1 
ATOM   544 N  N   . ARG A 1 123 ? 0.41438   -11.60582 -7.61254  1.000 79.07000  ? 128 ARG AA1 N   1 
ATOM   545 C  CA  . ARG A 1 123 ? 1.47237   -10.76233 -7.08275  1.000 69.03000  ? 128 ARG AA1 CA  1 
ATOM   546 C  C   . ARG A 1 123 ? 1.15771   -9.32170  -7.45221  1.000 72.37000  ? 128 ARG AA1 C   1 
ATOM   547 O  O   . ARG A 1 123 ? 0.76005   -9.03715  -8.58189  1.000 72.77000  ? 128 ARG AA1 O   1 
ATOM   548 C  CB  . ARG A 1 123 ? 2.83257   -11.18224 -7.63072  1.000 60.27000  ? 128 ARG AA1 CB  1 
ATOM   549 N  N   . MET A 1 124 ? 1.29693   -8.42082  -6.48952  1.000 67.32000  ? 129 MET AA1 N   1 
ATOM   550 C  CA  . MET A 1 124 ? 1.04247   -7.00798  -6.70503  1.000 54.64000  ? 129 MET AA1 CA  1 
ATOM   551 C  C   . MET A 1 124 ? 2.20879   -6.20632  -6.13667  1.000 65.14000  ? 129 MET AA1 C   1 
ATOM   552 O  O   . MET A 1 124 ? 3.14418   -6.75492  -5.53762  1.000 53.99000  ? 129 MET AA1 O   1 
ATOM   553 N  N   . ALA A 1 125 ? 2.13815   -4.89077  -6.32478  1.000 62.50000  ? 130 ALA AA1 N   1 
ATOM   554 C  CA  . ALA A 1 125 ? 3.11796   -3.95442  -5.79248  1.000 60.30000  ? 130 ALA AA1 CA  1 
ATOM   555 C  C   . ALA A 1 125 ? 2.39529   -2.72105  -5.27212  1.000 63.62000  ? 130 ALA AA1 C   1 
ATOM   556 O  O   . ALA A 1 125 ? 1.41870   -2.27245  -5.88634  1.000 58.35000  ? 130 ALA AA1 O   1 
ATOM   557 C  CB  . ALA A 1 125 ? 4.12835   -3.53012  -6.86185  1.000 61.56000  ? 130 ALA AA1 CB  1 
ATOM   558 N  N   . LYS A 1 126 ? 2.89820   -2.15120  -4.17111  1.000 51.60000  ? 131 LYS AA1 N   1 
ATOM   559 C  CA  . LYS A 1 126 ? 2.28089   -0.98675  -3.55477  1.000 45.35000  ? 131 LYS AA1 CA  1 
ATOM   560 C  C   . LYS A 1 126 ? 3.32822   0.08767   -3.27794  1.000 49.90000  ? 131 LYS AA1 C   1 
ATOM   561 O  O   . LYS A 1 126 ? 4.49627   -0.22510  -3.02853  1.000 42.45000  ? 131 LYS AA1 O   1 
ATOM   562 C  CB  . LYS A 1 126 ? 1.56850   -1.39182  -2.26375  1.000 47.67000  ? 131 LYS AA1 CB  1 
ATOM   563 N  N   . LEU A 1 127 ? 2.89295   1.36787   -3.30492  1.000 51.64000  ? 132 LEU AA1 N   1 
ATOM   564 C  CA  . LEU A 1 127 ? 3.73966   2.54870   -3.07696  1.000 44.67000  ? 132 LEU AA1 CA  1 
ATOM   565 C  C   . LEU A 1 127 ? 3.31337   3.27661   -1.79182  1.000 52.71000  ? 132 LEU AA1 C   1 
ATOM   566 O  O   . LEU A 1 127 ? 2.42181   4.13276   -1.81273  1.000 45.44000  ? 132 LEU AA1 O   1 
ATOM   567 C  CB  . LEU A 1 127 ? 3.65321   3.50329   -4.26905  1.000 47.14000  ? 132 LEU AA1 CB  1 
ATOM   568 C  CG  . LEU A 1 127 ? 4.34582   4.86271   -4.05247  1.000 44.55000  ? 132 LEU AA1 CG  1 
ATOM   569 C  CD1 . LEU A 1 127 ? 5.84760   4.68444   -3.76591  1.000 49.92000  ? 132 LEU AA1 CD1 1 
ATOM   570 C  CD2 . LEU A 1 127 ? 4.09975   5.89366   -5.13520  1.000 29.35000  ? 132 LEU AA1 CD2 1 
ATOM   571 N  N   . LEU A 1 128 ? 3.96719   2.97930   -0.67454  1.000 59.48000  ? 133 LEU AA1 N   1 
ATOM   572 C  CA  . LEU A 1 128 ? 3.60145   3.66039   0.55655   1.000 54.13000  ? 133 LEU AA1 CA  1 
ATOM   573 C  C   . LEU A 1 128 ? 4.28541   5.02255   0.66054   1.000 59.10000  ? 133 LEU AA1 C   1 
ATOM   574 O  O   . LEU A 1 128 ? 5.44347   5.19987   0.26045   1.000 52.44000  ? 133 LEU AA1 O   1 
ATOM   575 C  CB  . LEU A 1 128 ? 3.94787   2.80783   1.77144   1.000 51.22000  ? 133 LEU AA1 CB  1 
ATOM   576 C  CG  . LEU A 1 128 ? 3.35733   1.41034   1.82253   1.000 55.39000  ? 133 LEU AA1 CG  1 
ATOM   577 C  CD1 . LEU A 1 128 ? 3.53994   0.82266   3.21766   1.000 58.16000  ? 133 LEU AA1 CD1 1 
ATOM   578 C  CD2 . LEU A 1 128 ? 1.91912   1.46899   1.45373   1.000 57.18000  ? 133 LEU AA1 CD2 1 
ATOM   579 N  N   . GLY A 1 129 ? 3.55053   5.98610   1.23221   1.000 59.64000  ? 134 GLY AA1 N   1 
ATOM   580 C  CA  . GLY A 1 129 ? 4.05785   7.32382   1.41741   1.000 54.72000  ? 134 GLY AA1 CA  1 
ATOM   581 C  C   . GLY A 1 129 ? 3.90610   7.77513   2.86228   1.000 63.75000  ? 134 GLY AA1 C   1 
ATOM   582 O  O   . GLY A 1 129 ? 3.11648   7.22887   3.63426   1.000 64.41000  ? 134 GLY AA1 O   1 
ATOM   583 N  N   . ARG A 1 130 ? 4.70037   8.77922   3.21964   1.000 70.54000  ? 135 ARG AA1 N   1 
ATOM   584 C  CA  . ARG A 1 130 ? 4.63839   9.33145   4.56110   1.000 57.29000  ? 135 ARG AA1 CA  1 
ATOM   585 C  C   . ARG A 1 130 ? 3.77149   10.57708  4.63074   1.000 61.94000  ? 135 ARG AA1 C   1 
ATOM   586 O  O   . ARG A 1 130 ? 3.37478   10.96799  5.73328   1.000 79.48000  ? 135 ARG AA1 O   1 
ATOM   587 C  CB  . ARG A 1 130 ? 6.05048   9.64863   5.08639   1.000 64.24000  ? 135 ARG AA1 CB  1 
ATOM   588 N  N   . ASP A 1 131 ? 3.47537   11.21286  3.50412   1.000 59.81000  ? 136 ASP AA1 N   1 
ATOM   589 C  CA  . ASP A 1 131 ? 2.45517   12.24263  3.50482   1.000 53.71000  ? 136 ASP AA1 CA  1 
ATOM   590 C  C   . ASP A 1 131 ? 1.57073   12.03715  2.28155   1.000 67.04000  ? 136 ASP AA1 C   1 
ATOM   591 O  O   . ASP A 1 131 ? 2.03509   11.55970  1.23397   1.000 60.83000  ? 136 ASP AA1 O   1 
ATOM   592 C  CB  . ASP A 1 131 ? 3.01376   13.67691  3.47381   1.000 58.49000  ? 136 ASP AA1 CB  1 
ATOM   593 C  CG  . ASP A 1 131 ? 3.29532   14.16919  2.05938   1.000 70.88000  ? 136 ASP AA1 CG  1 
ATOM   594 O  OD1 . ASP A 1 131 ? 4.36368   13.86331  1.45977   1.000 67.55000  ? 136 ASP AA1 OD1 1 
ATOM   595 O  OD2 . ASP A 1 131 ? 2.42882   14.93622  1.57723   1.000 67.91000  ? 136 ASP AA1 OD2 1 
ATOM   596 N  N   . PRO A 1 132 ? 0.30683   12.44284  2.36102   1.000 69.29000  ? 137 PRO AA1 N   1 
ATOM   597 C  CA  . PRO A 1 132 ? -0.67722  11.90485  1.42145   1.000 55.80000  ? 137 PRO AA1 CA  1 
ATOM   598 C  C   . PRO A 1 132 ? -0.54751  12.40498  -0.01575  1.000 59.64000  ? 137 PRO AA1 C   1 
ATOM   599 O  O   . PRO A 1 132 ? -1.08506  11.73977  -0.91362  1.000 71.62000  ? 137 PRO AA1 O   1 
ATOM   600 C  CB  . PRO A 1 132 ? -2.01446  12.35114  2.03072   1.000 58.81000  ? 137 PRO AA1 CB  1 
ATOM   601 C  CG  . PRO A 1 132 ? -1.70137  12.88072  3.38751   1.000 47.23000  ? 137 PRO AA1 CG  1 
ATOM   602 C  CD  . PRO A 1 132 ? -0.31662  13.37859  3.30990   1.000 51.70000  ? 137 PRO AA1 CD  1 
ATOM   603 N  N   . GLU A 1 133 ? 0.11966   13.53098  -0.28182  1.000 52.65000  ? 138 GLU AA1 N   1 
ATOM   604 C  CA  . GLU A 1 133 ? -0.11478  14.19815  -1.56004  1.000 55.46000  ? 138 GLU AA1 CA  1 
ATOM   605 C  C   . GLU A 1 133 ? 0.53015   13.44482  -2.71529  1.000 52.41000  ? 138 GLU AA1 C   1 
ATOM   606 O  O   . GLU A 1 133 ? 1.49336   12.69174  -2.54423  1.000 59.81000  ? 138 GLU AA1 O   1 
ATOM   607 C  CB  . GLU A 1 133 ? 0.36719   15.65458  -1.52727  1.000 58.90000  ? 138 GLU AA1 CB  1 
ATOM   608 C  CG  . GLU A 1 133 ? -0.19327  16.50668  -2.70153  1.000 65.36000  ? 138 GLU AA1 CG  1 
ATOM   609 C  CD  . GLU A 1 133 ? -1.71191  16.68883  -2.66595  1.000 61.58000  ? 138 GLU AA1 CD  1 
ATOM   610 O  OE1 . GLU A 1 133 ? -2.18140  17.57675  -1.93814  1.000 88.69000  ? 138 GLU AA1 OE1 1 
ATOM   611 O  OE2 . GLU A 1 133 ? -2.44706  15.94779  -3.35842  1.000 54.51000  ? 138 GLU AA1 OE2 1 
ATOM   612 N  N   . GLN A 1 134 ? -0.03957  13.63480  -3.89795  1.000 52.47000  ? 139 GLN AA1 N   1 
ATOM   613 C  CA  . GLN A 1 134 ? 0.42773   12.90989  -5.06630  1.000 58.92000  ? 139 GLN AA1 CA  1 
ATOM   614 C  C   . GLN A 1 134 ? 1.84157   13.33273  -5.35393  1.000 51.42000  ? 139 GLN AA1 C   1 
ATOM   615 O  O   . GLN A 1 134 ? 2.16245   14.51951  -5.28004  1.000 52.73000  ? 139 GLN AA1 O   1 
ATOM   616 C  CB  . GLN A 1 134 ? -0.46277  13.19969  -6.27768  1.000 58.69000  ? 139 GLN AA1 CB  1 
ATOM   617 C  CG  . GLN A 1 134 ? -0.16061  12.36574  -7.50177  1.000 52.46000  ? 139 GLN AA1 CG  1 
ATOM   618 C  CD  . GLN A 1 134 ? -1.07076  12.69755  -8.67444  1.000 54.84000  ? 139 GLN AA1 CD  1 
ATOM   619 N  N   . SER A 1 135 ? 2.69816   12.36210  -5.65822  1.000 54.57000  ? 140 SER AA1 N   1 
ATOM   620 C  CA  . SER A 1 135 ? 4.08039   12.64403  -6.03118  1.000 55.89000  ? 140 SER AA1 CA  1 
ATOM   621 C  C   . SER A 1 135 ? 4.31876   12.01056  -7.39632  1.000 55.23000  ? 140 SER AA1 C   1 
ATOM   622 O  O   . SER A 1 135 ? 4.53090   10.79398  -7.48288  1.000 60.45000  ? 140 SER AA1 O   1 
ATOM   623 C  CB  . SER A 1 135 ? 5.05206   12.11829  -4.97934  1.000 55.62000  ? 140 SER AA1 CB  1 
ATOM   624 O  OG  . SER A 1 135 ? 6.39335   12.16748  -5.44297  1.000 62.79000  ? 140 SER AA1 OG  1 
ATOM   625 N  N   . GLN A 1 136 ? 4.26185   12.82757  -8.46312  1.000 48.32000  ? 141 GLN AA1 N   1 
ATOM   626 C  CA  . GLN A 1 136 ? 4.39251   12.24901  -9.79501  1.000 49.19000  ? 141 GLN AA1 CA  1 
ATOM   627 C  C   . GLN A 1 136 ? 5.71035   11.51617  -9.90339  1.000 53.93000  ? 141 GLN AA1 C   1 
ATOM   628 O  O   . GLN A 1 136 ? 5.79850   10.45669  -10.53508 1.000 54.68000  ? 141 GLN AA1 O   1 
ATOM   629 C  CB  . GLN A 1 136 ? 4.27935   13.32655  -10.88826 1.000 48.12000  ? 141 GLN AA1 CB  1 
ATOM   630 C  CG  . GLN A 1 136 ? 2.86864   14.02524  -11.00515 1.000 55.97000  ? 141 GLN AA1 CG  1 
ATOM   631 C  CD  . GLN A 1 136 ? 1.79709   13.18757  -11.70061 1.000 48.89000  ? 141 GLN AA1 CD  1 
ATOM   632 N  N   . GLU A 1 137 ? 6.73148   12.03483  -9.23619  1.000 64.14000  ? 142 GLU AA1 N   1 
ATOM   633 C  CA  . GLU A 1 137 ? 8.04955   11.44196  -9.29252  1.000 62.05000  ? 142 GLU AA1 CA  1 
ATOM   634 C  C   . GLU A 1 137 ? 8.15046   10.18027  -8.43650  1.000 59.62000  ? 142 GLU AA1 C   1 
ATOM   635 O  O   . GLU A 1 137 ? 8.94164   9.28931   -8.75985  1.000 63.05000  ? 142 GLU AA1 O   1 
ATOM   636 C  CB  . GLU A 1 137 ? 9.05190   12.53353  -8.91730  1.000 50.43000  ? 142 GLU AA1 CB  1 
ATOM   637 C  CG  . GLU A 1 137 ? 10.46871  12.07114  -8.70719  1.000 66.93000  ? 142 GLU AA1 CG  1 
ATOM   638 C  CD  . GLU A 1 137 ? 10.73851  12.03005  -7.22441  1.000 81.29000  ? 142 GLU AA1 CD  1 
ATOM   639 O  OE1 . GLU A 1 137 ? 9.73719   12.20831  -6.48959  1.000 80.42000  ? 142 GLU AA1 OE1 1 
ATOM   640 O  OE2 . GLU A 1 137 ? 11.90100  11.87135  -6.79102  1.000 76.50000  ? 142 GLU AA1 OE2 1 
ATOM   641 N  N   . ALA A 1 138 ? 7.32084   10.04930  -7.39901  1.000 52.26000  ? 143 ALA AA1 N   1 
ATOM   642 C  CA  . ALA A 1 138 ? 7.20527   8.75739   -6.72530  1.000 47.35000  ? 143 ALA AA1 CA  1 
ATOM   643 C  C   . ALA A 1 138 ? 6.48147   7.72353   -7.58689  1.000 52.12000  ? 143 ALA AA1 C   1 
ATOM   644 O  O   . ALA A 1 138 ? 6.90771   6.56551   -7.66019  1.000 50.91000  ? 143 ALA AA1 O   1 
ATOM   645 C  CB  . ALA A 1 138 ? 6.48933   8.92133   -5.39183  1.000 55.47000  ? 143 ALA AA1 CB  1 
ATOM   646 N  N   . LEU A 1 139 ? 5.37824   8.11584   -8.23298  1.000 59.85000  ? 144 LEU AA1 N   1 
ATOM   647 C  CA  . LEU A 1 139 ? 4.72029   7.25234   -9.21299  1.000 54.37000  ? 144 LEU AA1 CA  1 
ATOM   648 C  C   . LEU A 1 139 ? 5.68180   6.73113   -10.29760 1.000 52.91000  ? 144 LEU AA1 C   1 
ATOM   649 O  O   . LEU A 1 139 ? 5.88454   5.51828   -10.43420 1.000 50.62000  ? 144 LEU AA1 O   1 
ATOM   650 C  CB  . LEU A 1 139 ? 3.58904   8.00489   -9.88942  1.000 45.95000  ? 144 LEU AA1 CB  1 
ATOM   651 C  CG  . LEU A 1 139 ? 2.17207   7.61474   -9.55605  1.000 59.72000  ? 144 LEU AA1 CG  1 
ATOM   652 C  CD1 . LEU A 1 139 ? 1.34444   8.42673   -10.51718 1.000 59.07000  ? 144 LEU AA1 CD1 1 
ATOM   653 C  CD2 . LEU A 1 139 ? 1.94001   6.12262   -9.71002  1.000 45.48000  ? 144 LEU AA1 CD2 1 
ATOM   654 N  N   . GLU A 1 140 ? 6.21468   7.64157   -11.12936 1.000 46.64000  ? 145 GLU AA1 N   1 
ATOM   655 C  CA  . GLU A 1 140 ? 7.08602   7.30252   -12.25080 1.000 51.79000  ? 145 GLU AA1 CA  1 
ATOM   656 C  C   . GLU A 1 140 ? 8.05942   6.19450   -11.88128 1.000 61.12000  ? 145 GLU AA1 C   1 
ATOM   657 O  O   . GLU A 1 140 ? 8.30873   5.28980   -12.68310 1.000 54.64000  ? 145 GLU AA1 O   1 
ATOM   658 C  CB  . GLU A 1 140 ? 7.82703   8.56799   -12.70405 1.000 67.84000  ? 145 GLU AA1 CB  1 
ATOM   659 C  CG  . GLU A 1 140 ? 8.66868   8.55196   -14.01050 1.000 60.12000  ? 145 GLU AA1 CG  1 
ATOM   660 C  CD  . GLU A 1 140 ? 8.96026   9.99412   -14.50232 1.000 74.54000  ? 145 GLU AA1 CD  1 
ATOM   661 O  OE1 . GLU A 1 140 ? 8.04997   10.83776  -14.28681 1.000 82.72000  ? 145 GLU AA1 OE1 1 
ATOM   662 O  OE2 . GLU A 1 140 ? 10.08571  10.31226  -15.02015 1.000 51.12000  ? 145 GLU AA1 OE2 1 
ATOM   663 N  N   . ASP A 1 141 ? 8.57657   6.24354   -10.64789 1.000 58.08000  ? 146 ASP AA1 N   1 
ATOM   664 C  CA  . ASP A 1 141 ? 9.50926   5.22712   -10.18039 1.000 52.47000  ? 146 ASP AA1 CA  1 
ATOM   665 C  C   . ASP A 1 141 ? 8.78754   3.94219   -9.81116  1.000 55.80000  ? 146 ASP AA1 C   1 
ATOM   666 O  O   . ASP A 1 141 ? 9.30674   2.85075   -10.05379 1.000 61.31000  ? 146 ASP AA1 O   1 
ATOM   667 C  CB  . ASP A 1 141 ? 10.30692  5.74798   -8.98032  1.000 49.55000  ? 146 ASP AA1 CB  1 
ATOM   668 C  CG  . ASP A 1 141 ? 11.48124  4.84216   -8.62665  1.000 55.94000  ? 146 ASP AA1 CG  1 
ATOM   669 O  OD1 . ASP A 1 141 ? 12.50506  4.84392   -9.35196  1.000 57.48000  ? 146 ASP AA1 OD1 1 
ATOM   670 O  OD2 . ASP A 1 141 ? 11.36766  4.10122   -7.63350  1.000 71.47000  ? 146 ASP AA1 OD2 1 
ATOM   671 N  N   . PHE A 1 142 ? 7.58389   4.05784   -9.24496  1.000 61.43000  ? 147 PHE AA1 N   1 
ATOM   672 C  CA  . PHE A 1 142 ? 6.78198   2.88618   -8.91721  1.000 47.91000  ? 147 PHE AA1 CA  1 
ATOM   673 C  C   . PHE A 1 142 ? 6.31942   2.14884   -10.16441 1.000 57.03000  ? 147 PHE AA1 C   1 
ATOM   674 O  O   . PHE A 1 142 ? 6.06776   0.93681   -10.11776 1.000 56.18000  ? 147 PHE AA1 O   1 
ATOM   675 C  CB  . PHE A 1 142 ? 5.59290   3.30956   -8.06761  1.000 40.63000  ? 147 PHE AA1 CB  1 
ATOM   676 C  CG  . PHE A 1 142 ? 4.71332   2.15456   -7.66726  1.000 46.74000  ? 147 PHE AA1 CG  1 
ATOM   677 C  CD1 . PHE A 1 142 ? 5.17493   1.16885   -6.79757  1.000 44.16000  ? 147 PHE AA1 CD1 1 
ATOM   678 C  CD2 . PHE A 1 142 ? 3.44022   2.02876   -8.20075  1.000 36.43000  ? 147 PHE AA1 CD2 1 
ATOM   679 C  CE1 . PHE A 1 142 ? 4.37736   0.10182   -6.46051  1.000 35.93000  ? 147 PHE AA1 CE1 1 
ATOM   680 C  CE2 . PHE A 1 142 ? 2.64922   0.97432   -7.85701  1.000 45.62000  ? 147 PHE AA1 CE2 1 
ATOM   681 C  CZ  . PHE A 1 142 ? 3.11789   0.01068   -6.97671  1.000 50.55000  ? 147 PHE AA1 CZ  1 
ATOM   682 N  N   . ARG A 1 143 ? 6.19881   2.86856   -11.28701 1.000 53.99000  ? 148 ARG AA1 N   1 
ATOM   683 C  CA  . ARG A 1 143 ? 5.84978   2.23501   -12.55571 1.000 53.76000  ? 148 ARG AA1 CA  1 
ATOM   684 C  C   . ARG A 1 143 ? 7.00236   1.40262   -13.08497 1.000 59.13000  ? 148 ARG AA1 C   1 
ATOM   685 O  O   . ARG A 1 143 ? 6.84125   0.21237   -13.37951 1.000 56.05000  ? 148 ARG AA1 O   1 
ATOM   686 C  CB  . ARG A 1 143 ? 5.48741   3.30375   -13.57751 1.000 68.40000  ? 148 ARG AA1 CB  1 
ATOM   687 C  CG  . ARG A 1 143 ? 4.99540   2.79555   -14.90783 1.000 56.87000  ? 148 ARG AA1 CG  1 
ATOM   688 C  CD  . ARG A 1 143 ? 4.62744   4.00042   -15.74220 1.000 65.46000  ? 148 ARG AA1 CD  1 
ATOM   689 N  N   . GLU A 1 144 ? 8.16188   2.04155   -13.25444 1.000 55.84000  ? 149 GLU AA1 N   1 
ATOM   690 C  CA  . GLU A 1 144 ? 9.36189   1.34143   -13.69418 1.000 59.56000  ? 149 GLU AA1 CA  1 
ATOM   691 C  C   . GLU A 1 144 ? 9.58423   0.08376   -12.86701 1.000 62.84000  ? 149 GLU AA1 C   1 
ATOM   692 O  O   . GLU A 1 144 ? 9.59300   -1.03056  -13.40619 1.000 67.53000  ? 149 GLU AA1 O   1 
ATOM   693 C  CB  . GLU A 1 144 ? 10.56886  2.27791   -13.59840 1.000 71.26000  ? 149 GLU AA1 CB  1 
ATOM   694 C  CG  . GLU A 1 144 ? 10.61627  3.36992   -14.67028 1.000 56.86000  ? 149 GLU AA1 CG  1 
ATOM   695 C  CD  . GLU A 1 144 ? 11.79562  4.32223   -14.48396 1.000 56.70000  ? 149 GLU AA1 CD  1 
ATOM   696 N  N   . PHE A 1 145 ? 9.75214   0.24840   -11.54620 1.000 56.55000  ? 150 PHE AA1 N   1 
ATOM   697 C  CA  . PHE A 1 145 ? 9.80006   -0.88949  -10.62370 1.000 62.32000  ? 150 PHE AA1 CA  1 
ATOM   698 C  C   . PHE A 1 145 ? 8.76464   -1.97183  -10.94286 1.000 62.61000  ? 150 PHE AA1 C   1 
ATOM   699 O  O   . PHE A 1 145 ? 9.07052   -3.16686  -10.93447 1.000 67.38000  ? 150 PHE AA1 O   1 
ATOM   700 C  CB  . PHE A 1 145 ? 9.60979   -0.40824  -9.18206  1.000 64.94000  ? 150 PHE AA1 CB  1 
ATOM   701 C  CG  . PHE A 1 145 ? 9.66289   -1.51936  -8.17640  1.000 67.51000  ? 150 PHE AA1 CG  1 
ATOM   702 C  CD1 . PHE A 1 145 ? 10.86451  -1.92305  -7.63474  1.000 70.35000  ? 150 PHE AA1 CD1 1 
ATOM   703 C  CD2 . PHE A 1 145 ? 8.50949   -2.18056  -7.79499  1.000 64.10000  ? 150 PHE AA1 CD2 1 
ATOM   704 C  CE1 . PHE A 1 145 ? 10.91373  -2.95897  -6.71798  1.000 62.38000  ? 150 PHE AA1 CE1 1 
ATOM   705 C  CE2 . PHE A 1 145 ? 8.55688   -3.22005  -6.88182  1.000 74.41000  ? 150 PHE AA1 CE2 1 
ATOM   706 C  CZ  . PHE A 1 145 ? 9.76772   -3.60567  -6.34481  1.000 65.69000  ? 150 PHE AA1 CZ  1 
ATOM   707 N  N   . SER A 1 146 ? 7.52629   -1.55419  -11.21673 1.000 63.61000  ? 151 SER AA1 N   1 
ATOM   708 C  CA  . SER A 1 146 ? 6.43110   -2.49872  -11.41067 1.000 65.13000  ? 151 SER AA1 CA  1 
ATOM   709 C  C   . SER A 1 146 ? 6.59467   -3.28961  -12.70708 1.000 63.63000  ? 151 SER AA1 C   1 
ATOM   710 O  O   . SER A 1 146 ? 6.37685   -4.50917  -12.72194 1.000 66.14000  ? 151 SER AA1 O   1 
ATOM   711 C  CB  . SER A 1 146 ? 5.10230   -1.74616  -11.37702 1.000 59.14000  ? 151 SER AA1 CB  1 
ATOM   712 N  N   . ARG A 1 147 ? 6.96767   -2.61725  -13.80598 1.000 72.63000  ? 152 ARG AA1 N   1 
ATOM   713 C  CA  . ARG A 1 147 ? 7.33636   -3.32797  -15.03296 1.000 63.13000  ? 152 ARG AA1 CA  1 
ATOM   714 C  C   . ARG A 1 147 ? 8.64486   -4.09865  -14.84668 1.000 71.90000  ? 152 ARG AA1 C   1 
ATOM   715 O  O   . ARG A 1 147 ? 8.78316   -5.22977  -15.32399 1.000 72.86000  ? 152 ARG AA1 O   1 
ATOM   716 N  N   . ALA A 1 148 ? 9.59393   -3.52254  -14.11256 1.000 61.86000  ? 153 ALA AA1 N   1 
ATOM   717 C  CA  . ALA A 1 148 ? 10.84358  -4.19578  -13.78881 1.000 65.57000  ? 153 ALA AA1 CA  1 
ATOM   718 C  C   . ALA A 1 148 ? 10.67182  -5.43716  -12.91195 1.000 84.87000  ? 153 ALA AA1 C   1 
ATOM   719 O  O   . ALA A 1 148 ? 11.67612  -6.05983  -12.54010 1.000 94.07000  ? 153 ALA AA1 O   1 
ATOM   720 C  CB  . ALA A 1 148 ? 11.79011  -3.22308  -13.07913 1.000 69.48000  ? 153 ALA AA1 CB  1 
ATOM   721 N  N   . LYS A 1 149 ? 9.43442   -5.79205  -12.53298 1.000 75.75000  ? 154 LYS AA1 N   1 
ATOM   722 C  CA  . LYS A 1 149 ? 9.20924   -7.00483  -11.74981 1.000 74.93000  ? 154 LYS AA1 CA  1 
ATOM   723 C  C   . LYS A 1 149 ? 8.03450   -7.82028  -12.27490 1.000 77.57000  ? 154 LYS AA1 C   1 
ATOM   724 O  O   . LYS A 1 149 ? 7.55766   -8.72668  -11.58544 1.000 77.00000  ? 154 LYS AA1 O   1 
ATOM   725 C  CB  . LYS A 1 149 ? 9.03351   -6.68284  -10.26162 1.000 76.36000  ? 154 LYS AA1 CB  1 
ATOM   726 C  CG  . LYS A 1 149 ? 9.73174   -7.69930  -9.34446  1.000 77.25000  ? 154 LYS AA1 CG  1 
ATOM   727 C  CD  . LYS A 1 149 ? 11.15029  -8.06110  -9.84860  1.000 90.35000  ? 154 LYS AA1 CD  1 
ATOM   728 C  CE  . LYS A 1 149 ? 12.22098  -6.96659  -9.64939  1.000 109.61000 ? 154 LYS AA1 CE  1 
ATOM   729 N  NZ  . LYS A 1 149 ? 13.55194  -7.30749  -10.29662 1.000 106.77000 ? 154 LYS AA1 NZ  1 
ATOM   730 N  N   . GLY A 1 150 ? 7.58835   -7.54794  -13.49770 1.000 75.23000  ? 155 GLY AA1 N   1 
ATOM   731 C  CA  . GLY A 1 150 ? 6.62916   -8.40195  -14.15898 1.000 61.96000  ? 155 GLY AA1 CA  1 
ATOM   732 C  C   . GLY A 1 150 ? 5.20024   -7.96952  -14.01076 1.000 73.49000  ? 155 GLY AA1 C   1 
ATOM   733 O  O   . GLY A 1 150 ? 4.29203   -8.75333  -14.30824 1.000 76.91000  ? 155 GLY AA1 O   1 
ATOM   734 N  N   . LEU A 1 151 ? 4.96530   -6.73504  -13.58200 1.000 79.20000  ? 156 LEU AA1 N   1 
ATOM   735 C  CA  . LEU A 1 151 ? 3.64328   -6.27028  -13.19236 1.000 72.19000  ? 156 LEU AA1 CA  1 
ATOM   736 C  C   . LEU A 1 151 ? 3.29524   -5.05197  -14.03167 1.000 60.18000  ? 156 LEU AA1 C   1 
ATOM   737 O  O   . LEU A 1 151 ? 4.01038   -4.04762  -13.99639 1.000 70.27000  ? 156 LEU AA1 O   1 
ATOM   738 C  CB  . LEU A 1 151 ? 3.61043   -5.94486  -11.68949 1.000 61.53000  ? 156 LEU AA1 CB  1 
ATOM   739 N  N   . ASN A 1 152 ? 2.20385   -5.13533  -14.78097 1.000 66.45000  ? 157 ASN AA1 N   1 
ATOM   740 C  CA  . ASN A 1 152 ? 1.88576   -4.05357  -15.70522 1.000 70.11000  ? 157 ASN AA1 CA  1 
ATOM   741 C  C   . ASN A 1 152 ? 0.38175   -4.06888  -16.00261 1.000 74.82000  ? 157 ASN AA1 C   1 
ATOM   742 O  O   . ASN A 1 152 ? -0.06705  -4.18518  -17.14479 1.000 66.17000  ? 157 ASN AA1 O   1 
ATOM   743 C  CB  . ASN A 1 152 ? 2.72958   -4.15782  -16.97984 1.000 69.56000  ? 157 ASN AA1 CB  1 
ATOM   744 C  CG  . ASN A 1 152 ? 2.93755   -5.59127  -17.43180 1.000 80.99000  ? 157 ASN AA1 CG  1 
ATOM   745 N  N   . GLN A 1 153 ? -0.41875  -3.89268  -14.94707 1.000 72.82000  ? 158 GLN AA1 N   1 
ATOM   746 C  CA  . GLN A 1 153 ? -1.86904  -4.04519  -14.99419 1.000 71.19000  ? 158 GLN AA1 CA  1 
ATOM   747 C  C   . GLN A 1 153 ? -2.57833  -2.85491  -14.35486 1.000 68.62000  ? 158 GLN AA1 C   1 
ATOM   748 O  O   . GLN A 1 153 ? -3.53162  -3.02071  -13.58625 1.000 65.31000  ? 158 GLN AA1 O   1 
ATOM   749 C  CB  . GLN A 1 153 ? -2.29213  -5.33087  -14.29004 1.000 78.93000  ? 158 GLN AA1 CB  1 
ATOM   750 N  N   . GLU A 1 154 ? -2.11861  -1.63494  -14.67426 1.000 63.39000  ? 159 GLU AA1 N   1 
ATOM   751 C  CA  . GLU A 1 154 ? -2.77601  -0.37371  -14.31747 1.000 60.42000  ? 159 GLU AA1 CA  1 
ATOM   752 C  C   . GLU A 1 154 ? -2.32628  0.12155   -12.95141 1.000 57.86000  ? 159 GLU AA1 C   1 
ATOM   753 O  O   . GLU A 1 154 ? -2.86507  -0.29475  -11.92452 1.000 54.29000  ? 159 GLU AA1 O   1 
ATOM   754 C  CB  . GLU A 1 154 ? -4.31933  -0.48245  -14.34337 1.000 43.75000  ? 159 GLU AA1 CB  1 
ATOM   755 N  N   . ILE A 1 155 ? -1.35794  1.02279   -12.91428 1.000 55.03000  ? 160 ILE AA1 N   1 
ATOM   756 C  CA  . ILE A 1 155 ? -0.99880  1.66113   -11.65331 1.000 54.48000  ? 160 ILE AA1 CA  1 
ATOM   757 C  C   . ILE A 1 155 ? -2.22638  2.39892   -11.14073 1.000 45.01000  ? 160 ILE AA1 C   1 
ATOM   758 O  O   . ILE A 1 155 ? -2.59871  3.44866   -11.67432 1.000 44.66000  ? 160 ILE AA1 O   1 
ATOM   759 C  CB  . ILE A 1 155 ? 0.19118   2.62468   -11.82876 1.000 41.10000  ? 160 ILE AA1 CB  1 
ATOM   760 N  N   . LEU A 1 156 ? -2.89012  1.83032   -10.14634 1.000 46.90000  ? 161 LEU AA1 N   1 
ATOM   761 C  CA  . LEU A 1 156 ? -4.07641  2.44666   -9.57812  1.000 43.67000  ? 161 LEU AA1 CA  1 
ATOM   762 C  C   . LEU A 1 156 ? -3.65281  3.32815   -8.40991  1.000 40.30000  ? 161 LEU AA1 C   1 
ATOM   763 O  O   . LEU A 1 156 ? -3.01462  2.84819   -7.46900  1.000 43.74000  ? 161 LEU AA1 O   1 
ATOM   764 C  CB  . LEU A 1 156 ? -5.07491  1.37895   -9.13848  1.000 40.43000  ? 161 LEU AA1 CB  1 
ATOM   765 C  CG  . LEU A 1 156 ? -6.27604  1.86938   -8.34028  1.000 45.64000  ? 161 LEU AA1 CG  1 
ATOM   766 C  CD1 . LEU A 1 156 ? -7.22736  2.62561   -9.25764  1.000 51.29000  ? 161 LEU AA1 CD1 1 
ATOM   767 C  CD2 . LEU A 1 156 ? -6.97870  0.68093   -7.69067  1.000 35.03000  ? 161 LEU AA1 CD2 1 
ATOM   768 N  N   . GLU A 1 157 ? -3.97764  4.61645   -8.49658  1.000 46.61000  ? 162 GLU AA1 N   1 
ATOM   769 C  CA  . GLU A 1 157 ? -3.64874  5.61658   -7.47786  1.000 45.84000  ? 162 GLU AA1 CA  1 
ATOM   770 C  C   . GLU A 1 157 ? -4.84619  5.83576   -6.56104  1.000 40.39000  ? 162 GLU AA1 C   1 
ATOM   771 O  O   . GLU A 1 157 ? -5.87863  6.31533   -7.01362  1.000 48.64000  ? 162 GLU AA1 O   1 
ATOM   772 C  CB  . GLU A 1 157 ? -3.25701  6.92968   -8.14139  1.000 39.17000  ? 162 GLU AA1 CB  1 
ATOM   773 C  CG  . GLU A 1 157 ? -1.90706  6.90438   -8.81153  1.000 42.20000  ? 162 GLU AA1 CG  1 
ATOM   774 C  CD  . GLU A 1 157 ? -1.58915  8.24355   -9.49152  1.000 57.86000  ? 162 GLU AA1 CD  1 
ATOM   775 O  OE1 . GLU A 1 157 ? -1.12562  9.18778   -8.78485  1.000 51.48000  ? 162 GLU AA1 OE1 1 
ATOM   776 O  OE2 . GLU A 1 157 ? -1.87432  8.37370   -10.71494 1.000 51.74000  ? 162 GLU AA1 OE2 1 
ATOM   777 N  N   . LEU A 1 158 ? -4.68071  5.55328   -5.26802  1.000 38.46000  ? 163 LEU AA1 N   1 
ATOM   778 C  CA  . LEU A 1 158 ? -5.77285  5.29117   -4.33243  1.000 49.34000  ? 163 LEU AA1 CA  1 
ATOM   779 C  C   . LEU A 1 158 ? -6.41047  6.57080   -3.75945  1.000 47.19000  ? 163 LEU AA1 C   1 
ATOM   780 O  O   . LEU A 1 158 ? -5.78802  7.62953   -3.67294  1.000 47.82000  ? 163 LEU AA1 O   1 
ATOM   781 C  CB  . LEU A 1 158 ? -5.22591  4.40082   -3.21941  1.000 51.67000  ? 163 LEU AA1 CB  1 
ATOM   782 C  CG  . LEU A 1 158 ? -5.18636  2.98330   -3.79038  1.000 54.23000  ? 163 LEU AA1 CG  1 
ATOM   783 C  CD1 . LEU A 1 158 ? -4.12451  2.14343   -3.13770  1.000 45.91000  ? 163 LEU AA1 CD1 1 
ATOM   784 C  CD2 . LEU A 1 158 ? -6.57243  2.35909   -3.55971  1.000 44.26000  ? 163 LEU AA1 CD2 1 
ATOM   785 N  N   . ALA A 1 159 ? -7.67963  6.45684   -3.35323  1.000 44.25000  ? 164 ALA AA1 N   1 
ATOM   786 C  CA  . ALA A 1 159 ? -8.43094  7.58385   -2.79836  1.000 40.15000  ? 164 ALA AA1 CA  1 
ATOM   787 C  C   . ALA A 1 159 ? -8.36507  7.56875   -1.27782  1.000 40.68000  ? 164 ALA AA1 C   1 
ATOM   788 O  O   . ALA A 1 159 ? -8.66421  6.54916   -0.64585  1.000 50.15000  ? 164 ALA AA1 O   1 
ATOM   789 C  CB  . ALA A 1 159 ? -9.88066  7.53991   -3.26314  1.000 41.98000  ? 164 ALA AA1 CB  1 
ATOM   790 N  N   . GLN A 1 160 ? -7.97539  8.69351   -0.67954  1.000 45.85000  ? 165 GLN AA1 N   1 
ATOM   791 C  CA  . GLN A 1 160 ? -7.60656  8.71306   0.73650   1.000 46.99000  ? 165 GLN AA1 CA  1 
ATOM   792 C  C   . GLN A 1 160 ? -8.74904  9.25201   1.58461   1.000 43.47000  ? 165 GLN AA1 C   1 
ATOM   793 O  O   . GLN A 1 160 ? -8.99654  10.45994  1.59960   1.000 50.09000  ? 165 GLN AA1 O   1 
ATOM   794 C  CB  . GLN A 1 160 ? -6.33775  9.52326   0.96772   1.000 45.79000  ? 165 GLN AA1 CB  1 
ATOM   795 C  CG  . GLN A 1 160 ? -5.21405  9.16743   0.05025   1.000 38.68000  ? 165 GLN AA1 CG  1 
ATOM   796 C  CD  . GLN A 1 160 ? -4.62619  7.83062   0.41773   1.000 37.28000  ? 165 GLN AA1 CD  1 
ATOM   797 O  OE1 . GLN A 1 160 ? -4.40403  7.54342   1.59617   1.000 52.14000  ? 165 GLN AA1 OE1 1 
ATOM   798 N  NE2 . GLN A 1 160 ? -4.41242  6.97779   -0.58150  1.000 43.65000  ? 165 GLN AA1 NE2 1 
ATOM   799 N  N   . SER A 1 161 ? -9.42537  8.35082   2.29793   1.000 50.84000  ? 166 SER AA1 N   1 
ATOM   800 C  CA  . SER A 1 161 ? -10.44327 8.63105   3.30330   1.000 48.93000  ? 166 SER AA1 CA  1 
ATOM   801 C  C   . SER A 1 161 ? -9.89145  8.49973   4.72450   1.000 49.82000  ? 166 SER AA1 C   1 
ATOM   802 O  O   . SER A 1 161 ? -9.05521  7.63816   5.01780   1.000 46.07000  ? 166 SER AA1 O   1 
ATOM   803 C  CB  . SER A 1 161 ? -11.61957 7.66594   3.15337   1.000 51.14000  ? 166 SER AA1 CB  1 
ATOM   804 O  OG  . SER A 1 161 ? -12.61257 7.90536   4.15076   1.000 64.18000  ? 166 SER AA1 OG  1 
ATOM   805 N  N   . GLU A 1 162 ? -10.42035 9.32371   5.62303   1.000 52.49000  ? 167 GLU AA1 N   1 
ATOM   806 C  CA  . GLU A 1 162 ? -10.03374 9.23073   7.02017   1.000 61.56000  ? 167 GLU AA1 CA  1 
ATOM   807 C  C   . GLU A 1 162 ? -10.87060 8.22370   7.80797   1.000 56.14000  ? 167 GLU AA1 C   1 
ATOM   808 O  O   . GLU A 1 162 ? -10.47302 7.83791   8.91325   1.000 62.87000  ? 167 GLU AA1 O   1 
ATOM   809 C  CB  . GLU A 1 162 ? -10.09766 10.63222  7.63364   1.000 68.67000  ? 167 GLU AA1 CB  1 
ATOM   810 C  CG  . GLU A 1 162 ? -9.24475  11.61858  6.85129   1.000 68.94000  ? 167 GLU AA1 CG  1 
ATOM   811 C  CD  . GLU A 1 162 ? -7.77590  11.12480  6.66659   1.000 92.82000  ? 167 GLU AA1 CD  1 
ATOM   812 O  OE1 . GLU A 1 162 ? -7.10896  10.98197  7.74441   1.000 87.82000  ? 167 GLU AA1 OE1 1 
ATOM   813 O  OE2 . GLU A 1 162 ? -7.31873  10.86530  5.48595   1.000 65.46000  ? 167 GLU AA1 OE2 1 
ATOM   814 N  N   . THR A 1 163 ? -11.98550 7.75995   7.24958   1.000 56.41000  ? 168 THR AA1 N   1 
ATOM   815 C  CA  . THR A 1 163 ? -12.80286 6.71033   7.84396   1.000 56.20000  ? 168 THR AA1 CA  1 
ATOM   816 C  C   . THR A 1 163 ? -13.36826 5.86923   6.71195   1.000 48.60000  ? 168 THR AA1 C   1 
ATOM   817 O  O   . THR A 1 163 ? -13.48432 6.34660   5.58977   1.000 54.67000  ? 168 THR AA1 O   1 
ATOM   818 C  CB  . THR A 1 163 ? -13.97342 7.28440   8.67300   1.000 62.93000  ? 168 THR AA1 CB  1 
ATOM   819 O  OG1 . THR A 1 163 ? -14.50369 8.45619   8.02535   1.000 72.15000  ? 168 THR AA1 OG1 1 
ATOM   820 C  CG2 . THR A 1 163 ? -13.54303 7.63502   10.08529  1.000 49.42000  ? 168 THR AA1 CG2 1 
ATOM   821 N  N   . CYS A 1 164 ? -13.75230 4.62659   7.01216   1.000 55.27000  ? 169 CYS AA1 N   1 
ATOM   822 C  CA  . CYS A 1 164 ? -14.60460 3.83584   6.11795   1.000 48.83000  ? 169 CYS AA1 CA  1 
ATOM   823 C  C   . CYS A 1 164 ? -15.96248 3.61212   6.76497   1.000 45.90000  ? 169 CYS AA1 C   1 
ATOM   824 O  O   . CYS A 1 164 ? -16.04012 3.02405   7.84631   1.000 57.37000  ? 169 CYS AA1 O   1 
ATOM   825 C  CB  . CYS A 1 164 ? -13.99658 2.47618   5.77878   1.000 45.61000  ? 169 CYS AA1 CB  1 
ATOM   826 S  SG  . CYS A 1 164 ? -15.04246 1.53406   4.60693   1.000 67.35000  ? 169 CYS AA1 SG  1 
ATOM   827 N  N   . SER A 1 165 ? -17.02918 4.05624   6.09748   1.000 59.25000  ? 170 SER AA1 N   1 
ATOM   828 C  CA  . SER A 1 165 ? -18.40100 3.75234   6.51866   1.000 56.86000  ? 170 SER AA1 CA  1 
ATOM   829 C  C   . SER A 1 165 ? -19.10182 2.87282   5.48837   1.000 55.02000  ? 170 SER AA1 C   1 
ATOM   830 O  O   . SER A 1 165 ? -19.17729 3.24021   4.30369   1.000 48.42000  ? 170 SER AA1 O   1 
ATOM   831 C  CB  . SER A 1 165 ? -19.21634 5.02696   6.72034   1.000 52.44000  ? 170 SER AA1 CB  1 
ATOM   832 O  OG  . SER A 1 165 ? -20.60050 4.70692   6.61973   1.000 61.35000  ? 170 SER AA1 OG  1 
ATOM   833 N  N   . PRO A 1 166 ? -19.64707 1.73422   5.89230   1.000 39.58000  ? 171 PRO AA1 N   1 
ATOM   834 C  CA  . PRO A 1 166 ? -20.21529 0.81877   4.90791   1.000 50.86000  ? 171 PRO AA1 CA  1 
ATOM   835 C  C   . PRO A 1 166 ? -21.49398 1.39194   4.32589   1.000 59.19000  ? 171 PRO AA1 C   1 
ATOM   836 O  O   . PRO A 1 166 ? -22.16336 2.22958   4.94498   1.000 56.16000  ? 171 PRO AA1 O   1 
ATOM   837 C  CB  . PRO A 1 166 ? -20.49331 -0.45058  5.71861   1.000 50.72000  ? 171 PRO AA1 CB  1 
ATOM   838 C  CG  . PRO A 1 166 ? -19.65711 -0.33146  6.93177   1.000 43.27000  ? 171 PRO AA1 CG  1 
ATOM   839 C  CD  . PRO A 1 166 ? -19.61139 1.13691   7.22849   1.000 50.04000  ? 171 PRO AA1 CD  1 
ATOM   840 N  N   . GLY A 1 167 ? -21.80806 0.94301   3.10210   1.000 48.76000  ? 172 GLY AA1 N   1 
ATOM   841 C  CA  . GLY A 1 167 ? -22.99733 1.37435   2.40798   1.000 36.97000  ? 172 GLY AA1 CA  1 
ATOM   842 C  C   . GLY A 1 167 ? -24.19516 1.10008   3.27191   1.000 51.79000  ? 172 GLY AA1 C   1 
ATOM   843 O  O   . GLY A 1 167 ? -24.46549 -0.06064  3.59223   1.000 53.68000  ? 172 GLY AA1 O   1 
ATOM   844 N  N   . GLY A 1 168 ? -24.89404 2.15179   3.69837   1.000 47.34000  ? 173 GLY AA1 N   1 
ATOM   845 C  CA  . GLY A 1 168 ? -26.06722 1.98248   4.54187   1.000 49.38000  ? 173 GLY AA1 CA  1 
ATOM   846 C  C   . GLY A 1 168 ? -25.84858 1.34444   5.90521   1.000 55.60000  ? 173 GLY AA1 C   1 
ATOM   847 O  O   . GLY A 1 168 ? -26.83086 1.05492   6.59621   1.000 49.84000  ? 173 GLY AA1 O   1 
ATOM   848 N  N   . GLN A 1 169 ? -24.60863 1.09139   6.31897   1.000 57.10000  ? 174 GLN AA1 N   1 
ATOM   849 C  CA  . GLN A 1 169 ? -24.40965 0.49655   7.63659   1.000 60.63000  ? 174 GLN AA1 CA  1 
ATOM   850 C  C   . GLN A 1 169 ? -24.22772 1.60704   8.63980   1.000 58.18000  ? 174 GLN AA1 C   1 
ATOM   851 O  O   . GLN A 1 169 ? -23.22658 1.63751   9.32597   1.000 63.98000  ? 174 GLN AA1 O   1 
ATOM   852 C  CB  . GLN A 1 169 ? -23.20762 -0.45987  7.68554   1.000 46.46000  ? 174 GLN AA1 CB  1 
HETATM 853 CA CA  . CA  B 2 .   ? -15.25154 -0.81790  -7.02503  1.000 82.14000  ? 201 CA  AA1 CA  1 
# 
